data_8RM0
#
_entry.id   8RM0
#
_cell.length_a   1.00
_cell.length_b   1.00
_cell.length_c   1.00
_cell.angle_alpha   90.00
_cell.angle_beta   90.00
_cell.angle_gamma   90.00
#
_symmetry.space_group_name_H-M   'P 1'
#
loop_
_entity.id
_entity.type
_entity.pdbx_description
1 polymer 'Envelope glycoprotein gp130'
2 branched 2-acetamido-2-deoxy-beta-D-glucopyranose-(1-4)-2-acetamido-2-deoxy-beta-D-glucopyranose
3 branched alpha-D-mannopyranose-(1-3)-[alpha-D-mannopyranose-(1-6)]beta-D-mannopyranose-(1-4)-2-acetamido-2-deoxy-beta-D-glucopyranose-(1-4)-2-acetamido-2-deoxy-beta-D-glucopyranose
4 non-polymer 2-acetamido-2-deoxy-beta-D-glucopyranose
#
_entity_poly.entity_id   1
_entity_poly.type   'polypeptide(L)'
_entity_poly.pdbx_seq_one_letter_code
;SRIQWNKDIQVLGPVIDWNVTQRAVYQPLQLRRIAAALRAQHPVPKYVEVNMTSIPQGVFYQPHPEPIIHTERVLGLSQV
LMINSENVANSANLSQETKALLTEMVNEEMQGLSDVMIDFEIPLGDPRDQEQYIHRKCYQEFAHCYLVKYKTPQPWPNEG
LIADQCPLPGLADVSFYPYQAIWDYYAKIENIRPANWTSSKLYGKARMGSYYIPKRLRNINNTHILFCSDVLYSKWYNLQ
NSILQNENELTKRLSNLTIGNKLKNRALPYEWAKGGLNRLFRNISVLDVCSRPEMVLLLNKTYYTFSLWEGDCNITRYNV
NETVPECKDFPHRRFNDHPYSCRLWRYREGKEEVKCLTSDHTRCLYYPEYSNPEALFDFGFLSYMRNFPGPQCIESTSIR
QQDYEVYSIYQECKLASKTYGIDSVLFSLKNFLNYTGKPVNEMPNARAFVGLIDPKFPPTYPNITRDQYQGCNINQGGGG
SGGGGSEVNNNYSKLRSMGYALTGAVQTLAQISDINDQNLQQGIYLLRDHIVTLMEATLHDISIMPGMFAVQHVHTHLNH
LRTMLMERRIDWTYMSSSWLQTQLQKSDDEMKVIKRTARSLVYYVKQTYNSLTATAWEIGLYYELIIPRHIYLNNWQIVN
IGHLIKSAGQLTHVTLSHPYEIINRECSNTLYLHLEECRRLDYVICDVVKIVQPCGNSSDSSDCPVWAEPVKEPHVQISP
LKNGSYLVLASSTDCQIPPYVPSVVTVNETTQCFGVTFKKPLVAEEKTSLEPQLPHLQLRLPHLVGIIAKIKGIKIEVTS
SGESIKDQLERAKAELLRLDIHESAIGGYIPEAPRDGQAYVRKDGEWVLLSTFLGDDDDKAGWSHPQFEKGGGSGGGSGG
GSWSHPQFEK
;
_entity_poly.pdbx_strand_id   A,B,C
#
loop_
_chem_comp.id
_chem_comp.type
_chem_comp.name
_chem_comp.formula
BMA D-saccharide, beta linking beta-D-mannopyranose 'C6 H12 O6'
MAN D-saccharide, alpha linking alpha-D-mannopyranose 'C6 H12 O6'
NAG D-saccharide, beta linking 2-acetamido-2-deoxy-beta-D-glucopyranose 'C8 H15 N O6'
#
# COMPACT_ATOMS: atom_id res chain seq x y z
N GLU A 49 -18.77 1.97 -60.15
CA GLU A 49 -18.84 1.29 -58.86
C GLU A 49 -17.79 1.84 -57.91
N VAL A 50 -16.72 2.40 -58.47
CA VAL A 50 -15.62 2.96 -57.68
C VAL A 50 -15.83 4.46 -57.56
N ASN A 51 -15.58 4.99 -56.37
CA ASN A 51 -15.68 6.41 -56.11
C ASN A 51 -14.29 7.03 -56.01
N MET A 52 -14.06 8.07 -56.81
CA MET A 52 -12.80 8.79 -56.82
C MET A 52 -13.04 10.26 -56.48
N THR A 53 -12.30 10.75 -55.49
CA THR A 53 -12.36 12.15 -55.10
C THR A 53 -10.97 12.75 -55.23
N SER A 54 -10.92 14.04 -55.55
CA SER A 54 -9.66 14.76 -55.70
C SER A 54 -9.42 15.55 -54.43
N ILE A 55 -8.31 15.27 -53.76
CA ILE A 55 -7.94 16.05 -52.58
C ILE A 55 -7.58 17.45 -53.08
N PRO A 56 -8.25 18.48 -52.58
CA PRO A 56 -8.01 19.82 -53.12
C PRO A 56 -6.61 20.29 -52.80
N GLN A 57 -6.04 21.06 -53.73
CA GLN A 57 -4.94 21.98 -53.44
C GLN A 57 -3.67 21.24 -53.03
N GLY A 58 -3.67 19.91 -53.12
CA GLY A 58 -2.48 19.11 -52.94
C GLY A 58 -2.10 18.80 -51.52
N VAL A 59 -3.03 18.90 -50.56
CA VAL A 59 -2.77 18.71 -49.15
C VAL A 59 -3.79 17.75 -48.57
N PHE A 60 -3.31 16.79 -47.76
CA PHE A 60 -4.20 15.88 -47.04
C PHE A 60 -3.95 16.06 -45.55
N TYR A 61 -4.80 15.43 -44.73
CA TYR A 61 -4.81 15.72 -43.31
C TYR A 61 -5.24 14.47 -42.52
N GLN A 62 -4.61 14.30 -41.37
CA GLN A 62 -4.85 13.18 -40.48
C GLN A 62 -5.06 13.67 -39.05
N PRO A 63 -5.81 12.92 -38.23
CA PRO A 63 -6.08 13.39 -36.87
C PRO A 63 -4.83 13.37 -36.00
N HIS A 64 -4.78 14.31 -35.05
CA HIS A 64 -3.67 14.44 -34.10
C HIS A 64 -4.27 14.60 -32.71
N PRO A 65 -4.39 13.52 -31.94
CA PRO A 65 -5.16 13.61 -30.68
C PRO A 65 -4.55 14.52 -29.63
N GLU A 66 -3.27 14.85 -29.73
CA GLU A 66 -2.59 15.62 -28.69
C GLU A 66 -3.05 17.07 -28.68
N PRO A 67 -3.56 17.59 -27.56
CA PRO A 67 -3.92 19.01 -27.50
C PRO A 67 -2.68 19.90 -27.46
N ILE A 68 -2.89 21.19 -27.73
CA ILE A 68 -1.83 22.18 -27.77
C ILE A 68 -2.10 23.25 -26.74
N ILE A 69 -1.05 23.71 -26.07
CA ILE A 69 -1.13 24.79 -25.10
C ILE A 69 -0.10 25.85 -25.46
N HIS A 70 -0.49 27.12 -25.35
CA HIS A 70 0.38 28.25 -25.62
C HIS A 70 0.93 28.76 -24.30
N THR A 71 2.26 28.88 -24.23
CA THR A 71 2.92 29.18 -22.97
C THR A 71 2.70 30.64 -22.56
N GLU A 72 2.51 30.84 -21.26
CA GLU A 72 2.42 32.15 -20.65
C GLU A 72 3.44 32.24 -19.52
N ARG A 73 3.33 33.25 -18.67
CA ARG A 73 4.25 33.41 -17.55
C ARG A 73 4.32 32.13 -16.72
N VAL A 74 5.53 31.67 -16.46
CA VAL A 74 5.77 30.37 -15.83
C VAL A 74 6.18 30.63 -14.39
N LEU A 75 5.33 30.21 -13.45
CA LEU A 75 5.56 30.43 -12.03
C LEU A 75 6.25 29.22 -11.39
N GLY A 76 6.98 29.50 -10.31
CA GLY A 76 7.58 28.45 -9.52
C GLY A 76 7.55 28.77 -8.04
N LEU A 77 7.30 27.77 -7.20
CA LEU A 77 7.22 27.96 -5.77
C LEU A 77 8.01 26.87 -5.06
N SER A 78 8.47 27.19 -3.85
CA SER A 78 9.30 26.28 -3.06
C SER A 78 8.56 25.88 -1.79
N GLN A 79 8.56 24.58 -1.52
CA GLN A 79 7.90 24.03 -0.34
C GLN A 79 8.88 23.19 0.47
N VAL A 80 8.95 23.46 1.77
CA VAL A 80 9.76 22.67 2.69
C VAL A 80 8.81 21.85 3.56
N LEU A 81 8.99 20.53 3.53
CA LEU A 81 8.12 19.59 4.23
C LEU A 81 8.91 18.95 5.36
N MET A 82 8.38 19.04 6.58
CA MET A 82 9.05 18.50 7.76
C MET A 82 8.21 17.37 8.34
N ILE A 83 8.86 16.24 8.61
CA ILE A 83 8.20 15.04 9.13
C ILE A 83 8.80 14.69 10.48
N ASN A 84 7.95 14.56 11.49
CA ASN A 84 8.36 14.22 12.85
C ASN A 84 7.60 12.97 13.28
N SER A 85 8.35 11.97 13.75
CA SER A 85 7.72 10.72 14.20
C SER A 85 7.08 10.88 15.57
N GLU A 86 7.63 11.76 16.41
CA GLU A 86 7.12 11.91 17.78
C GLU A 86 5.69 12.44 17.77
N ASN A 87 5.39 13.39 16.88
CA ASN A 87 4.05 13.96 16.84
C ASN A 87 3.00 12.93 16.48
N VAL A 88 3.28 12.07 15.50
CA VAL A 88 2.30 11.05 15.13
C VAL A 88 2.29 9.93 16.17
N ALA A 89 3.38 9.76 16.91
CA ALA A 89 3.40 8.76 17.97
C ALA A 89 2.46 9.12 19.11
N ASN A 90 2.40 10.41 19.46
CA ASN A 90 1.57 10.83 20.59
C ASN A 90 0.09 10.59 20.31
N SER A 91 -0.37 10.91 19.11
CA SER A 91 -1.79 10.78 18.80
C SER A 91 -2.23 9.32 18.76
N ALA A 92 -1.33 8.43 18.32
CA ALA A 92 -1.69 7.03 18.14
C ALA A 92 -1.70 6.24 19.44
N ASN A 93 -1.29 6.85 20.56
CA ASN A 93 -1.16 6.13 21.83
C ASN A 93 -0.28 4.90 21.67
N LEU A 94 0.87 5.10 21.02
CA LEU A 94 1.64 4.00 20.44
C LEU A 94 2.66 3.49 21.44
N SER A 95 2.80 2.17 21.52
CA SER A 95 3.67 1.54 22.52
C SER A 95 5.14 1.75 22.18
N GLN A 96 5.99 1.48 23.17
CA GLN A 96 7.42 1.77 23.04
C GLN A 96 8.06 0.94 21.93
N GLU A 97 7.86 -0.38 21.96
CA GLU A 97 8.44 -1.25 20.94
C GLU A 97 7.89 -0.92 19.56
N THR A 98 6.60 -0.59 19.49
CA THR A 98 6.01 -0.19 18.23
C THR A 98 6.62 1.10 17.68
N LYS A 99 6.94 2.05 18.57
CA LYS A 99 7.66 3.23 18.11
C LYS A 99 9.07 2.89 17.66
N ALA A 100 9.72 1.94 18.33
CA ALA A 100 11.05 1.50 17.91
C ALA A 100 10.99 0.88 16.52
N LEU A 101 9.88 0.22 16.20
CA LEU A 101 9.70 -0.30 14.85
C LEU A 101 9.41 0.82 13.87
N LEU A 102 8.57 1.78 14.26
CA LEU A 102 8.15 2.85 13.36
C LEU A 102 9.33 3.73 12.95
N THR A 103 10.22 4.04 13.89
CA THR A 103 11.35 4.89 13.54
C THR A 103 12.24 4.23 12.49
N GLU A 104 12.52 2.94 12.65
CA GLU A 104 13.32 2.23 11.65
C GLU A 104 12.59 2.16 10.32
N MET A 105 11.27 1.94 10.35
CA MET A 105 10.49 1.90 9.12
C MET A 105 10.58 3.23 8.38
N VAL A 106 10.54 4.34 9.11
CA VAL A 106 10.65 5.65 8.48
C VAL A 106 12.05 5.89 7.94
N ASN A 107 13.07 5.52 8.72
CA ASN A 107 14.44 5.76 8.29
C ASN A 107 14.79 4.98 7.03
N GLU A 108 14.28 3.76 6.89
CA GLU A 108 14.55 2.99 5.67
C GLU A 108 14.08 3.73 4.44
N GLU A 109 12.82 4.19 4.44
CA GLU A 109 12.28 4.91 3.29
C GLU A 109 12.99 6.23 3.07
N MET A 110 13.31 6.95 4.16
CA MET A 110 13.99 8.23 4.00
C MET A 110 15.37 8.05 3.38
N GLN A 111 16.12 7.04 3.82
CA GLN A 111 17.43 6.77 3.24
C GLN A 111 17.29 6.34 1.77
N GLY A 112 16.28 5.53 1.47
CA GLY A 112 16.06 5.14 0.09
C GLY A 112 15.76 6.33 -0.81
N LEU A 113 14.98 7.28 -0.31
CA LEU A 113 14.67 8.47 -1.11
C LEU A 113 15.89 9.37 -1.26
N SER A 114 16.64 9.58 -0.17
CA SER A 114 17.75 10.53 -0.21
C SER A 114 18.95 9.96 -0.96
N ASP A 115 19.02 8.64 -1.08
CA ASP A 115 20.19 8.01 -1.68
C ASP A 115 20.18 8.15 -3.20
N VAL A 116 18.99 8.22 -3.80
CA VAL A 116 18.85 8.17 -5.25
C VAL A 116 18.64 9.55 -5.86
N MET A 117 18.95 10.62 -5.14
CA MET A 117 18.78 11.97 -5.65
C MET A 117 19.95 12.83 -5.22
N ILE A 118 20.42 13.69 -6.12
CA ILE A 118 21.51 14.61 -5.83
C ILE A 118 20.95 16.00 -5.60
N ASP A 119 21.74 16.86 -4.95
CA ASP A 119 21.25 18.17 -4.57
C ASP A 119 21.45 19.18 -5.69
N PHE A 120 20.60 20.20 -5.69
CA PHE A 120 20.70 21.33 -6.61
C PHE A 120 20.72 22.64 -5.84
N GLU A 121 20.60 23.77 -6.53
CA GLU A 121 20.67 25.07 -5.88
C GLU A 121 19.52 25.96 -6.39
N ILE A 122 18.57 26.23 -5.50
CA ILE A 122 17.50 27.18 -5.81
C ILE A 122 17.93 28.58 -5.40
N PRO A 123 17.93 29.55 -6.32
CA PRO A 123 18.50 30.88 -6.01
C PRO A 123 17.64 31.74 -5.09
N LEU A 124 16.59 31.19 -4.47
CA LEU A 124 15.71 32.02 -3.65
C LEU A 124 16.46 32.60 -2.44
N GLY A 125 17.13 31.73 -1.68
CA GLY A 125 17.85 32.19 -0.52
C GLY A 125 17.81 31.16 0.60
N ASP A 126 18.03 31.65 1.82
CA ASP A 126 18.06 30.81 3.00
C ASP A 126 16.68 30.70 3.61
N PRO A 127 16.12 29.51 3.77
CA PRO A 127 14.80 29.39 4.38
C PRO A 127 14.81 29.54 5.89
N ARG A 128 15.99 29.72 6.50
CA ARG A 128 16.06 29.84 7.95
C ARG A 128 15.43 31.14 8.44
N ASP A 129 15.58 32.22 7.67
CA ASP A 129 15.23 33.54 8.17
C ASP A 129 13.73 33.80 8.07
N GLN A 130 12.98 32.90 7.45
CA GLN A 130 11.55 33.10 7.30
C GLN A 130 10.87 33.06 8.67
N GLU A 131 9.93 34.00 8.87
CA GLU A 131 9.22 34.08 10.14
C GLU A 131 8.31 32.86 10.35
N GLN A 132 7.61 32.44 9.30
CA GLN A 132 6.70 31.30 9.42
C GLN A 132 7.45 30.03 9.76
N TYR A 133 8.61 29.84 9.12
CA TYR A 133 9.42 28.65 9.41
C TYR A 133 9.89 28.64 10.86
N ILE A 134 10.20 29.81 11.42
CA ILE A 134 10.62 29.90 12.81
C ILE A 134 9.52 29.40 13.73
N HIS A 135 8.29 29.90 13.53
CA HIS A 135 7.16 29.49 14.36
C HIS A 135 6.90 28.00 14.22
N ARG A 136 6.91 27.50 12.98
CA ARG A 136 6.63 26.09 12.76
C ARG A 136 7.70 25.21 13.40
N LYS A 137 8.97 25.62 13.34
CA LYS A 137 10.04 24.81 13.89
C LYS A 137 10.01 24.82 15.41
N CYS A 138 9.69 25.97 16.02
CA CYS A 138 9.51 25.97 17.47
C CYS A 138 8.33 25.08 17.88
N TYR A 139 7.23 25.13 17.12
CA TYR A 139 6.04 24.40 17.54
C TYR A 139 6.19 22.90 17.34
N GLN A 140 6.95 22.47 16.32
CA GLN A 140 7.06 21.05 16.03
C GLN A 140 7.62 20.28 17.22
N GLU A 141 8.61 20.85 17.91
CA GLU A 141 9.32 20.12 18.95
C GLU A 141 9.09 20.67 20.35
N PHE A 142 8.93 21.99 20.52
CA PHE A 142 9.00 22.61 21.83
C PHE A 142 7.67 23.19 22.28
N ALA A 143 6.54 22.70 21.76
CA ALA A 143 5.27 23.36 22.02
C ALA A 143 4.77 23.08 23.43
N HIS A 144 4.88 21.85 23.91
CA HIS A 144 4.20 21.41 25.12
C HIS A 144 5.12 21.32 26.33
N CYS A 145 6.32 21.87 26.28
CA CYS A 145 7.24 21.78 27.41
C CYS A 145 7.11 23.02 28.30
N TYR A 146 7.15 22.78 29.61
CA TYR A 146 7.02 23.84 30.61
C TYR A 146 7.98 23.57 31.75
N LEU A 147 8.16 24.59 32.59
CA LEU A 147 9.01 24.50 33.77
C LEU A 147 8.24 25.03 34.98
N VAL A 148 8.36 24.34 36.11
CA VAL A 148 7.67 24.70 37.34
C VAL A 148 8.70 24.82 38.46
N LYS A 149 8.66 25.93 39.18
CA LYS A 149 9.60 26.22 40.24
C LYS A 149 8.89 26.34 41.58
N TYR A 150 9.44 25.72 42.61
CA TYR A 150 8.89 25.87 43.96
C TYR A 150 9.35 27.18 44.58
N LYS A 151 8.61 27.62 45.61
CA LYS A 151 9.10 28.70 46.44
C LYS A 151 10.20 28.23 47.37
N THR A 152 10.08 27.01 47.89
CA THR A 152 11.10 26.38 48.70
C THR A 152 10.96 24.88 48.56
N PRO A 153 12.06 24.12 48.67
CA PRO A 153 11.97 22.67 48.57
C PRO A 153 11.00 22.08 49.59
N GLN A 154 10.22 21.09 49.13
CA GLN A 154 9.26 20.41 49.97
C GLN A 154 8.90 19.05 49.35
N PRO A 155 9.65 18.00 49.63
CA PRO A 155 9.40 16.71 48.98
C PRO A 155 8.33 15.90 49.70
N TRP A 156 8.15 14.68 49.20
CA TRP A 156 7.12 13.80 49.74
C TRP A 156 7.58 13.23 51.09
N PRO A 157 6.82 13.45 52.16
CA PRO A 157 7.27 13.00 53.49
C PRO A 157 7.04 11.52 53.73
N ASN A 158 5.93 10.98 53.21
CA ASN A 158 5.55 9.62 53.52
C ASN A 158 6.38 8.62 52.73
N GLU A 159 6.37 7.38 53.19
CA GLU A 159 7.07 6.29 52.52
C GLU A 159 6.16 5.38 51.72
N GLY A 160 4.86 5.33 52.05
CA GLY A 160 3.93 4.51 51.32
C GLY A 160 2.64 5.22 51.00
N LEU A 161 2.19 5.11 49.75
CA LEU A 161 0.97 5.76 49.31
C LEU A 161 -0.21 4.85 49.58
N ILE A 162 -1.17 5.33 50.37
CA ILE A 162 -2.36 4.56 50.73
C ILE A 162 -3.48 5.07 49.82
N ALA A 163 -3.64 4.43 48.67
CA ALA A 163 -4.68 4.76 47.72
C ALA A 163 -5.30 3.49 47.18
N ASP A 164 -6.62 3.38 47.27
CA ASP A 164 -7.33 2.16 46.86
C ASP A 164 -8.29 2.41 45.70
N GLN A 165 -8.18 3.57 45.03
CA GLN A 165 -9.01 3.83 43.86
C GLN A 165 -8.56 3.05 42.63
N CYS A 166 -7.37 2.47 42.66
CA CYS A 166 -6.83 1.75 41.51
C CYS A 166 -7.13 0.26 41.65
N PRO A 167 -7.84 -0.35 40.69
CA PRO A 167 -8.10 -1.79 40.78
C PRO A 167 -6.80 -2.58 40.80
N LEU A 168 -6.75 -3.58 41.68
CA LEU A 168 -5.59 -4.43 41.81
C LEU A 168 -5.61 -5.54 40.78
N PRO A 169 -4.45 -6.11 40.45
CA PRO A 169 -4.42 -7.24 39.52
C PRO A 169 -5.22 -8.41 40.05
N GLY A 170 -5.88 -9.13 39.14
CA GLY A 170 -6.72 -10.25 39.50
C GLY A 170 -5.90 -11.51 39.73
N LEU A 171 -6.63 -12.60 40.02
CA LEU A 171 -5.98 -13.88 40.26
C LEU A 171 -5.29 -14.39 39.01
N ALA A 172 -5.92 -14.21 37.85
CA ALA A 172 -5.34 -14.68 36.60
C ALA A 172 -4.06 -13.92 36.26
N ASP A 173 -3.16 -14.61 35.55
CA ASP A 173 -1.90 -14.00 35.16
C ASP A 173 -2.12 -12.82 34.23
N VAL A 174 -3.03 -12.96 33.27
CA VAL A 174 -3.35 -11.86 32.36
C VAL A 174 -4.33 -10.93 33.06
N SER A 175 -4.14 -9.63 32.86
CA SER A 175 -5.01 -8.64 33.50
C SER A 175 -6.28 -8.47 32.69
N PHE A 176 -7.42 -8.80 33.30
CA PHE A 176 -8.70 -8.61 32.63
C PHE A 176 -8.96 -7.13 32.36
N TYR A 177 -8.67 -6.28 33.34
CA TYR A 177 -8.79 -4.85 33.17
C TYR A 177 -7.62 -4.31 32.35
N PRO A 178 -7.80 -3.15 31.71
CA PRO A 178 -6.68 -2.52 31.01
C PRO A 178 -5.57 -2.14 31.97
N TYR A 179 -4.35 -2.10 31.45
CA TYR A 179 -3.17 -1.85 32.27
C TYR A 179 -3.27 -0.49 32.97
N GLN A 180 -2.90 -0.48 34.25
CA GLN A 180 -2.84 0.74 35.04
C GLN A 180 -1.38 1.01 35.40
N ALA A 181 -0.97 2.28 35.26
CA ALA A 181 0.43 2.63 35.47
C ALA A 181 0.89 2.42 36.90
N ILE A 182 0.03 2.72 37.89
CA ILE A 182 0.43 2.65 39.29
C ILE A 182 0.91 1.26 39.70
N TRP A 183 0.60 0.23 38.92
CA TRP A 183 1.09 -1.10 39.22
C TRP A 183 2.61 -1.18 39.21
N ASP A 184 3.28 -0.22 38.57
CA ASP A 184 4.74 -0.17 38.61
C ASP A 184 5.28 0.09 40.01
N TYR A 185 4.46 0.61 40.92
CA TYR A 185 4.90 0.87 42.28
C TYR A 185 4.09 0.07 43.29
N TYR A 186 3.86 -1.20 42.99
CA TYR A 186 3.02 -2.07 43.80
C TYR A 186 3.85 -3.18 44.41
N ALA A 187 3.55 -3.53 45.65
CA ALA A 187 4.23 -4.61 46.36
C ALA A 187 3.41 -5.88 46.24
N LYS A 188 4.03 -6.93 45.69
CA LYS A 188 3.34 -8.19 45.43
C LYS A 188 3.41 -9.10 46.65
N ILE A 189 2.29 -9.75 46.95
CA ILE A 189 2.23 -10.70 48.06
C ILE A 189 2.64 -12.07 47.55
N GLU A 190 3.59 -12.70 48.25
CA GLU A 190 4.10 -14.01 47.87
C GLU A 190 3.72 -15.03 48.94
N ASN A 191 3.13 -16.15 48.50
CA ASN A 191 2.75 -17.22 49.41
C ASN A 191 3.96 -18.00 49.94
N ILE A 192 5.04 -18.05 49.17
CA ILE A 192 6.27 -18.74 49.58
C ILE A 192 7.34 -17.68 49.79
N ARG A 193 7.97 -17.70 50.96
CA ARG A 193 8.94 -16.68 51.33
C ARG A 193 10.23 -17.33 51.83
N PRO A 194 11.35 -16.65 51.66
CA PRO A 194 12.61 -17.15 52.25
C PRO A 194 12.64 -16.91 53.75
N ALA A 195 13.68 -17.46 54.38
CA ALA A 195 13.82 -17.33 55.83
C ALA A 195 14.09 -15.89 56.21
N ASN A 196 13.32 -15.40 57.19
CA ASN A 196 13.48 -14.04 57.74
C ASN A 196 13.36 -12.98 56.65
N TRP A 197 12.19 -12.93 56.03
CA TRP A 197 11.86 -11.91 55.05
C TRP A 197 10.85 -10.95 55.67
N THR A 198 11.21 -9.66 55.72
CA THR A 198 10.35 -8.64 56.28
C THR A 198 10.33 -7.41 55.37
N SER A 199 9.24 -6.66 55.42
CA SER A 199 9.13 -5.46 54.62
C SER A 199 10.07 -4.37 55.09
N SER A 200 10.45 -4.38 56.37
CA SER A 200 11.37 -3.36 56.88
C SER A 200 12.75 -3.50 56.24
N LYS A 201 13.15 -4.72 55.88
CA LYS A 201 14.49 -4.92 55.32
C LYS A 201 14.62 -4.25 53.95
N LEU A 202 13.61 -4.40 53.09
CA LEU A 202 13.68 -3.88 51.73
C LEU A 202 12.60 -2.85 51.42
N TYR A 203 11.35 -3.13 51.78
CA TYR A 203 10.21 -2.32 51.35
C TYR A 203 9.87 -1.20 52.33
N GLY A 204 10.76 -0.91 53.27
CA GLY A 204 10.52 0.20 54.17
C GLY A 204 9.38 -0.06 55.14
N LYS A 205 8.78 1.03 55.62
CA LYS A 205 7.71 0.95 56.60
C LYS A 205 6.34 0.77 55.97
N ALA A 206 6.23 0.85 54.65
CA ALA A 206 4.94 0.72 53.99
C ALA A 206 4.38 -0.68 54.18
N ARG A 207 3.11 -0.77 54.59
CA ARG A 207 2.47 -2.05 54.80
C ARG A 207 2.26 -2.77 53.48
N MET A 208 2.38 -4.09 53.50
CA MET A 208 2.23 -4.88 52.29
C MET A 208 0.80 -4.76 51.75
N GLY A 209 0.68 -4.81 50.43
CA GLY A 209 -0.57 -4.56 49.76
C GLY A 209 -0.81 -3.11 49.39
N SER A 210 0.03 -2.21 49.86
CA SER A 210 -0.02 -0.80 49.51
C SER A 210 1.06 -0.50 48.47
N TYR A 211 1.25 0.77 48.16
CA TYR A 211 2.20 1.20 47.15
C TYR A 211 3.42 1.83 47.82
N TYR A 212 4.60 1.46 47.35
CA TYR A 212 5.87 1.97 47.87
C TYR A 212 6.50 2.91 46.85
N ILE A 213 6.97 4.05 47.32
CA ILE A 213 7.54 5.09 46.47
C ILE A 213 9.06 4.96 46.52
N PRO A 214 9.75 4.83 45.39
CA PRO A 214 11.22 4.72 45.42
C PRO A 214 11.90 5.97 45.98
N LYS A 215 13.20 5.88 46.24
CA LYS A 215 13.93 6.97 46.86
C LYS A 215 14.19 8.13 45.90
N ARG A 216 14.39 7.85 44.62
CA ARG A 216 14.73 8.91 43.67
C ARG A 216 13.58 9.86 43.38
N LEU A 217 12.34 9.47 43.68
CA LEU A 217 11.18 10.32 43.47
C LEU A 217 10.95 11.29 44.61
N ARG A 218 11.76 11.22 45.67
CA ARG A 218 11.64 12.16 46.78
C ARG A 218 13.05 12.61 47.16
N ASN A 219 13.36 13.86 46.88
CA ASN A 219 14.66 14.44 47.16
C ASN A 219 14.50 15.78 47.86
N ILE A 220 15.27 15.98 48.93
CA ILE A 220 15.33 17.27 49.58
C ILE A 220 15.94 18.31 48.65
N ASN A 221 16.73 17.85 47.68
CA ASN A 221 17.66 18.75 47.00
C ASN A 221 17.14 19.16 45.62
N ASN A 222 16.03 18.59 45.18
CA ASN A 222 15.41 18.97 43.91
C ASN A 222 14.74 20.33 44.05
N THR A 223 14.75 21.11 42.97
CA THR A 223 14.20 22.47 43.00
C THR A 223 13.33 22.81 41.81
N HIS A 224 13.34 22.00 40.74
CA HIS A 224 12.60 22.35 39.53
C HIS A 224 12.01 21.11 38.89
N ILE A 225 10.84 21.26 38.27
CA ILE A 225 10.12 20.17 37.63
C ILE A 225 9.84 20.59 36.19
N LEU A 226 9.89 19.64 35.25
CA LEU A 226 9.42 19.93 33.91
C LEU A 226 8.60 18.76 33.38
N PHE A 227 7.74 19.04 32.40
CA PHE A 227 6.88 18.02 31.81
C PHE A 227 6.45 18.47 30.42
N CYS A 228 6.74 17.63 29.43
CA CYS A 228 6.29 17.87 28.05
C CYS A 228 5.11 16.95 27.75
N SER A 229 3.95 17.33 28.30
CA SER A 229 2.75 16.49 28.22
C SER A 229 1.56 17.35 27.84
N ASP A 230 0.51 16.68 27.36
CA ASP A 230 -0.71 17.32 26.90
C ASP A 230 -1.89 17.11 27.84
N VAL A 231 -1.70 16.42 28.97
CA VAL A 231 -2.83 15.94 29.74
C VAL A 231 -3.39 17.03 30.65
N LEU A 232 -2.61 18.08 30.89
CA LEU A 232 -3.06 19.13 31.80
C LEU A 232 -3.95 20.16 31.13
N TYR A 233 -4.15 20.07 29.81
CA TYR A 233 -4.85 21.13 29.09
C TYR A 233 -6.33 21.15 29.45
N SER A 234 -6.93 22.32 29.30
CA SER A 234 -8.30 22.55 29.74
C SER A 234 -9.31 22.01 28.72
N LYS A 235 -10.57 22.38 28.93
CA LYS A 235 -11.69 21.88 28.15
C LYS A 235 -11.65 22.35 26.70
N TRP A 236 -10.87 23.39 26.41
CA TRP A 236 -10.79 23.96 25.08
C TRP A 236 -9.72 23.30 24.22
N TYR A 237 -9.34 22.06 24.55
CA TYR A 237 -8.34 21.31 23.80
C TYR A 237 -8.97 19.95 23.46
N ASN A 238 -10.18 20.00 22.89
CA ASN A 238 -10.87 18.79 22.50
C ASN A 238 -10.05 18.02 21.46
N LEU A 239 -9.91 16.71 21.69
CA LEU A 239 -9.04 15.90 20.85
C LEU A 239 -9.66 15.66 19.48
N GLN A 240 -10.99 15.61 19.40
CA GLN A 240 -11.64 15.30 18.13
C GLN A 240 -11.43 16.40 17.11
N ASN A 241 -11.13 17.62 17.57
CA ASN A 241 -10.85 18.72 16.67
C ASN A 241 -9.53 18.48 15.95
N SER A 242 -9.39 19.09 14.76
CA SER A 242 -8.21 18.88 13.94
C SER A 242 -6.98 19.49 14.61
N ILE A 243 -5.80 18.99 14.22
CA ILE A 243 -4.55 19.44 14.82
C ILE A 243 -4.30 20.92 14.52
N LEU A 244 -4.70 21.37 13.32
CA LEU A 244 -4.49 22.76 12.95
C LEU A 244 -5.25 23.70 13.87
N GLN A 245 -6.51 23.37 14.18
CA GLN A 245 -7.29 24.22 15.06
C GLN A 245 -6.68 24.29 16.45
N ASN A 246 -6.24 23.14 16.98
CA ASN A 246 -5.61 23.13 18.30
C ASN A 246 -4.33 23.96 18.32
N GLU A 247 -3.52 23.82 17.27
CA GLU A 247 -2.28 24.60 17.19
C GLU A 247 -2.58 26.09 17.13
N ASN A 248 -3.54 26.50 16.31
CA ASN A 248 -3.87 27.91 16.19
C ASN A 248 -4.41 28.46 17.50
N GLU A 249 -5.29 27.70 18.17
CA GLU A 249 -5.86 28.17 19.43
C GLU A 249 -4.79 28.27 20.50
N LEU A 250 -3.89 27.29 20.57
CA LEU A 250 -2.80 27.35 21.55
C LEU A 250 -1.89 28.54 21.28
N THR A 251 -1.58 28.80 20.01
CA THR A 251 -0.73 29.93 19.68
C THR A 251 -1.39 31.24 20.07
N LYS A 252 -2.70 31.37 19.80
CA LYS A 252 -3.41 32.58 20.18
C LYS A 252 -3.46 32.75 21.69
N ARG A 253 -3.68 31.65 22.42
CA ARG A 253 -3.82 31.76 23.88
C ARG A 253 -2.49 32.05 24.56
N LEU A 254 -1.40 31.48 24.05
CA LEU A 254 -0.10 31.63 24.71
C LEU A 254 0.51 33.02 24.51
N SER A 255 -0.19 33.94 23.87
CA SER A 255 0.29 35.31 23.73
C SER A 255 -0.41 36.27 24.68
N ASN A 256 -1.74 36.17 24.79
CA ASN A 256 -2.48 37.00 25.73
C ASN A 256 -2.09 36.70 27.17
N LEU A 257 -1.93 35.42 27.49
CA LEU A 257 -1.74 35.01 28.88
C LEU A 257 -0.33 35.30 29.38
N THR A 258 0.67 35.21 28.51
CA THR A 258 2.07 35.31 28.92
C THR A 258 2.55 36.75 28.91
N ILE A 259 3.42 37.06 29.86
CA ILE A 259 4.16 38.31 29.90
C ILE A 259 5.64 37.96 29.91
N GLY A 260 6.37 38.40 28.90
CA GLY A 260 7.75 37.97 28.75
C GLY A 260 7.79 36.49 28.42
N ASN A 261 8.21 35.68 29.38
CA ASN A 261 8.19 34.24 29.24
C ASN A 261 7.54 33.52 30.41
N LYS A 262 7.07 34.25 31.43
CA LYS A 262 6.43 33.66 32.59
C LYS A 262 4.92 33.78 32.45
N LEU A 263 4.21 32.77 32.97
CA LEU A 263 2.76 32.75 32.88
C LEU A 263 2.16 33.66 33.95
N LYS A 264 1.15 34.44 33.57
CA LYS A 264 0.39 35.20 34.57
C LYS A 264 -0.43 34.25 35.43
N ASN A 265 -0.73 34.69 36.64
CA ASN A 265 -1.46 33.87 37.60
C ASN A 265 -2.89 33.62 37.15
N ARG A 266 -3.34 34.37 36.13
CA ARG A 266 -4.69 34.21 35.62
C ARG A 266 -4.96 32.82 35.07
N ALA A 267 -3.93 32.14 34.57
CA ALA A 267 -4.10 30.85 33.89
C ALA A 267 -3.90 29.65 34.81
N LEU A 268 -2.98 29.72 35.76
CA LEU A 268 -2.71 28.57 36.61
C LEU A 268 -3.90 28.28 37.52
N PRO A 269 -4.07 27.02 37.93
CA PRO A 269 -5.16 26.69 38.86
C PRO A 269 -5.02 27.43 40.17
N TYR A 270 -6.18 27.77 40.76
CA TYR A 270 -6.18 28.56 41.99
C TYR A 270 -5.49 27.83 43.14
N GLU A 271 -5.51 26.50 43.13
CA GLU A 271 -4.82 25.75 44.17
C GLU A 271 -3.32 25.99 44.11
N TRP A 272 -2.75 26.03 42.90
CA TRP A 272 -1.31 26.25 42.77
C TRP A 272 -0.92 27.65 43.24
N ALA A 273 -1.71 28.67 42.88
CA ALA A 273 -1.39 30.03 43.25
C ALA A 273 -2.67 30.85 43.30
N LYS A 274 -2.63 31.92 44.08
CA LYS A 274 -3.79 32.78 44.26
C LYS A 274 -4.10 33.55 42.97
N GLY A 275 -5.38 33.80 42.74
CA GLY A 275 -5.82 34.54 41.58
C GLY A 275 -6.05 33.73 40.33
N GLY A 276 -5.97 32.40 40.40
CA GLY A 276 -6.14 31.57 39.23
C GLY A 276 -7.60 31.48 38.80
N LEU A 277 -7.77 31.19 37.50
CA LEU A 277 -9.10 31.00 36.95
C LEU A 277 -9.17 29.82 35.97
N ASN A 278 -8.15 28.97 35.92
CA ASN A 278 -8.11 27.79 35.05
C ASN A 278 -8.30 28.18 33.58
N ARG A 279 -7.56 29.21 33.15
CA ARG A 279 -7.61 29.64 31.77
C ARG A 279 -6.80 28.76 30.83
N LEU A 280 -5.64 28.26 31.28
CA LEU A 280 -4.80 27.39 30.48
C LEU A 280 -4.78 25.96 30.98
N PHE A 281 -4.46 25.76 32.26
CA PHE A 281 -4.45 24.43 32.85
C PHE A 281 -5.77 24.17 33.56
N ARG A 282 -6.03 22.89 33.82
CA ARG A 282 -7.22 22.46 34.55
C ARG A 282 -6.83 21.96 35.94
N ASN A 283 -7.82 21.51 36.69
CA ASN A 283 -7.59 20.95 38.00
C ASN A 283 -7.06 19.52 37.89
N ILE A 284 -6.75 18.93 39.03
CA ILE A 284 -6.31 17.54 39.10
C ILE A 284 -7.38 16.76 39.84
N SER A 285 -7.93 15.75 39.18
CA SER A 285 -8.98 14.93 39.77
C SER A 285 -8.36 13.85 40.65
N VAL A 286 -9.20 13.05 41.29
CA VAL A 286 -8.74 11.95 42.14
C VAL A 286 -8.65 10.65 41.37
N LEU A 287 -9.48 10.49 40.33
CA LEU A 287 -9.35 9.34 39.46
C LEU A 287 -8.09 9.43 38.59
N ASP A 288 -7.54 10.63 38.43
CA ASP A 288 -6.31 10.81 37.67
C ASP A 288 -5.10 10.51 38.54
N VAL A 289 -5.08 9.30 39.12
CA VAL A 289 -3.96 8.87 39.94
C VAL A 289 -3.44 7.49 39.54
N CYS A 290 -4.25 6.66 38.88
CA CYS A 290 -3.86 5.30 38.55
C CYS A 290 -3.13 5.19 37.22
N SER A 291 -3.08 6.27 36.43
CA SER A 291 -2.34 6.28 35.18
C SER A 291 -1.25 7.34 35.12
N ARG A 292 -1.24 8.29 36.06
CA ARG A 292 -0.26 9.38 36.08
C ARG A 292 0.26 9.58 37.50
N PRO A 293 0.94 8.57 38.06
CA PRO A 293 1.41 8.69 39.46
C PRO A 293 2.42 9.82 39.65
N GLU A 294 3.23 10.10 38.63
CA GLU A 294 4.27 11.11 38.78
C GLU A 294 3.66 12.48 39.06
N MET A 295 2.58 12.83 38.36
CA MET A 295 1.96 14.14 38.54
C MET A 295 1.44 14.32 39.96
N VAL A 296 0.73 13.32 40.47
CA VAL A 296 0.17 13.45 41.82
C VAL A 296 1.27 13.42 42.86
N LEU A 297 2.34 12.65 42.63
CA LEU A 297 3.43 12.60 43.60
C LEU A 297 4.30 13.85 43.57
N LEU A 298 4.28 14.61 42.48
CA LEU A 298 5.20 15.73 42.34
C LEU A 298 4.53 17.09 42.28
N LEU A 299 3.20 17.17 42.27
CA LEU A 299 2.53 18.46 42.10
C LEU A 299 1.48 18.77 43.15
N ASN A 300 0.90 17.77 43.81
CA ASN A 300 0.00 18.06 44.94
C ASN A 300 0.67 18.92 46.01
N LYS A 301 -0.04 19.98 46.40
CA LYS A 301 0.26 20.74 47.60
C LYS A 301 -0.58 20.29 48.79
N THR A 302 -1.45 19.30 48.60
CA THR A 302 -2.27 18.74 49.68
C THR A 302 -2.45 17.25 49.43
N TYR A 303 -2.46 16.46 50.50
CA TYR A 303 -2.50 15.02 50.42
C TYR A 303 -3.78 14.49 51.04
N TYR A 304 -4.44 13.57 50.33
CA TYR A 304 -5.67 12.94 50.80
C TYR A 304 -5.54 11.44 50.68
N THR A 305 -6.29 10.73 51.53
CA THR A 305 -6.27 9.28 51.56
C THR A 305 -7.68 8.74 51.41
N PHE A 306 -7.86 7.78 50.51
CA PHE A 306 -9.13 7.10 50.29
C PHE A 306 -8.89 5.61 50.42
N SER A 307 -9.13 5.06 51.61
CA SER A 307 -8.80 3.66 51.87
C SER A 307 -9.91 3.02 52.68
N LEU A 308 -10.00 1.70 52.57
CA LEU A 308 -10.93 0.89 53.33
C LEU A 308 -10.23 -0.05 54.31
N TRP A 309 -8.95 0.16 54.57
CA TRP A 309 -8.21 -0.71 55.47
C TRP A 309 -8.71 -0.55 56.90
N GLU A 310 -8.70 -1.65 57.64
CA GLU A 310 -9.10 -1.62 59.04
C GLU A 310 -8.09 -0.82 59.86
N GLY A 311 -8.60 -0.17 60.90
CA GLY A 311 -7.77 0.67 61.75
C GLY A 311 -7.66 2.12 61.31
N ASP A 312 -8.35 2.51 60.24
CA ASP A 312 -8.33 3.87 59.74
C ASP A 312 -9.67 4.53 60.02
N CYS A 313 -9.63 5.81 60.39
CA CYS A 313 -10.82 6.59 60.73
C CYS A 313 -11.58 5.96 61.89
N ASN A 314 -10.87 5.28 62.79
CA ASN A 314 -11.46 4.63 63.96
C ASN A 314 -12.60 3.69 63.56
N ILE A 315 -12.36 2.89 62.51
CA ILE A 315 -13.35 1.96 61.98
C ILE A 315 -12.89 0.54 62.27
N THR A 316 -13.76 -0.22 62.91
CA THR A 316 -13.51 -1.62 63.24
C THR A 316 -14.44 -2.51 62.42
N ARG A 317 -14.40 -3.82 62.71
CA ARG A 317 -15.20 -4.80 62.00
C ARG A 317 -16.59 -4.99 62.59
N TYR A 318 -16.96 -4.20 63.59
CA TYR A 318 -18.24 -4.40 64.28
C TYR A 318 -18.99 -3.09 64.49
N ASN A 319 -18.30 -1.95 64.32
CA ASN A 319 -18.92 -0.67 64.58
C ASN A 319 -19.63 -0.08 63.36
N VAL A 320 -19.64 -0.81 62.24
CA VAL A 320 -20.15 -0.26 60.98
C VAL A 320 -21.58 0.21 61.12
N ASN A 321 -22.42 -0.55 61.82
CA ASN A 321 -23.81 -0.16 62.01
C ASN A 321 -23.90 1.23 62.64
N GLU A 322 -23.05 1.52 63.61
CA GLU A 322 -23.06 2.85 64.22
C GLU A 322 -22.40 3.87 63.31
N THR A 323 -21.42 3.44 62.50
CA THR A 323 -20.62 4.38 61.73
C THR A 323 -21.41 4.97 60.56
N VAL A 324 -22.10 4.12 59.80
CA VAL A 324 -22.72 4.50 58.54
C VAL A 324 -24.22 4.54 58.74
N PRO A 325 -24.87 5.70 58.65
CA PRO A 325 -26.34 5.72 58.71
C PRO A 325 -27.02 4.93 57.61
N GLU A 326 -26.39 4.86 56.43
CA GLU A 326 -27.04 4.27 55.26
C GLU A 326 -27.39 2.80 55.50
N CYS A 327 -26.46 2.03 56.07
CA CYS A 327 -26.73 0.64 56.39
C CYS A 327 -27.43 0.47 57.74
N LYS A 328 -28.05 1.53 58.26
CA LYS A 328 -28.83 1.40 59.48
C LYS A 328 -30.04 0.50 59.27
N ASP A 329 -30.60 0.51 58.06
CA ASP A 329 -31.73 -0.33 57.74
C ASP A 329 -31.29 -1.80 57.64
N PHE A 330 -32.27 -2.69 57.68
CA PHE A 330 -31.98 -4.11 57.62
C PHE A 330 -31.40 -4.48 56.26
N PRO A 331 -30.28 -5.22 56.23
CA PRO A 331 -29.66 -5.61 54.93
C PRO A 331 -30.42 -6.74 54.24
N HIS A 332 -31.53 -6.38 53.63
CA HIS A 332 -32.36 -7.35 52.92
C HIS A 332 -33.13 -6.68 51.78
N ASP A 337 -29.04 -5.88 47.55
CA ASP A 337 -27.83 -5.38 48.18
C ASP A 337 -26.61 -6.15 47.71
N HIS A 338 -25.59 -5.43 47.24
CA HIS A 338 -24.38 -6.05 46.76
C HIS A 338 -23.57 -6.62 47.92
N PRO A 339 -22.80 -7.68 47.66
CA PRO A 339 -21.98 -8.26 48.74
C PRO A 339 -20.98 -7.30 49.34
N TYR A 340 -20.53 -6.29 48.58
CA TYR A 340 -19.51 -5.39 49.08
C TYR A 340 -20.12 -4.27 49.93
N SER A 341 -21.44 -4.23 50.04
CA SER A 341 -22.10 -3.16 50.78
C SER A 341 -21.81 -3.25 52.27
N CYS A 342 -21.23 -2.18 52.81
CA CYS A 342 -20.83 -2.09 54.21
C CYS A 342 -20.08 -3.34 54.66
N ARG A 343 -18.95 -3.59 53.99
CA ARG A 343 -18.09 -4.70 54.34
C ARG A 343 -16.63 -4.27 54.37
N TYR A 347 -9.23 -7.31 56.23
CA TYR A 347 -9.49 -7.05 57.64
C TYR A 347 -8.25 -7.28 58.50
N ARG A 348 -8.40 -7.05 59.80
CA ARG A 348 -7.31 -7.26 60.73
C ARG A 348 -7.22 -8.72 61.15
N GLU A 349 -6.04 -9.32 60.97
CA GLU A 349 -5.88 -10.73 61.26
C GLU A 349 -4.48 -11.08 61.77
N GLY A 350 -4.31 -11.12 63.09
CA GLY A 350 -3.08 -11.60 63.69
C GLY A 350 -1.86 -10.76 63.37
N LYS A 351 -0.75 -11.14 63.99
CA LYS A 351 0.52 -10.47 63.75
C LYS A 351 1.22 -11.08 62.54
N GLU A 352 2.26 -10.39 62.08
CA GLU A 352 3.07 -10.90 61.00
C GLU A 352 3.68 -12.24 61.38
N GLU A 353 3.57 -13.23 60.51
CA GLU A 353 3.98 -14.58 60.88
C GLU A 353 4.82 -15.20 59.78
N VAL A 354 5.82 -15.97 60.20
CA VAL A 354 6.58 -16.82 59.31
C VAL A 354 6.60 -18.22 59.90
N LYS A 355 6.06 -19.18 59.14
CA LYS A 355 5.98 -20.56 59.60
C LYS A 355 6.72 -21.43 58.59
N CYS A 356 7.68 -22.21 59.08
CA CYS A 356 8.47 -23.07 58.21
C CYS A 356 8.87 -24.31 59.02
N LEU A 357 8.07 -25.37 58.88
CA LEU A 357 8.36 -26.62 59.59
C LEU A 357 9.15 -27.59 58.74
N THR A 358 9.31 -27.33 57.45
CA THR A 358 10.07 -28.21 56.57
C THR A 358 11.56 -28.06 56.83
N SER A 359 12.31 -29.14 56.54
CA SER A 359 13.75 -29.11 56.70
C SER A 359 14.40 -28.09 55.76
N ASP A 360 13.93 -28.04 54.51
CA ASP A 360 14.48 -27.10 53.54
C ASP A 360 14.00 -25.69 53.86
N HIS A 361 14.94 -24.79 54.13
CA HIS A 361 14.62 -23.41 54.47
C HIS A 361 14.55 -22.50 53.25
N THR A 362 14.83 -23.02 52.05
CA THR A 362 14.74 -22.18 50.85
C THR A 362 13.30 -21.71 50.62
N ARG A 363 12.33 -22.61 50.78
CA ARG A 363 10.92 -22.28 50.63
C ARG A 363 10.26 -22.39 52.00
N CYS A 364 9.55 -21.32 52.40
CA CYS A 364 8.93 -21.27 53.72
C CYS A 364 7.61 -20.53 53.60
N LEU A 365 6.72 -20.76 54.56
CA LEU A 365 5.37 -20.20 54.54
C LEU A 365 5.34 -18.85 55.24
N TYR A 366 4.59 -17.91 54.67
CA TYR A 366 4.46 -16.56 55.21
C TYR A 366 2.99 -16.20 55.39
N TYR A 367 2.63 -15.79 56.61
CA TYR A 367 1.29 -15.34 56.91
C TYR A 367 1.32 -13.83 57.10
N PRO A 368 0.67 -13.07 56.22
CA PRO A 368 0.76 -11.61 56.29
C PRO A 368 -0.06 -11.05 57.46
N GLU A 369 0.24 -9.78 57.79
CA GLU A 369 -0.45 -9.12 58.89
C GLU A 369 -1.92 -8.86 58.54
N TYR A 370 -2.19 -8.47 57.30
CA TYR A 370 -3.53 -8.08 56.87
C TYR A 370 -4.05 -9.03 55.81
N SER A 371 -5.36 -9.00 55.61
CA SER A 371 -5.98 -9.83 54.60
C SER A 371 -5.63 -9.37 53.20
N ASN A 372 -5.67 -10.30 52.25
CA ASN A 372 -5.34 -10.01 50.84
C ASN A 372 -6.49 -10.52 49.97
N PRO A 373 -7.61 -9.80 49.94
CA PRO A 373 -8.77 -10.25 49.14
C PRO A 373 -8.60 -9.94 47.66
N GLU A 374 -7.70 -10.69 47.01
CA GLU A 374 -7.46 -10.50 45.58
C GLU A 374 -8.65 -10.91 44.72
N ALA A 375 -9.58 -11.69 45.28
CA ALA A 375 -10.77 -12.09 44.52
C ALA A 375 -11.61 -10.88 44.15
N LEU A 376 -11.80 -9.95 45.10
CA LEU A 376 -12.56 -8.73 44.83
C LEU A 376 -11.58 -7.61 44.51
N PHE A 377 -11.12 -7.60 43.26
CA PHE A 377 -10.15 -6.62 42.78
C PHE A 377 -10.80 -5.36 42.23
N ASP A 378 -12.13 -5.27 42.24
CA ASP A 378 -12.84 -4.10 41.72
C ASP A 378 -13.49 -3.31 42.85
N PHE A 379 -13.05 -3.49 44.08
CA PHE A 379 -13.70 -2.85 45.22
C PHE A 379 -13.59 -1.33 45.15
N GLY A 380 -12.38 -0.82 44.94
CA GLY A 380 -12.18 0.62 45.00
C GLY A 380 -12.88 1.36 43.88
N PHE A 381 -12.77 0.85 42.65
CA PHE A 381 -13.36 1.55 41.51
C PHE A 381 -14.88 1.59 41.62
N LEU A 382 -15.50 0.49 42.02
CA LEU A 382 -16.94 0.47 42.19
C LEU A 382 -17.35 1.28 43.42
N SER A 383 -16.46 1.39 44.41
CA SER A 383 -16.75 2.12 45.64
C SER A 383 -16.73 3.61 45.39
N TYR A 384 -15.88 4.07 44.48
CA TYR A 384 -15.80 5.50 44.17
C TYR A 384 -17.06 6.04 43.51
N MET A 385 -17.72 5.26 42.65
CA MET A 385 -18.91 5.70 41.95
C MET A 385 -20.13 5.76 42.86
N ARG A 386 -19.97 5.37 44.13
CA ARG A 386 -21.06 5.37 45.11
C ARG A 386 -22.23 4.52 44.63
N ASN A 387 -21.90 3.39 43.99
CA ASN A 387 -22.93 2.44 43.57
C ASN A 387 -23.65 1.85 44.78
N PHE A 388 -22.90 1.54 45.83
CA PHE A 388 -23.43 0.96 47.05
C PHE A 388 -22.89 1.75 48.24
N PRO A 389 -23.65 1.82 49.34
CA PRO A 389 -23.13 2.49 50.53
C PRO A 389 -22.13 1.63 51.26
N GLY A 390 -21.21 2.28 51.97
CA GLY A 390 -20.20 1.59 52.72
C GLY A 390 -19.24 2.53 53.44
N PRO A 391 -18.24 1.96 54.10
CA PRO A 391 -17.25 2.77 54.80
C PRO A 391 -16.55 3.75 53.87
N GLN A 392 -16.24 4.92 54.42
CA GLN A 392 -15.49 5.95 53.70
C GLN A 392 -14.57 6.66 54.67
N CYS A 393 -13.28 6.70 54.35
CA CYS A 393 -12.27 7.32 55.21
C CYS A 393 -11.46 8.30 54.39
N ILE A 394 -11.53 9.58 54.77
CA ILE A 394 -10.80 10.64 54.10
C ILE A 394 -10.05 11.45 55.16
N GLU A 395 -8.74 11.63 54.95
CA GLU A 395 -7.91 12.44 55.84
C GLU A 395 -7.05 13.37 55.00
N SER A 396 -6.90 14.61 55.45
CA SER A 396 -6.22 15.65 54.70
C SER A 396 -4.85 15.92 55.33
N THR A 397 -3.81 15.94 54.49
CA THR A 397 -2.45 16.22 54.92
C THR A 397 -1.84 17.28 54.03
N SER A 398 -1.12 18.22 54.65
CA SER A 398 -0.48 19.33 53.95
C SER A 398 1.00 19.00 53.71
N ILE A 399 1.46 19.32 52.49
CA ILE A 399 2.84 19.01 52.11
C ILE A 399 3.61 20.28 51.74
N ARG A 400 2.97 21.21 51.04
CA ARG A 400 3.65 22.33 50.43
C ARG A 400 2.87 23.61 50.68
N GLN A 401 3.58 24.74 50.62
CA GLN A 401 3.00 26.05 50.86
C GLN A 401 3.49 27.03 49.80
N GLN A 402 2.95 28.25 49.86
CA GLN A 402 3.34 29.37 49.00
C GLN A 402 2.97 29.13 47.54
N ASP A 403 3.22 30.12 46.70
CA ASP A 403 2.78 30.08 45.30
C ASP A 403 3.82 29.40 44.43
N TYR A 404 3.47 29.22 43.16
CA TYR A 404 4.32 28.59 42.16
C TYR A 404 4.58 29.57 41.03
N GLU A 405 5.60 29.27 40.22
CA GLU A 405 5.85 30.00 38.99
C GLU A 405 6.15 28.99 37.87
N VAL A 406 5.60 29.28 36.69
CA VAL A 406 5.68 28.38 35.54
C VAL A 406 6.18 29.18 34.35
N TYR A 407 7.14 28.62 33.63
CA TYR A 407 7.70 29.19 32.42
C TYR A 407 7.38 28.30 31.22
N SER A 408 7.20 28.91 30.06
CA SER A 408 6.88 28.20 28.83
C SER A 408 8.09 28.23 27.92
N ILE A 409 8.48 27.06 27.40
CA ILE A 409 9.66 26.96 26.56
C ILE A 409 9.35 27.41 25.14
N TYR A 410 8.10 27.27 24.70
CA TYR A 410 7.72 27.67 23.34
C TYR A 410 7.88 29.18 23.15
N GLN A 411 7.39 29.97 24.10
CA GLN A 411 7.59 31.41 24.03
C GLN A 411 9.07 31.76 24.10
N GLU A 412 9.83 31.00 24.87
CA GLU A 412 11.27 31.22 24.93
C GLU A 412 11.91 30.99 23.57
N CYS A 413 11.50 29.93 22.87
CA CYS A 413 12.01 29.69 21.53
C CYS A 413 11.71 30.86 20.61
N LYS A 414 10.44 31.28 20.59
CA LYS A 414 10.05 32.38 19.71
C LYS A 414 10.84 33.65 20.01
N LEU A 415 10.98 33.99 21.29
CA LEU A 415 11.61 35.26 21.64
C LEU A 415 13.12 35.20 21.43
N ALA A 416 13.76 34.09 21.81
CA ALA A 416 15.21 34.01 21.76
C ALA A 416 15.72 33.80 20.34
N SER A 417 14.91 33.19 19.46
CA SER A 417 15.38 32.95 18.10
C SER A 417 15.55 34.24 17.32
N LYS A 418 15.00 35.35 17.80
CA LYS A 418 15.06 36.61 17.05
C LYS A 418 16.45 37.21 17.08
N THR A 419 17.17 37.07 18.19
CA THR A 419 18.43 37.78 18.40
C THR A 419 19.66 36.88 18.42
N TYR A 420 19.49 35.56 18.27
CA TYR A 420 20.63 34.64 18.24
C TYR A 420 20.49 33.56 17.17
N GLY A 421 19.61 33.74 16.20
CA GLY A 421 19.40 32.71 15.18
C GLY A 421 18.53 31.58 15.68
N ILE A 422 18.43 30.54 14.85
CA ILE A 422 17.58 29.41 15.15
C ILE A 422 18.37 28.15 15.51
N ASP A 423 19.54 27.94 14.91
CA ASP A 423 20.30 26.72 15.21
C ASP A 423 20.82 26.73 16.64
N SER A 424 21.42 27.85 17.07
CA SER A 424 22.03 27.91 18.38
C SER A 424 20.99 27.77 19.49
N VAL A 425 19.85 28.45 19.34
CA VAL A 425 18.82 28.39 20.38
C VAL A 425 18.25 26.99 20.49
N LEU A 426 17.98 26.34 19.35
CA LEU A 426 17.45 24.98 19.40
C LEU A 426 18.46 24.03 20.03
N PHE A 427 19.74 24.15 19.66
CA PHE A 427 20.74 23.25 20.22
C PHE A 427 20.88 23.45 21.73
N SER A 428 20.91 24.71 22.18
CA SER A 428 21.04 24.99 23.60
C SER A 428 19.83 24.48 24.39
N LEU A 429 18.62 24.70 23.86
CA LEU A 429 17.43 24.23 24.57
C LEU A 429 17.34 22.71 24.58
N LYS A 430 17.80 22.04 23.52
CA LYS A 430 17.88 20.59 23.57
C LYS A 430 18.84 20.12 24.65
N ASN A 431 20.00 20.77 24.75
CA ASN A 431 20.95 20.43 25.81
C ASN A 431 20.34 20.63 27.19
N PHE A 432 19.60 21.73 27.37
CA PHE A 432 18.93 21.98 28.64
C PHE A 432 17.88 20.92 28.93
N LEU A 433 17.11 20.52 27.91
CA LEU A 433 16.06 19.53 28.05
C LEU A 433 16.59 18.13 28.27
N ASN A 434 17.87 17.88 27.98
CA ASN A 434 18.47 16.59 28.23
C ASN A 434 19.49 16.70 29.38
N TYR A 435 19.08 17.37 30.46
CA TYR A 435 19.98 17.56 31.60
C TYR A 435 20.12 16.28 32.40
N THR A 436 19.02 15.58 32.66
CA THR A 436 19.01 14.46 33.59
C THR A 436 19.62 13.19 33.01
N GLY A 437 20.26 13.26 31.84
CA GLY A 437 20.88 12.11 31.22
C GLY A 437 19.96 11.27 30.38
N LYS A 438 18.66 11.59 30.35
CA LYS A 438 17.70 10.89 29.51
C LYS A 438 16.83 11.93 28.81
N PRO A 439 16.50 11.73 27.54
CA PRO A 439 15.64 12.71 26.84
C PRO A 439 14.21 12.67 27.38
N VAL A 440 13.59 13.84 27.41
CA VAL A 440 12.22 13.93 27.94
C VAL A 440 11.20 13.78 26.82
N ASN A 441 11.53 14.26 25.62
CA ASN A 441 10.61 14.12 24.50
C ASN A 441 10.38 12.65 24.14
N GLU A 442 11.43 11.84 24.22
CA GLU A 442 11.30 10.42 23.89
C GLU A 442 10.43 9.69 24.89
N MET A 443 10.28 10.24 26.10
CA MET A 443 9.50 9.57 27.13
C MET A 443 8.02 9.52 26.73
N PRO A 444 7.30 8.50 27.17
CA PRO A 444 5.86 8.44 26.88
C PRO A 444 5.12 9.63 27.48
N ASN A 445 4.04 10.03 26.80
CA ASN A 445 3.31 11.23 27.20
C ASN A 445 2.71 11.07 28.60
N ALA A 446 2.19 9.89 28.91
CA ALA A 446 1.53 9.66 30.20
C ALA A 446 2.50 9.66 31.37
N ARG A 447 3.81 9.55 31.12
CA ARG A 447 4.79 9.48 32.21
C ARG A 447 5.97 10.41 31.96
N ALA A 448 5.72 11.57 31.36
CA ALA A 448 6.78 12.52 31.05
C ALA A 448 6.88 13.59 32.15
N PHE A 449 7.41 13.17 33.29
CA PHE A 449 7.60 14.06 34.44
C PHE A 449 8.96 13.75 35.06
N VAL A 450 9.75 14.78 35.32
CA VAL A 450 11.09 14.63 35.87
C VAL A 450 11.56 15.98 36.41
N GLY A 451 12.42 15.94 37.43
CA GLY A 451 12.95 17.14 38.03
C GLY A 451 14.46 17.26 37.92
N LEU A 452 14.96 18.43 38.27
CA LEU A 452 16.37 18.77 38.17
C LEU A 452 16.90 19.26 39.52
N ILE A 453 18.18 19.63 39.51
CA ILE A 453 18.86 20.19 40.68
C ILE A 453 19.59 21.44 40.24
N ASP A 454 19.00 22.60 40.52
CA ASP A 454 19.57 23.92 40.27
C ASP A 454 20.09 24.10 38.85
N PRO A 455 19.21 24.15 37.85
CA PRO A 455 19.65 24.50 36.49
C PRO A 455 19.60 26.00 36.26
N LYS A 456 20.28 26.43 35.20
CA LYS A 456 20.32 27.84 34.81
C LYS A 456 19.42 28.02 33.58
N PHE A 457 18.45 28.92 33.70
CA PHE A 457 17.50 29.18 32.62
C PHE A 457 17.32 30.68 32.47
N PRO A 458 17.44 31.23 31.25
CA PRO A 458 17.81 30.49 30.03
C PRO A 458 19.31 30.19 29.96
N PRO A 459 19.68 29.11 29.26
CA PRO A 459 21.10 28.76 29.15
C PRO A 459 21.87 29.73 28.26
N THR A 460 23.19 29.58 28.24
CA THR A 460 24.03 30.43 27.41
C THR A 460 23.94 29.99 25.96
N TYR A 461 23.62 30.92 25.06
CA TYR A 461 23.49 30.60 23.65
C TYR A 461 24.83 30.82 22.96
N PRO A 462 25.47 29.77 22.43
CA PRO A 462 26.75 29.96 21.75
C PRO A 462 26.58 30.75 20.46
N ASN A 463 27.64 31.49 20.11
CA ASN A 463 27.68 32.24 18.85
C ASN A 463 28.20 31.34 17.73
N ILE A 464 27.39 30.33 17.39
CA ILE A 464 27.78 29.34 16.39
C ILE A 464 27.61 29.95 15.01
N THR A 465 28.71 30.08 14.28
CA THR A 465 28.64 30.60 12.93
C THR A 465 28.03 29.57 11.99
N ARG A 466 27.29 30.05 10.99
CA ARG A 466 26.65 29.19 10.01
C ARG A 466 27.61 28.83 8.89
N MET A 498 28.60 16.23 -7.08
CA MET A 498 28.20 16.90 -5.85
C MET A 498 26.91 17.69 -6.05
N GLY A 499 26.99 19.01 -5.94
CA GLY A 499 25.83 19.87 -6.06
C GLY A 499 25.88 20.70 -7.33
N TYR A 500 24.80 20.64 -8.10
CA TYR A 500 24.65 21.44 -9.30
C TYR A 500 24.11 22.82 -8.93
N ALA A 501 23.89 23.66 -9.94
CA ALA A 501 23.42 25.01 -9.67
C ALA A 501 22.68 25.55 -10.90
N LEU A 502 21.80 26.51 -10.64
CA LEU A 502 21.14 27.30 -11.67
C LEU A 502 21.56 28.75 -11.47
N THR A 503 22.22 29.33 -12.48
CA THR A 503 22.85 30.62 -12.34
C THR A 503 22.09 31.68 -13.13
N GLY A 504 22.27 32.93 -12.73
CA GLY A 504 21.62 34.07 -13.34
C GLY A 504 20.63 34.73 -12.40
N ALA A 505 20.61 36.06 -12.46
CA ALA A 505 19.67 36.82 -11.67
C ALA A 505 18.23 36.56 -12.14
N VAL A 506 17.29 36.63 -11.19
CA VAL A 506 15.91 36.26 -11.46
C VAL A 506 14.97 37.33 -10.94
N GLN A 507 13.90 37.57 -11.69
CA GLN A 507 12.84 38.47 -11.28
C GLN A 507 11.86 37.74 -10.37
N THR A 508 11.29 38.45 -9.42
CA THR A 508 10.44 37.84 -8.39
C THR A 508 9.13 38.60 -8.29
N LEU A 509 8.03 37.86 -8.08
CA LEU A 509 6.69 38.45 -8.14
C LEU A 509 6.21 39.00 -6.80
N ALA A 510 6.96 38.79 -5.73
CA ALA A 510 6.56 39.22 -4.37
C ALA A 510 5.27 38.47 -4.03
N GLN A 511 4.17 39.15 -3.74
CA GLN A 511 2.93 38.47 -3.34
C GLN A 511 2.38 37.65 -4.50
N ILE A 512 1.73 36.54 -4.16
CA ILE A 512 1.41 35.50 -5.16
C ILE A 512 0.38 35.99 -6.17
N SER A 513 -0.54 36.84 -5.75
CA SER A 513 -1.62 37.24 -6.65
C SER A 513 -1.18 38.22 -7.73
N ASP A 514 0.12 38.46 -7.90
CA ASP A 514 0.61 39.35 -8.94
C ASP A 514 0.94 38.62 -10.24
N ILE A 515 0.65 37.33 -10.33
CA ILE A 515 0.95 36.59 -11.55
C ILE A 515 0.09 37.08 -12.71
N ASN A 516 -1.16 37.46 -12.43
CA ASN A 516 -2.07 37.91 -13.47
C ASN A 516 -2.05 39.43 -13.56
N ASP A 517 -1.24 39.94 -14.49
CA ASP A 517 -1.11 41.38 -14.73
C ASP A 517 -1.14 41.58 -16.25
N GLN A 518 -0.82 42.80 -16.68
CA GLN A 518 -0.71 43.12 -18.09
C GLN A 518 0.60 43.78 -18.45
N ASN A 519 1.60 43.73 -17.57
CA ASN A 519 2.88 44.40 -17.79
C ASN A 519 4.08 43.48 -17.63
N LEU A 520 3.87 42.17 -17.63
CA LEU A 520 4.96 41.20 -17.52
C LEU A 520 4.86 40.19 -18.65
N GLN A 521 6.02 39.73 -19.11
CA GLN A 521 6.12 38.86 -20.27
C GLN A 521 6.61 37.47 -19.85
N GLN A 522 6.84 36.62 -20.86
CA GLN A 522 7.19 35.24 -20.62
C GLN A 522 8.52 35.12 -19.90
N GLY A 523 8.62 34.14 -19.01
CA GLY A 523 9.84 33.91 -18.27
C GLY A 523 9.58 33.02 -17.07
N ILE A 524 10.63 32.81 -16.29
CA ILE A 524 10.57 32.05 -15.06
C ILE A 524 10.45 33.02 -13.90
N TYR A 525 9.38 32.88 -13.11
CA TYR A 525 9.09 33.79 -12.02
C TYR A 525 9.06 33.00 -10.71
N LEU A 526 9.48 33.64 -9.62
CA LEU A 526 9.65 32.95 -8.35
C LEU A 526 8.91 33.68 -7.24
N LEU A 527 8.74 32.99 -6.11
CA LEU A 527 8.10 33.57 -4.94
C LEU A 527 9.15 33.94 -3.89
N ARG A 528 8.96 35.07 -3.22
CA ARG A 528 9.95 35.53 -2.26
C ARG A 528 10.09 34.57 -1.08
N ASP A 529 8.97 34.11 -0.53
CA ASP A 529 8.99 33.31 0.69
C ASP A 529 8.62 31.86 0.38
N HIS A 530 9.09 30.97 1.26
CA HIS A 530 8.84 29.55 1.10
C HIS A 530 7.45 29.19 1.61
N ILE A 531 7.08 27.92 1.46
CA ILE A 531 5.86 27.37 2.03
C ILE A 531 6.26 26.24 2.98
N VAL A 532 5.99 26.43 4.26
CA VAL A 532 6.36 25.46 5.29
C VAL A 532 5.18 24.53 5.52
N THR A 533 5.44 23.23 5.49
CA THR A 533 4.38 22.24 5.60
C THR A 533 4.79 21.13 6.56
N LEU A 534 3.84 20.69 7.37
CA LEU A 534 4.02 19.59 8.31
C LEU A 534 3.20 18.39 7.85
N MET A 535 3.83 17.22 7.83
CA MET A 535 3.12 16.01 7.43
C MET A 535 2.01 15.67 8.42
N GLU A 536 2.26 15.84 9.71
CA GLU A 536 1.25 15.54 10.73
C GLU A 536 0.06 16.47 10.67
N ALA A 537 0.18 17.63 10.02
CA ALA A 537 -0.93 18.56 9.89
C ALA A 537 -1.67 18.41 8.57
N THR A 538 -1.06 17.81 7.55
CA THR A 538 -1.72 17.59 6.28
C THR A 538 -2.72 16.44 6.30
N LEU A 539 -2.42 15.38 7.04
CA LEU A 539 -3.30 14.22 7.07
C LEU A 539 -4.46 14.48 8.02
N HIS A 540 -5.68 14.33 7.51
CA HIS A 540 -6.88 14.62 8.26
C HIS A 540 -7.44 13.40 8.98
N ASP A 541 -6.75 12.25 8.90
CA ASP A 541 -7.27 11.04 9.51
C ASP A 541 -6.21 10.26 10.29
N ILE A 542 -5.13 10.92 10.71
CA ILE A 542 -4.13 10.24 11.53
C ILE A 542 -4.73 9.79 12.85
N SER A 543 -5.51 10.66 13.49
CA SER A 543 -6.23 10.29 14.69
C SER A 543 -7.36 9.32 14.36
N ILE A 544 -7.95 8.75 15.42
CA ILE A 544 -9.04 7.78 15.30
C ILE A 544 -8.57 6.56 14.54
N MET A 545 -7.29 6.20 14.71
CA MET A 545 -6.72 4.98 14.19
C MET A 545 -5.83 4.38 15.27
N PRO A 546 -6.32 3.40 16.01
CA PRO A 546 -5.59 2.93 17.19
C PRO A 546 -4.65 1.77 16.90
N GLY A 547 -3.79 1.47 17.86
CA GLY A 547 -2.93 0.30 17.75
C GLY A 547 -1.92 0.45 16.64
N MET A 548 -1.59 -0.67 15.99
CA MET A 548 -0.59 -0.70 14.94
C MET A 548 -1.07 -0.07 13.64
N PHE A 549 -2.38 -0.12 13.37
CA PHE A 549 -2.93 0.41 12.13
C PHE A 549 -2.26 1.70 11.70
N ALA A 550 -2.08 2.64 12.63
CA ALA A 550 -1.59 3.96 12.29
C ALA A 550 -0.31 3.88 11.48
N VAL A 551 0.67 3.11 11.94
CA VAL A 551 1.95 3.10 11.23
C VAL A 551 1.76 2.62 9.81
N GLN A 552 0.92 1.59 9.61
CA GLN A 552 0.63 1.13 8.26
C GLN A 552 0.18 2.28 7.38
N HIS A 553 -0.79 3.08 7.86
CA HIS A 553 -1.24 4.23 7.09
C HIS A 553 -0.06 5.08 6.66
N VAL A 554 0.78 5.47 7.63
CA VAL A 554 1.91 6.32 7.29
C VAL A 554 2.75 5.67 6.21
N HIS A 555 3.09 4.39 6.41
CA HIS A 555 3.91 3.70 5.42
C HIS A 555 3.29 3.82 4.05
N THR A 556 2.01 3.47 3.93
CA THR A 556 1.36 3.53 2.63
C THR A 556 1.51 4.91 2.02
N HIS A 557 1.13 5.94 2.78
CA HIS A 557 1.18 7.28 2.23
C HIS A 557 2.60 7.64 1.84
N LEU A 558 3.57 7.32 2.70
CA LEU A 558 4.95 7.65 2.39
C LEU A 558 5.37 6.96 1.10
N ASN A 559 5.00 5.69 0.95
CA ASN A 559 5.34 4.98 -0.28
C ASN A 559 4.77 5.71 -1.49
N HIS A 560 3.52 6.15 -1.40
CA HIS A 560 2.92 6.87 -2.51
C HIS A 560 3.75 8.07 -2.89
N LEU A 561 4.20 8.84 -1.88
CA LEU A 561 5.00 10.02 -2.16
C LEU A 561 6.23 9.65 -2.97
N ARG A 562 6.90 8.56 -2.60
CA ARG A 562 8.07 8.14 -3.34
C ARG A 562 7.70 7.83 -4.78
N THR A 563 6.61 7.10 -4.98
CA THR A 563 6.19 6.73 -6.33
C THR A 563 5.88 7.97 -7.15
N MET A 564 5.64 9.10 -6.49
CA MET A 564 5.49 10.36 -7.21
C MET A 564 6.86 10.95 -7.56
N LEU A 565 7.72 11.09 -6.55
CA LEU A 565 8.94 11.88 -6.73
C LEU A 565 9.94 11.22 -7.66
N MET A 566 9.83 9.91 -7.88
CA MET A 566 10.71 9.25 -8.84
C MET A 566 10.35 9.62 -10.27
N GLU A 567 9.12 10.04 -10.52
CA GLU A 567 8.64 10.30 -11.86
C GLU A 567 8.56 11.78 -12.18
N ARG A 568 9.11 12.63 -11.33
CA ARG A 568 9.08 14.09 -11.51
C ARG A 568 7.64 14.59 -11.62
N ARG A 569 6.84 14.24 -10.62
CA ARG A 569 5.44 14.66 -10.59
C ARG A 569 5.10 15.12 -9.19
N ILE A 570 4.05 15.94 -9.09
CA ILE A 570 3.66 16.58 -7.84
C ILE A 570 2.53 15.79 -7.20
N ASP A 571 2.69 15.45 -5.93
CA ASP A 571 1.62 14.86 -5.14
C ASP A 571 0.91 15.99 -4.40
N TRP A 572 -0.40 16.14 -4.65
CA TRP A 572 -1.15 17.29 -4.17
C TRP A 572 -1.81 17.07 -2.82
N THR A 573 -1.55 15.93 -2.16
CA THR A 573 -2.07 15.72 -0.82
C THR A 573 -1.50 16.70 0.18
N TYR A 574 -0.33 17.29 -0.10
CA TYR A 574 0.30 18.26 0.77
C TYR A 574 0.12 19.69 0.27
N MET A 575 -0.73 19.89 -0.74
CA MET A 575 -1.00 21.21 -1.30
C MET A 575 -2.50 21.33 -1.51
N SER A 576 -3.16 22.14 -0.69
CA SER A 576 -4.61 22.30 -0.80
C SER A 576 -4.97 22.93 -2.14
N SER A 577 -5.90 22.30 -2.84
CA SER A 577 -6.29 22.80 -4.16
C SER A 577 -7.11 24.07 -4.06
N SER A 578 -7.94 24.17 -3.01
CA SER A 578 -8.81 25.34 -2.86
C SER A 578 -7.99 26.62 -2.70
N TRP A 579 -6.91 26.56 -1.92
CA TRP A 579 -6.09 27.74 -1.70
C TRP A 579 -5.51 28.26 -3.02
N LEU A 580 -4.88 27.37 -3.79
CA LEU A 580 -4.27 27.78 -5.05
C LEU A 580 -5.32 28.25 -6.05
N GLN A 581 -6.47 27.56 -6.08
CA GLN A 581 -7.54 27.96 -7.00
C GLN A 581 -8.06 29.35 -6.67
N THR A 582 -8.27 29.65 -5.39
CA THR A 582 -8.71 30.98 -5.00
C THR A 582 -7.65 32.04 -5.24
N GLN A 583 -6.37 31.71 -5.04
CA GLN A 583 -5.32 32.70 -5.27
C GLN A 583 -5.18 33.01 -6.75
N LEU A 584 -5.30 32.02 -7.63
CA LEU A 584 -5.13 32.24 -9.05
C LEU A 584 -6.40 32.65 -9.77
N GLN A 585 -7.57 32.34 -9.21
CA GLN A 585 -8.86 32.73 -9.78
C GLN A 585 -9.01 32.21 -11.21
N LYS A 586 -8.75 30.92 -11.39
CA LYS A 586 -8.86 30.25 -12.68
C LYS A 586 -10.06 29.34 -12.71
N SER A 587 -10.38 28.87 -13.90
CA SER A 587 -11.51 27.97 -14.12
C SER A 587 -11.10 26.52 -13.80
N ASP A 588 -12.11 25.65 -13.74
CA ASP A 588 -11.85 24.25 -13.41
C ASP A 588 -11.00 23.57 -14.47
N ASP A 589 -11.32 23.81 -15.75
CA ASP A 589 -10.52 23.23 -16.84
C ASP A 589 -9.10 23.79 -16.82
N GLU A 590 -8.96 25.08 -16.54
CA GLU A 590 -7.63 25.66 -16.41
C GLU A 590 -6.85 25.01 -15.27
N MET A 591 -7.52 24.77 -14.15
CA MET A 591 -6.87 24.08 -13.03
C MET A 591 -6.44 22.68 -13.45
N LYS A 592 -7.30 21.96 -14.17
CA LYS A 592 -6.96 20.61 -14.61
C LYS A 592 -5.73 20.61 -15.51
N VAL A 593 -5.72 21.49 -16.51
CA VAL A 593 -4.58 21.51 -17.44
C VAL A 593 -3.32 22.01 -16.76
N ILE A 594 -3.45 22.87 -15.76
CA ILE A 594 -2.28 23.34 -15.03
C ILE A 594 -1.69 22.23 -14.18
N LYS A 595 -2.55 21.49 -13.47
CA LYS A 595 -2.06 20.44 -12.59
C LYS A 595 -1.54 19.24 -13.35
N ARG A 596 -2.11 18.95 -14.52
CA ARG A 596 -1.68 17.77 -15.28
C ARG A 596 -0.25 17.91 -15.76
N THR A 597 0.14 19.09 -16.23
CA THR A 597 1.44 19.32 -16.85
C THR A 597 2.42 20.03 -15.91
N ALA A 598 2.38 19.68 -14.63
CA ALA A 598 3.28 20.27 -13.64
C ALA A 598 4.35 19.27 -13.25
N ARG A 599 5.58 19.76 -13.10
CA ARG A 599 6.72 18.94 -12.74
C ARG A 599 7.33 19.44 -11.44
N SER A 600 8.01 18.53 -10.73
CA SER A 600 8.59 18.83 -9.43
C SER A 600 10.07 18.45 -9.44
N LEU A 601 10.76 18.80 -8.35
CA LEU A 601 12.17 18.50 -8.21
C LEU A 601 12.53 18.52 -6.73
N VAL A 602 13.45 17.63 -6.34
CA VAL A 602 13.95 17.55 -4.97
C VAL A 602 15.38 18.04 -4.96
N TYR A 603 15.68 19.02 -4.10
CA TYR A 603 17.00 19.61 -4.09
C TYR A 603 17.75 19.48 -2.76
N TYR A 604 17.08 19.07 -1.68
CA TYR A 604 17.82 18.65 -0.49
C TYR A 604 16.94 17.85 0.47
N VAL A 605 17.48 16.73 0.95
CA VAL A 605 16.85 15.92 1.99
C VAL A 605 17.82 15.88 3.16
N LYS A 606 17.36 16.33 4.33
CA LYS A 606 18.22 16.50 5.49
C LYS A 606 17.63 15.77 6.69
N GLN A 607 18.51 15.13 7.45
CA GLN A 607 18.14 14.44 8.69
C GLN A 607 18.66 15.27 9.87
N THR A 608 17.74 15.76 10.69
CA THR A 608 18.07 16.67 11.78
C THR A 608 18.30 15.93 13.10
N TYR A 609 17.29 15.20 13.57
CA TYR A 609 17.35 14.51 14.85
C TYR A 609 17.39 13.01 14.59
N ASN A 610 18.41 12.34 15.14
CA ASN A 610 18.59 10.91 14.96
C ASN A 610 18.68 10.24 16.31
N SER A 611 17.92 9.16 16.50
CA SER A 611 17.91 8.41 17.74
C SER A 611 17.28 7.05 17.48
N LEU A 612 17.33 6.20 18.51
CA LEU A 612 16.75 4.87 18.39
C LEU A 612 15.24 4.86 18.46
N THR A 613 14.62 5.98 18.83
CA THR A 613 13.17 6.02 18.97
C THR A 613 12.51 7.13 18.16
N ALA A 614 13.15 8.30 18.06
CA ALA A 614 12.57 9.45 17.40
C ALA A 614 13.49 9.95 16.29
N THR A 615 12.88 10.30 15.15
CA THR A 615 13.62 10.81 14.00
C THR A 615 12.83 11.94 13.36
N ALA A 616 13.54 12.84 12.69
CA ALA A 616 12.92 13.96 12.01
C ALA A 616 13.65 14.22 10.70
N TRP A 617 12.90 14.52 9.65
CA TRP A 617 13.46 14.74 8.33
C TRP A 617 12.86 15.98 7.70
N GLU A 618 13.64 16.62 6.81
CA GLU A 618 13.20 17.78 6.06
C GLU A 618 13.48 17.56 4.58
N ILE A 619 12.51 17.92 3.75
CA ILE A 619 12.60 17.74 2.30
C ILE A 619 12.29 19.06 1.62
N GLY A 620 13.14 19.45 0.68
CA GLY A 620 12.89 20.63 -0.12
C GLY A 620 12.36 20.25 -1.49
N LEU A 621 11.33 20.97 -1.93
CA LEU A 621 10.66 20.70 -3.19
C LEU A 621 10.52 21.99 -3.99
N TYR A 622 10.90 21.93 -5.26
CA TYR A 622 10.79 23.07 -6.17
C TYR A 622 9.84 22.68 -7.29
N TYR A 623 8.78 23.47 -7.45
CA TYR A 623 7.76 23.21 -8.46
C TYR A 623 7.88 24.22 -9.60
N GLU A 624 7.12 23.97 -10.66
CA GLU A 624 7.05 24.87 -11.80
C GLU A 624 5.69 24.70 -12.46
N LEU A 625 4.89 25.76 -12.45
CA LEU A 625 3.54 25.74 -13.01
C LEU A 625 3.48 26.66 -14.22
N ILE A 626 2.90 26.15 -15.30
CA ILE A 626 2.78 26.90 -16.55
C ILE A 626 1.30 27.25 -16.72
N ILE A 627 0.98 28.52 -16.63
CA ILE A 627 -0.40 28.98 -16.86
C ILE A 627 -0.62 29.10 -18.35
N PRO A 628 -1.83 28.85 -18.85
CA PRO A 628 -2.07 28.91 -20.29
C PRO A 628 -2.55 30.28 -20.75
N ARG A 629 -2.41 30.50 -22.05
CA ARG A 629 -2.93 31.68 -22.73
C ARG A 629 -3.87 31.33 -23.87
N HIS A 630 -3.58 30.26 -24.61
CA HIS A 630 -4.46 29.76 -25.66
C HIS A 630 -4.37 28.25 -25.69
N ILE A 631 -5.50 27.58 -25.50
CA ILE A 631 -5.56 26.13 -25.49
C ILE A 631 -6.35 25.68 -26.71
N TYR A 632 -5.82 24.68 -27.42
CA TYR A 632 -6.44 24.16 -28.63
C TYR A 632 -6.64 22.66 -28.45
N LEU A 633 -7.91 22.22 -28.54
CA LEU A 633 -8.27 20.83 -28.30
C LEU A 633 -8.42 20.04 -29.60
N ASN A 634 -9.30 20.49 -30.49
CA ASN A 634 -9.51 19.85 -31.77
C ASN A 634 -8.50 20.41 -32.76
N ASN A 635 -7.75 19.53 -33.42
CA ASN A 635 -6.74 19.95 -34.38
C ASN A 635 -6.41 18.79 -35.33
N TRP A 636 -5.91 19.14 -36.51
CA TRP A 636 -5.58 18.17 -37.55
C TRP A 636 -4.16 18.45 -38.02
N GLN A 637 -3.44 17.39 -38.38
CA GLN A 637 -2.06 17.47 -38.83
C GLN A 637 -2.01 17.33 -40.35
N ILE A 638 -1.12 18.09 -40.98
CA ILE A 638 -1.08 18.25 -42.44
C ILE A 638 0.01 17.32 -43.00
N VAL A 639 -0.36 16.55 -44.03
CA VAL A 639 0.60 15.82 -44.84
C VAL A 639 0.50 16.33 -46.27
N ASN A 640 1.62 16.29 -47.00
CA ASN A 640 1.71 16.83 -48.34
C ASN A 640 1.94 15.70 -49.32
N ILE A 641 1.04 15.56 -50.29
CA ILE A 641 1.17 14.56 -51.34
C ILE A 641 0.99 15.21 -52.71
N HIS A 653 7.96 15.73 -60.25
CA HIS A 653 6.97 15.63 -59.17
C HIS A 653 6.85 16.95 -58.43
N VAL A 654 5.81 17.72 -58.77
CA VAL A 654 5.61 19.01 -58.14
C VAL A 654 5.28 18.82 -56.67
N THR A 655 5.88 19.67 -55.82
CA THR A 655 5.70 19.60 -54.36
C THR A 655 5.54 21.03 -53.84
N LEU A 656 4.29 21.47 -53.72
CA LEU A 656 4.01 22.80 -53.19
C LEU A 656 4.19 22.82 -51.68
N SER A 657 4.99 23.78 -51.20
CA SER A 657 5.39 23.84 -49.79
C SER A 657 4.50 24.82 -49.04
N HIS A 658 4.37 24.63 -47.73
CA HIS A 658 3.42 25.42 -46.95
C HIS A 658 3.98 25.89 -45.61
N PRO A 659 3.49 27.01 -45.08
CA PRO A 659 4.00 27.52 -43.81
C PRO A 659 3.31 26.93 -42.59
N TYR A 660 2.05 26.53 -42.74
CA TYR A 660 1.28 26.06 -41.61
C TYR A 660 1.45 24.56 -41.44
N GLU A 661 1.54 24.12 -40.18
CA GLU A 661 1.75 22.71 -39.86
C GLU A 661 0.62 22.11 -39.03
N ILE A 662 -0.24 22.92 -38.43
CA ILE A 662 -1.38 22.43 -37.66
C ILE A 662 -2.60 23.24 -38.08
N ILE A 663 -3.78 22.62 -38.05
CA ILE A 663 -5.02 23.34 -38.33
C ILE A 663 -6.04 23.06 -37.24
N ASN A 664 -6.81 24.09 -36.89
CA ASN A 664 -7.81 24.04 -35.84
C ASN A 664 -9.20 24.30 -36.42
N ARG A 665 -10.19 23.59 -35.89
CA ARG A 665 -11.57 23.75 -36.33
C ARG A 665 -12.47 23.58 -35.12
N GLU A 666 -13.14 24.66 -34.72
CA GLU A 666 -14.07 24.61 -33.61
C GLU A 666 -15.05 25.77 -33.70
N CYS A 667 -16.29 25.51 -33.31
CA CYS A 667 -17.35 26.51 -33.30
C CYS A 667 -17.51 27.16 -34.67
N SER A 668 -17.46 26.34 -35.72
CA SER A 668 -17.57 26.79 -37.10
C SER A 668 -16.51 27.84 -37.43
N ASN A 669 -15.35 27.72 -36.79
CA ASN A 669 -14.23 28.64 -36.99
C ASN A 669 -12.99 27.83 -37.29
N THR A 670 -12.27 28.21 -38.35
CA THR A 670 -11.08 27.49 -38.79
C THR A 670 -9.87 28.39 -38.67
N LEU A 671 -8.79 27.85 -38.09
CA LEU A 671 -7.55 28.58 -37.89
C LEU A 671 -6.38 27.74 -38.37
N TYR A 672 -5.30 28.42 -38.76
CA TYR A 672 -4.07 27.78 -39.20
C TYR A 672 -2.96 28.18 -38.24
N LEU A 673 -2.30 27.19 -37.64
CA LEU A 673 -1.31 27.42 -36.60
C LEU A 673 0.03 26.84 -37.01
N HIS A 674 1.08 27.62 -36.79
CA HIS A 674 2.46 27.23 -37.05
C HIS A 674 3.22 27.21 -35.74
N LEU A 675 4.00 26.16 -35.52
CA LEU A 675 4.69 25.94 -34.25
C LEU A 675 6.20 25.91 -34.46
N GLU A 676 6.92 26.37 -33.44
CA GLU A 676 8.38 26.41 -33.48
C GLU A 676 8.90 26.48 -32.05
N GLU A 677 10.04 25.82 -31.82
CA GLU A 677 10.67 25.76 -30.50
C GLU A 677 9.70 25.19 -29.46
N CYS A 678 9.32 23.94 -29.68
CA CYS A 678 8.22 23.33 -28.97
C CYS A 678 8.74 22.15 -28.17
N ARG A 679 8.36 22.09 -26.90
CA ARG A 679 8.72 20.98 -26.04
C ARG A 679 7.55 20.04 -25.83
N ARG A 680 7.86 18.80 -25.49
CA ARG A 680 6.89 17.73 -25.36
C ARG A 680 6.76 17.28 -23.92
N LEU A 681 5.53 17.27 -23.41
CA LEU A 681 5.20 16.71 -22.11
C LEU A 681 4.05 15.73 -22.33
N ASP A 682 3.37 15.35 -21.25
CA ASP A 682 2.15 14.56 -21.39
C ASP A 682 1.19 15.22 -22.40
N TYR A 683 1.07 16.54 -22.34
CA TYR A 683 0.44 17.32 -23.39
C TYR A 683 1.54 17.97 -24.24
N VAL A 684 1.13 18.75 -25.25
CA VAL A 684 2.05 19.50 -26.08
C VAL A 684 1.93 20.97 -25.71
N ILE A 685 3.04 21.54 -25.22
CA ILE A 685 3.10 22.94 -24.82
C ILE A 685 4.18 23.62 -25.66
N CYS A 686 3.89 24.82 -26.14
CA CYS A 686 4.87 25.52 -26.95
C CYS A 686 4.63 27.02 -26.85
N ASP A 687 5.63 27.79 -27.25
CA ASP A 687 5.66 29.22 -26.97
C ASP A 687 5.37 30.10 -28.18
N VAL A 688 5.80 29.70 -29.37
CA VAL A 688 5.70 30.54 -30.56
C VAL A 688 4.58 29.98 -31.42
N VAL A 689 3.43 30.64 -31.38
CA VAL A 689 2.28 30.29 -32.22
C VAL A 689 1.75 31.58 -32.84
N LYS A 690 1.72 31.63 -34.16
CA LYS A 690 1.21 32.78 -34.90
C LYS A 690 0.17 32.32 -35.92
N ILE A 691 -0.95 33.03 -35.98
CA ILE A 691 -2.01 32.69 -36.93
C ILE A 691 -1.64 33.26 -38.29
N VAL A 692 -1.60 32.39 -39.30
CA VAL A 692 -1.18 32.75 -40.64
C VAL A 692 -2.29 32.38 -41.61
N GLN A 693 -2.63 33.30 -42.51
CA GLN A 693 -3.63 33.05 -43.53
C GLN A 693 -3.13 32.00 -44.53
N PRO A 694 -4.04 31.27 -45.17
CA PRO A 694 -3.63 30.26 -46.15
C PRO A 694 -2.91 30.89 -47.33
N CYS A 695 -2.03 30.09 -47.93
CA CYS A 695 -1.27 30.53 -49.10
C CYS A 695 -2.18 30.87 -50.27
N ASP A 703 0.90 33.20 -50.56
CA ASP A 703 2.33 33.50 -50.49
C ASP A 703 3.11 32.33 -49.92
N CYS A 704 3.57 31.44 -50.80
CA CYS A 704 4.32 30.26 -50.38
C CYS A 704 5.12 29.76 -51.58
N PRO A 705 6.42 29.51 -51.39
CA PRO A 705 7.26 29.07 -52.50
C PRO A 705 6.88 27.68 -53.01
N VAL A 706 7.51 27.30 -54.11
CA VAL A 706 7.31 26.00 -54.74
C VAL A 706 8.69 25.47 -55.15
N TRP A 707 8.90 24.17 -54.97
CA TRP A 707 10.07 23.50 -55.53
C TRP A 707 9.73 22.03 -55.77
N ALA A 708 10.19 21.53 -56.92
CA ALA A 708 9.80 20.22 -57.41
C ALA A 708 11.05 19.39 -57.67
N GLU A 709 10.83 18.10 -57.93
CA GLU A 709 11.89 17.14 -58.19
C GLU A 709 11.41 16.15 -59.24
N PRO A 710 12.21 15.83 -60.25
CA PRO A 710 11.82 14.80 -61.22
C PRO A 710 12.29 13.42 -60.83
N VAL A 711 11.59 12.38 -61.28
CA VAL A 711 11.88 11.01 -60.92
C VAL A 711 11.88 10.16 -62.18
N LYS A 712 12.61 9.05 -62.13
CA LYS A 712 12.68 8.11 -63.25
C LYS A 712 11.40 7.28 -63.27
N GLU A 713 10.61 7.44 -64.33
CA GLU A 713 9.36 6.71 -64.44
C GLU A 713 9.63 5.22 -64.63
N PRO A 714 8.73 4.33 -64.19
CA PRO A 714 7.49 4.67 -63.49
C PRO A 714 7.61 4.55 -61.97
N HIS A 715 6.72 5.24 -61.25
CA HIS A 715 6.64 5.14 -59.80
C HIS A 715 5.19 4.94 -59.39
N VAL A 716 4.95 4.07 -58.42
CA VAL A 716 3.61 3.79 -57.92
C VAL A 716 3.55 4.23 -56.46
N GLN A 717 2.69 5.19 -56.17
CA GLN A 717 2.51 5.72 -54.83
C GLN A 717 1.11 5.37 -54.35
N ILE A 718 1.01 4.34 -53.50
CA ILE A 718 -0.26 3.91 -52.93
C ILE A 718 -0.14 3.99 -51.41
N SER A 719 -1.07 4.71 -50.79
CA SER A 719 -1.08 4.89 -49.35
C SER A 719 -2.43 4.46 -48.77
N PRO A 720 -2.49 3.36 -48.03
CA PRO A 720 -3.74 3.00 -47.36
C PRO A 720 -4.05 3.96 -46.23
N LEU A 721 -5.34 4.16 -45.99
CA LEU A 721 -5.82 4.94 -44.86
C LEU A 721 -6.45 4.02 -43.82
N LYS A 722 -7.02 4.64 -42.79
CA LYS A 722 -7.59 3.91 -41.65
C LYS A 722 -9.10 4.03 -41.58
N ASN A 723 -9.77 4.34 -42.70
CA ASN A 723 -11.22 4.38 -42.70
C ASN A 723 -11.83 3.61 -43.88
N GLY A 724 -11.02 3.02 -44.75
CA GLY A 724 -11.55 2.24 -45.84
C GLY A 724 -11.40 2.89 -47.20
N SER A 725 -10.32 3.63 -47.40
CA SER A 725 -10.04 4.30 -48.67
C SER A 725 -8.57 4.11 -49.01
N TYR A 726 -8.15 4.71 -50.12
CA TYR A 726 -6.78 4.57 -50.59
C TYR A 726 -6.36 5.87 -51.26
N LEU A 727 -5.06 6.17 -51.19
CA LEU A 727 -4.48 7.31 -51.89
C LEU A 727 -3.62 6.78 -53.03
N VAL A 728 -3.92 7.22 -54.25
CA VAL A 728 -3.21 6.77 -55.45
C VAL A 728 -2.62 7.98 -56.14
N LEU A 729 -1.33 7.91 -56.43
CA LEU A 729 -0.65 8.89 -57.27
C LEU A 729 -0.31 8.25 -58.60
N ALA A 730 -0.84 8.80 -59.69
CA ALA A 730 -0.75 8.19 -61.01
C ALA A 730 0.41 8.81 -61.77
N SER A 731 1.50 8.04 -61.91
CA SER A 731 2.60 8.42 -62.78
C SER A 731 2.40 7.93 -64.21
N SER A 732 1.30 7.23 -64.46
CA SER A 732 0.98 6.72 -65.79
C SER A 732 -0.54 6.69 -65.92
N THR A 733 -1.03 6.04 -66.98
CA THR A 733 -2.46 5.87 -67.23
C THR A 733 -2.75 4.37 -67.27
N ASP A 734 -3.00 3.79 -66.11
CA ASP A 734 -3.23 2.36 -65.99
C ASP A 734 -4.44 2.11 -65.10
N CYS A 735 -5.06 0.94 -65.28
CA CYS A 735 -6.14 0.46 -64.42
C CYS A 735 -7.35 1.37 -64.62
N GLN A 736 -7.78 2.05 -63.56
CA GLN A 736 -8.79 3.11 -63.65
C GLN A 736 -8.37 4.27 -62.74
N ILE A 737 -7.61 5.19 -63.30
CA ILE A 737 -7.12 6.37 -62.58
C ILE A 737 -6.83 7.47 -63.60
N PRO A 738 -7.33 8.69 -63.39
CA PRO A 738 -6.97 9.79 -64.29
C PRO A 738 -5.49 10.11 -64.21
N PRO A 739 -4.89 10.55 -65.30
CA PRO A 739 -3.44 10.74 -65.33
C PRO A 739 -3.00 12.00 -64.59
N TYR A 740 -1.81 11.91 -63.97
CA TYR A 740 -1.08 13.07 -63.47
C TYR A 740 -1.82 13.81 -62.36
N VAL A 741 -2.78 13.14 -61.74
CA VAL A 741 -3.50 13.73 -60.60
C VAL A 741 -3.62 12.72 -59.47
N PRO A 742 -3.02 13.00 -58.31
CA PRO A 742 -3.27 12.15 -57.14
C PRO A 742 -4.72 12.26 -56.69
N SER A 743 -5.23 11.16 -56.12
CA SER A 743 -6.63 11.13 -55.73
C SER A 743 -6.83 10.11 -54.62
N VAL A 744 -8.02 10.16 -54.01
CA VAL A 744 -8.46 9.17 -53.03
C VAL A 744 -9.55 8.33 -53.67
N VAL A 745 -9.47 7.02 -53.45
CA VAL A 745 -10.33 6.06 -54.12
C VAL A 745 -10.93 5.10 -53.10
N THR A 746 -12.21 4.80 -53.29
CA THR A 746 -12.92 3.78 -52.54
C THR A 746 -13.55 2.82 -53.53
N VAL A 747 -13.34 1.53 -53.33
CA VAL A 747 -13.80 0.51 -54.26
C VAL A 747 -15.09 -0.11 -53.75
N ASN A 748 -15.78 -0.83 -54.64
CA ASN A 748 -17.03 -1.50 -54.31
C ASN A 748 -16.85 -3.01 -54.16
N GLU A 749 -16.15 -3.65 -55.10
CA GLU A 749 -15.89 -5.08 -55.05
C GLU A 749 -14.41 -5.34 -54.83
N THR A 750 -14.10 -6.48 -54.22
CA THR A 750 -12.72 -6.84 -53.95
C THR A 750 -11.97 -7.08 -55.26
N THR A 751 -11.07 -6.16 -55.61
CA THR A 751 -10.28 -6.24 -56.83
C THR A 751 -8.80 -6.16 -56.47
N GLN A 752 -7.96 -6.24 -57.51
CA GLN A 752 -6.51 -6.18 -57.33
C GLN A 752 -5.95 -5.27 -58.41
N CYS A 753 -5.64 -4.03 -58.04
CA CYS A 753 -5.12 -3.03 -58.95
C CYS A 753 -3.77 -2.53 -58.48
N PHE A 754 -2.90 -2.23 -59.45
CA PHE A 754 -1.59 -1.62 -59.23
C PHE A 754 -0.76 -2.41 -58.22
N GLY A 755 -0.80 -3.73 -58.37
CA GLY A 755 -0.01 -4.60 -57.51
C GLY A 755 -0.40 -4.54 -56.05
N VAL A 756 -1.69 -4.37 -55.75
CA VAL A 756 -2.18 -4.32 -54.38
C VAL A 756 -3.63 -4.76 -54.37
N THR A 757 -3.97 -5.66 -53.44
CA THR A 757 -5.34 -6.12 -53.31
C THR A 757 -6.19 -5.05 -52.64
N PHE A 758 -7.47 -5.05 -52.98
CA PHE A 758 -8.43 -4.10 -52.45
C PHE A 758 -9.58 -4.83 -51.78
N LYS A 759 -10.12 -4.24 -50.72
CA LYS A 759 -11.25 -4.78 -50.00
C LYS A 759 -12.26 -3.68 -49.73
N LYS A 760 -13.55 -4.02 -49.86
CA LYS A 760 -14.59 -3.03 -49.64
C LYS A 760 -14.78 -2.79 -48.14
N PRO A 761 -15.16 -1.58 -47.75
CA PRO A 761 -15.47 -1.29 -46.35
C PRO A 761 -16.86 -1.81 -45.99
N LEU A 762 -17.22 -1.60 -44.72
CA LEU A 762 -18.51 -2.00 -44.19
C LEU A 762 -19.29 -0.77 -43.76
N VAL A 763 -20.63 -0.92 -43.72
CA VAL A 763 -21.51 0.22 -43.46
C VAL A 763 -21.18 0.84 -42.10
N ALA A 764 -21.02 2.16 -42.10
CA ALA A 764 -20.72 2.91 -40.90
C ALA A 764 -21.78 3.97 -40.69
N GLU A 765 -22.21 4.14 -39.44
CA GLU A 765 -23.23 5.13 -39.12
C GLU A 765 -22.68 6.54 -39.31
N GLU A 766 -23.44 7.38 -40.01
CA GLU A 766 -23.01 8.75 -40.24
C GLU A 766 -23.04 9.55 -38.95
N LYS A 767 -22.04 10.43 -38.80
CA LYS A 767 -21.93 11.29 -37.64
C LYS A 767 -21.44 12.67 -38.07
N THR A 768 -21.70 13.66 -37.23
CA THR A 768 -21.25 15.02 -37.50
C THR A 768 -19.73 15.08 -37.51
N SER A 769 -19.19 15.82 -38.48
CA SER A 769 -17.76 15.91 -38.68
C SER A 769 -17.27 17.32 -38.40
N LEU A 770 -15.95 17.45 -38.21
CA LEU A 770 -15.28 18.73 -38.01
C LEU A 770 -14.20 18.86 -39.08
N GLU A 771 -14.56 18.52 -40.32
CA GLU A 771 -13.61 18.44 -41.41
C GLU A 771 -13.17 19.83 -41.85
N PRO A 772 -11.90 19.98 -42.25
CA PRO A 772 -11.41 21.27 -42.71
C PRO A 772 -11.57 21.50 -44.21
N GLN A 773 -12.76 21.93 -44.64
CA GLN A 773 -12.99 22.29 -46.03
C GLN A 773 -11.91 23.28 -46.49
N LEU A 774 -11.11 22.87 -47.47
CA LEU A 774 -9.90 23.58 -47.87
C LEU A 774 -10.21 24.49 -49.07
N PRO A 775 -9.56 25.67 -49.17
CA PRO A 775 -9.81 26.53 -50.33
C PRO A 775 -9.19 26.02 -51.61
N HIS A 776 -9.30 26.79 -52.69
CA HIS A 776 -8.95 26.33 -54.03
C HIS A 776 -8.12 27.38 -54.75
N LEU A 777 -7.07 26.93 -55.45
CA LEU A 777 -6.27 27.79 -56.31
C LEU A 777 -5.42 26.91 -57.21
N GLN A 778 -5.02 27.47 -58.36
CA GLN A 778 -4.25 26.75 -59.36
C GLN A 778 -2.78 27.18 -59.30
N LEU A 779 -1.99 26.69 -60.26
CA LEU A 779 -0.55 26.95 -60.29
C LEU A 779 -0.13 27.38 -61.69
N ARG A 780 1.17 27.46 -61.90
CA ARG A 780 1.73 27.93 -63.16
C ARG A 780 2.06 26.74 -64.06
N LEU A 781 1.62 26.81 -65.32
CA LEU A 781 1.76 25.74 -66.29
C LEU A 781 3.08 25.64 -67.05
N PRO A 782 3.77 26.75 -67.38
CA PRO A 782 4.80 26.68 -68.44
C PRO A 782 5.88 25.65 -68.15
N HIS A 783 6.26 24.92 -69.19
CA HIS A 783 7.12 23.74 -69.01
C HIS A 783 8.60 24.10 -69.10
N LEU A 784 8.92 25.30 -69.59
CA LEU A 784 10.31 25.67 -69.80
C LEU A 784 11.11 25.61 -68.51
N VAL A 785 10.53 26.12 -67.41
CA VAL A 785 11.20 26.06 -66.12
C VAL A 785 11.46 24.60 -65.72
N GLY A 786 10.51 23.72 -66.06
CA GLY A 786 10.70 22.30 -65.74
C GLY A 786 11.94 21.71 -66.37
N ILE A 787 12.43 22.32 -67.45
CA ILE A 787 13.67 21.84 -68.08
C ILE A 787 14.82 21.90 -67.09
N ILE A 788 14.85 22.93 -66.24
CA ILE A 788 15.88 23.07 -65.22
C ILE A 788 15.86 21.86 -64.31
N ALA A 789 14.66 21.34 -64.03
CA ALA A 789 14.55 20.15 -63.20
C ALA A 789 15.29 18.97 -63.81
N LYS A 790 15.24 18.85 -65.15
CA LYS A 790 15.93 17.75 -65.81
C LYS A 790 17.44 17.94 -65.75
N ILE A 791 17.89 19.17 -65.45
CA ILE A 791 19.33 19.45 -65.45
C ILE A 791 20.00 18.81 -64.23
N LYS A 792 19.58 19.23 -63.04
CA LYS A 792 20.20 18.79 -61.79
C LYS A 792 19.41 17.71 -61.08
N GLY A 793 18.11 17.94 -60.84
CA GLY A 793 17.28 17.03 -60.10
C GLY A 793 17.09 17.39 -58.64
N ILE A 794 17.97 18.23 -58.09
CA ILE A 794 17.78 18.72 -56.73
C ILE A 794 16.64 19.72 -56.71
N LYS A 795 15.79 19.63 -55.69
CA LYS A 795 14.63 20.51 -55.60
C LYS A 795 15.07 21.96 -55.50
N ILE A 796 14.79 22.73 -56.55
CA ILE A 796 15.20 24.13 -56.63
C ILE A 796 13.95 25.00 -56.65
N GLU A 797 14.04 26.15 -55.99
CA GLU A 797 12.88 27.00 -55.81
C GLU A 797 12.50 27.71 -57.10
N VAL A 798 11.20 27.72 -57.40
CA VAL A 798 10.62 28.52 -58.46
C VAL A 798 9.59 29.43 -57.79
N THR A 799 9.74 30.73 -57.96
CA THR A 799 8.94 31.69 -57.21
C THR A 799 7.46 31.58 -57.58
N SER A 800 6.61 31.82 -56.58
CA SER A 800 5.17 31.81 -56.77
C SER A 800 4.50 32.96 -56.02
N GLU B 49 51.04 -10.67 -35.42
CA GLU B 49 50.45 -10.67 -34.09
C GLU B 49 49.09 -9.98 -34.10
N VAL B 50 48.89 -9.10 -35.08
CA VAL B 50 47.65 -8.34 -35.22
C VAL B 50 46.77 -9.05 -36.25
N ASN B 51 45.48 -9.12 -35.96
CA ASN B 51 44.51 -9.71 -36.87
C ASN B 51 43.68 -8.63 -37.53
N MET B 52 43.64 -8.64 -38.86
CA MET B 52 42.88 -7.69 -39.64
C MET B 52 41.87 -8.43 -40.51
N THR B 53 40.61 -8.03 -40.41
CA THR B 53 39.53 -8.58 -41.22
C THR B 53 38.89 -7.46 -42.01
N SER B 54 38.41 -7.78 -43.21
CA SER B 54 37.76 -6.81 -44.07
C SER B 54 36.25 -7.01 -43.94
N ILE B 55 35.56 -5.96 -43.49
CA ILE B 55 34.10 -6.02 -43.43
C ILE B 55 33.61 -6.07 -44.88
N PRO B 56 32.84 -7.09 -45.24
CA PRO B 56 32.43 -7.23 -46.64
C PRO B 56 31.50 -6.12 -47.05
N GLN B 57 31.62 -5.71 -48.32
CA GLN B 57 30.57 -5.01 -49.04
C GLN B 57 30.28 -3.63 -48.45
N GLY B 58 31.10 -3.19 -47.49
CA GLY B 58 31.05 -1.84 -46.98
C GLY B 58 30.00 -1.56 -45.92
N VAL B 59 29.50 -2.59 -45.24
CA VAL B 59 28.42 -2.46 -44.28
C VAL B 59 28.80 -3.18 -42.98
N PHE B 60 28.59 -2.52 -41.84
CA PHE B 60 28.80 -3.15 -40.55
C PHE B 60 27.47 -3.16 -39.80
N TYR B 61 27.43 -3.85 -38.66
CA TYR B 61 26.18 -4.14 -37.98
C TYR B 61 26.38 -4.23 -36.49
N GLN B 62 25.41 -3.74 -35.74
CA GLN B 62 25.41 -3.71 -34.29
C GLN B 62 24.09 -4.26 -33.74
N PRO B 63 24.10 -4.81 -32.54
CA PRO B 63 22.87 -5.38 -31.99
C PRO B 63 21.84 -4.32 -31.66
N HIS B 64 20.56 -4.69 -31.81
CA HIS B 64 19.43 -3.82 -31.51
C HIS B 64 18.43 -4.61 -30.67
N PRO B 65 18.48 -4.47 -29.34
CA PRO B 65 17.68 -5.38 -28.49
C PRO B 65 16.17 -5.24 -28.65
N GLU B 66 15.69 -4.13 -29.20
CA GLU B 66 14.26 -3.88 -29.25
C GLU B 66 13.57 -4.77 -30.28
N PRO B 67 12.56 -5.55 -29.88
CA PRO B 67 11.82 -6.36 -30.86
C PRO B 67 10.94 -5.49 -31.75
N ILE B 68 10.49 -6.08 -32.86
CA ILE B 68 9.66 -5.39 -33.83
C ILE B 68 8.33 -6.13 -33.96
N ILE B 69 7.24 -5.37 -34.09
CA ILE B 69 5.90 -5.92 -34.29
C ILE B 69 5.29 -5.25 -35.51
N HIS B 70 4.62 -6.04 -36.34
CA HIS B 70 3.93 -5.56 -37.53
C HIS B 70 2.46 -5.36 -37.20
N THR B 71 1.94 -4.17 -37.48
CA THR B 71 0.60 -3.81 -37.05
C THR B 71 -0.46 -4.54 -37.87
N GLU B 72 -1.52 -4.94 -37.18
CA GLU B 72 -2.70 -5.53 -37.80
C GLU B 72 -3.92 -4.74 -37.34
N ARG B 73 -5.12 -5.29 -37.57
CA ARG B 73 -6.35 -4.61 -37.17
C ARG B 73 -6.29 -4.23 -35.69
N VAL B 74 -6.60 -2.98 -35.38
CA VAL B 74 -6.43 -2.42 -34.05
C VAL B 74 -7.82 -2.30 -33.43
N LEU B 75 -8.05 -3.07 -32.37
CA LEU B 75 -9.35 -3.12 -31.70
C LEU B 75 -9.37 -2.16 -30.51
N GLY B 76 -10.58 -1.70 -30.18
CA GLY B 76 -10.78 -0.90 -28.99
C GLY B 76 -12.10 -1.21 -28.31
N LEU B 77 -12.11 -1.22 -26.99
CA LEU B 77 -13.31 -1.56 -26.23
C LEU B 77 -13.48 -0.55 -25.09
N SER B 78 -14.73 -0.37 -24.67
CA SER B 78 -15.08 0.60 -23.64
C SER B 78 -15.63 -0.12 -22.41
N GLN B 79 -15.11 0.26 -21.25
CA GLN B 79 -15.52 -0.32 -19.98
C GLN B 79 -15.96 0.76 -19.02
N VAL B 80 -17.14 0.58 -18.43
CA VAL B 80 -17.65 1.48 -17.40
C VAL B 80 -17.58 0.75 -16.07
N LEU B 81 -16.88 1.35 -15.11
CA LEU B 81 -16.65 0.75 -13.80
C LEU B 81 -17.39 1.55 -12.76
N MET B 82 -18.22 0.87 -11.97
CA MET B 82 -19.04 1.52 -10.95
C MET B 82 -18.60 1.03 -9.57
N ILE B 83 -18.38 1.97 -8.66
CA ILE B 83 -17.91 1.68 -7.30
C ILE B 83 -18.94 2.19 -6.30
N ASN B 84 -19.39 1.29 -5.43
CA ASN B 84 -20.37 1.61 -4.40
C ASN B 84 -19.79 1.26 -3.04
N SER B 85 -19.82 2.22 -2.12
CA SER B 85 -19.28 1.99 -0.78
C SER B 85 -20.24 1.15 0.07
N GLU B 86 -21.55 1.28 -0.17
CA GLU B 86 -22.54 0.58 0.65
C GLU B 86 -22.41 -0.93 0.50
N ASN B 87 -22.15 -1.40 -0.73
CA ASN B 87 -22.05 -2.84 -0.95
C ASN B 87 -20.89 -3.45 -0.19
N VAL B 88 -19.72 -2.78 -0.20
CA VAL B 88 -18.57 -3.31 0.53
C VAL B 88 -18.76 -3.11 2.03
N ALA B 89 -19.55 -2.12 2.42
CA ALA B 89 -19.82 -1.90 3.84
C ALA B 89 -20.63 -3.05 4.44
N ASN B 90 -21.60 -3.57 3.69
CA ASN B 90 -22.47 -4.62 4.21
C ASN B 90 -21.68 -5.90 4.49
N SER B 91 -20.79 -6.29 3.58
CA SER B 91 -20.06 -7.54 3.75
C SER B 91 -19.09 -7.46 4.92
N ALA B 92 -18.51 -6.29 5.16
CA ALA B 92 -17.48 -6.15 6.18
C ALA B 92 -18.04 -6.07 7.59
N ASN B 93 -19.37 -6.02 7.76
CA ASN B 93 -19.99 -5.82 9.06
C ASN B 93 -19.44 -4.58 9.74
N LEU B 94 -19.39 -3.48 8.99
CA LEU B 94 -18.56 -2.34 9.32
C LEU B 94 -19.35 -1.32 10.15
N SER B 95 -18.71 -0.79 11.18
CA SER B 95 -19.39 0.10 12.13
C SER B 95 -19.68 1.45 11.49
N GLN B 96 -20.55 2.22 12.16
CA GLN B 96 -21.03 3.48 11.59
C GLN B 96 -19.90 4.49 11.43
N GLU B 97 -19.13 4.73 12.49
CA GLU B 97 -18.03 5.68 12.41
C GLU B 97 -16.97 5.23 11.41
N THR B 98 -16.74 3.92 11.34
CA THR B 98 -15.79 3.40 10.37
C THR B 98 -16.28 3.62 8.94
N LYS B 99 -17.58 3.51 8.70
CA LYS B 99 -18.11 3.85 7.38
C LYS B 99 -17.98 5.35 7.11
N ALA B 100 -18.18 6.18 8.13
CA ALA B 100 -18.00 7.61 7.96
C ALA B 100 -16.55 7.94 7.60
N LEU B 101 -15.61 7.16 8.11
CA LEU B 101 -14.21 7.32 7.69
C LEU B 101 -13.99 6.81 6.27
N LEU B 102 -14.59 5.66 5.94
CA LEU B 102 -14.36 5.03 4.64
C LEU B 102 -14.88 5.90 3.51
N THR B 103 -16.05 6.53 3.69
CA THR B 103 -16.59 7.36 2.62
C THR B 103 -15.67 8.53 2.32
N GLU B 104 -15.16 9.20 3.35
CA GLU B 104 -14.22 10.30 3.13
C GLU B 104 -12.94 9.80 2.47
N MET B 105 -12.45 8.64 2.91
CA MET B 105 -11.24 8.07 2.31
C MET B 105 -11.44 7.82 0.82
N VAL B 106 -12.61 7.33 0.44
CA VAL B 106 -12.89 7.09 -0.98
C VAL B 106 -13.02 8.40 -1.74
N ASN B 107 -13.72 9.38 -1.15
CA ASN B 107 -13.93 10.65 -1.86
C ASN B 107 -12.62 11.38 -2.11
N GLU B 108 -11.68 11.30 -1.16
CA GLU B 108 -10.39 11.97 -1.39
C GLU B 108 -9.71 11.43 -2.64
N GLU B 109 -9.59 10.11 -2.75
CA GLU B 109 -8.93 9.52 -3.92
C GLU B 109 -9.72 9.78 -5.19
N MET B 110 -11.05 9.71 -5.13
CA MET B 110 -11.86 9.96 -6.33
C MET B 110 -11.68 11.39 -6.82
N GLN B 111 -11.68 12.36 -5.91
CA GLN B 111 -11.46 13.75 -6.30
C GLN B 111 -10.06 13.93 -6.86
N GLY B 112 -9.07 13.29 -6.24
CA GLY B 112 -7.71 13.38 -6.76
C GLY B 112 -7.59 12.84 -8.17
N LEU B 113 -8.28 11.73 -8.46
CA LEU B 113 -8.23 11.16 -9.80
C LEU B 113 -8.98 12.03 -10.80
N SER B 114 -10.16 12.53 -10.42
CA SER B 114 -10.99 13.27 -11.37
C SER B 114 -10.45 14.67 -11.62
N ASP B 115 -9.63 15.18 -10.68
CA ASP B 115 -9.18 16.56 -10.80
C ASP B 115 -8.07 16.68 -11.84
N VAL B 116 -7.29 15.63 -12.05
CA VAL B 116 -6.09 15.70 -12.89
C VAL B 116 -6.32 15.13 -14.28
N MET B 117 -7.58 14.98 -14.71
CA MET B 117 -7.89 14.45 -16.03
C MET B 117 -9.05 15.21 -16.63
N ILE B 118 -8.98 15.49 -17.92
CA ILE B 118 -10.04 16.19 -18.65
C ILE B 118 -10.83 15.18 -19.47
N ASP B 119 -12.04 15.55 -19.85
CA ASP B 119 -12.93 14.62 -20.54
C ASP B 119 -12.69 14.63 -22.04
N PHE B 120 -13.00 13.49 -22.67
CA PHE B 120 -12.94 13.35 -24.11
C PHE B 120 -14.28 12.85 -24.64
N GLU B 121 -14.34 12.45 -25.91
CA GLU B 121 -15.60 12.01 -26.52
C GLU B 121 -15.37 10.72 -27.30
N ILE B 122 -15.91 9.63 -26.79
CA ILE B 122 -15.88 8.34 -27.51
C ILE B 122 -17.12 8.25 -28.40
N PRO B 123 -16.95 8.05 -29.72
CA PRO B 123 -18.10 8.12 -30.63
C PRO B 123 -19.03 6.91 -30.57
N LEU B 124 -18.90 6.03 -29.58
CA LEU B 124 -19.74 4.83 -29.55
C LEU B 124 -21.21 5.21 -29.37
N GLY B 125 -21.52 6.00 -28.36
CA GLY B 125 -22.89 6.39 -28.12
C GLY B 125 -23.17 6.55 -26.64
N ASP B 126 -24.45 6.44 -26.29
CA ASP B 126 -24.91 6.60 -24.92
C ASP B 126 -24.91 5.25 -24.21
N PRO B 127 -24.20 5.10 -23.10
CA PRO B 127 -24.21 3.81 -22.39
C PRO B 127 -25.47 3.59 -21.57
N ARG B 128 -26.38 4.56 -21.54
CA ARG B 128 -27.60 4.41 -20.75
C ARG B 128 -28.52 3.34 -21.32
N ASP B 129 -28.57 3.23 -22.65
CA ASP B 129 -29.59 2.40 -23.29
C ASP B 129 -29.22 0.92 -23.29
N GLN B 130 -28.01 0.59 -22.84
CA GLN B 130 -27.59 -0.80 -22.82
C GLN B 130 -28.41 -1.60 -21.83
N GLU B 131 -28.82 -2.80 -22.26
CA GLU B 131 -29.64 -3.65 -21.39
C GLU B 131 -28.85 -4.14 -20.18
N GLN B 132 -27.59 -4.52 -20.38
CA GLN B 132 -26.78 -5.04 -19.27
C GLN B 132 -26.56 -3.95 -18.22
N TYR B 133 -26.29 -2.73 -18.67
CA TYR B 133 -26.10 -1.61 -17.74
C TYR B 133 -27.36 -1.36 -16.92
N ILE B 134 -28.53 -1.51 -17.53
CA ILE B 134 -29.78 -1.33 -16.80
C ILE B 134 -29.90 -2.32 -15.65
N HIS B 135 -29.65 -3.60 -15.94
CA HIS B 135 -29.73 -4.63 -14.90
C HIS B 135 -28.71 -4.37 -13.81
N ARG B 136 -27.47 -4.05 -14.20
CA ARG B 136 -26.43 -3.82 -13.21
C ARG B 136 -26.75 -2.62 -12.33
N LYS B 137 -27.31 -1.56 -12.92
CA LYS B 137 -27.60 -0.36 -12.15
C LYS B 137 -28.78 -0.58 -11.20
N CYS B 138 -29.79 -1.32 -11.64
CA CYS B 138 -30.87 -1.68 -10.71
C CYS B 138 -30.33 -2.55 -9.56
N TYR B 139 -29.46 -3.50 -9.87
CA TYR B 139 -29.01 -4.43 -8.84
C TYR B 139 -28.06 -3.79 -7.85
N GLN B 140 -27.26 -2.81 -8.30
CA GLN B 140 -26.27 -2.21 -7.40
C GLN B 140 -26.93 -1.57 -6.18
N GLU B 141 -28.08 -0.93 -6.37
CA GLU B 141 -28.70 -0.16 -5.29
C GLU B 141 -30.02 -0.72 -4.81
N PHE B 142 -30.83 -1.33 -5.68
CA PHE B 142 -32.21 -1.62 -5.34
C PHE B 142 -32.50 -3.12 -5.27
N ALA B 143 -31.48 -3.95 -5.02
CA ALA B 143 -31.68 -5.39 -5.13
C ALA B 143 -32.46 -5.96 -3.96
N HIS B 144 -32.17 -5.50 -2.74
CA HIS B 144 -32.67 -6.15 -1.54
C HIS B 144 -33.83 -5.42 -0.87
N CYS B 145 -34.45 -4.46 -1.55
CA CYS B 145 -35.55 -3.72 -0.95
C CYS B 145 -36.89 -4.35 -1.30
N TYR B 146 -37.78 -4.40 -0.32
CA TYR B 146 -39.11 -4.98 -0.49
C TYR B 146 -40.14 -4.14 0.25
N LEU B 147 -41.41 -4.41 -0.04
CA LEU B 147 -42.51 -3.73 0.62
C LEU B 147 -43.53 -4.77 1.09
N VAL B 148 -44.05 -4.58 2.30
CA VAL B 148 -45.00 -5.50 2.90
C VAL B 148 -46.23 -4.71 3.32
N LYS B 149 -47.41 -5.21 2.93
CA LYS B 149 -48.67 -4.54 3.20
C LYS B 149 -49.56 -5.43 4.07
N TYR B 150 -50.18 -4.84 5.08
CA TYR B 150 -51.14 -5.57 5.90
C TYR B 150 -52.49 -5.63 5.20
N LYS B 151 -53.30 -6.60 5.64
CA LYS B 151 -54.70 -6.61 5.24
C LYS B 151 -55.49 -5.53 5.98
N THR B 152 -55.17 -5.32 7.25
CA THR B 152 -55.75 -4.26 8.05
C THR B 152 -54.76 -3.89 9.14
N PRO B 153 -54.76 -2.62 9.59
CA PRO B 153 -53.83 -2.22 10.65
C PRO B 153 -54.01 -3.07 11.91
N GLN B 154 -52.87 -3.42 12.52
CA GLN B 154 -52.85 -4.21 13.74
C GLN B 154 -51.51 -4.04 14.45
N PRO B 155 -51.36 -3.02 15.29
CA PRO B 155 -50.06 -2.77 15.92
C PRO B 155 -49.84 -3.59 17.18
N TRP B 156 -48.72 -3.31 17.83
CA TRP B 156 -48.34 -4.05 19.02
C TRP B 156 -49.21 -3.60 20.21
N PRO B 157 -49.93 -4.53 20.84
CA PRO B 157 -50.84 -4.13 21.93
C PRO B 157 -50.13 -3.90 23.25
N ASN B 158 -49.10 -4.69 23.53
CA ASN B 158 -48.47 -4.65 24.84
C ASN B 158 -47.55 -3.44 24.96
N GLU B 159 -47.20 -3.11 26.21
CA GLU B 159 -46.29 -2.01 26.49
C GLU B 159 -44.89 -2.49 26.85
N GLY B 160 -44.74 -3.72 27.32
CA GLY B 160 -43.43 -4.24 27.68
C GLY B 160 -43.19 -5.64 27.16
N LEU B 161 -42.03 -5.86 26.56
CA LEU B 161 -41.69 -7.17 26.00
C LEU B 161 -41.04 -8.02 27.08
N ILE B 162 -41.64 -9.16 27.37
CA ILE B 162 -41.13 -10.08 28.39
C ILE B 162 -40.39 -11.18 27.65
N ALA B 163 -39.09 -10.97 27.45
CA ALA B 163 -38.23 -11.94 26.79
C ALA B 163 -36.92 -12.04 27.55
N ASP B 164 -36.53 -13.26 27.92
CA ASP B 164 -35.33 -13.47 28.72
C ASP B 164 -34.29 -14.31 27.99
N GLN B 165 -34.43 -14.49 26.67
CA GLN B 165 -33.43 -15.22 25.90
C GLN B 165 -32.18 -14.39 25.65
N CYS B 166 -32.23 -13.09 25.89
CA CYS B 166 -31.09 -12.21 25.63
C CYS B 166 -30.29 -12.03 26.90
N PRO B 167 -29.00 -12.36 26.90
CA PRO B 167 -28.18 -12.15 28.11
C PRO B 167 -28.14 -10.68 28.50
N LEU B 168 -28.28 -10.43 29.78
CA LEU B 168 -28.26 -9.07 30.31
C LEU B 168 -26.82 -8.60 30.53
N PRO B 169 -26.59 -7.29 30.54
CA PRO B 169 -25.24 -6.78 30.82
C PRO B 169 -24.76 -7.22 32.20
N GLY B 170 -23.47 -7.50 32.29
CA GLY B 170 -22.87 -7.96 33.53
C GLY B 170 -22.59 -6.82 34.50
N LEU B 171 -21.99 -7.19 35.63
CA LEU B 171 -21.65 -6.20 36.64
C LEU B 171 -20.60 -5.22 36.13
N ALA B 172 -19.61 -5.72 35.38
CA ALA B 172 -18.55 -4.87 34.87
C ALA B 172 -19.09 -3.87 33.86
N ASP B 173 -18.43 -2.72 33.78
CA ASP B 173 -18.84 -1.68 32.83
C ASP B 173 -18.72 -2.16 31.39
N VAL B 174 -17.62 -2.84 31.07
CA VAL B 174 -17.44 -3.39 29.73
C VAL B 174 -18.20 -4.69 29.62
N SER B 175 -18.85 -4.91 28.47
CA SER B 175 -19.63 -6.12 28.27
C SER B 175 -18.72 -7.27 27.86
N PHE B 176 -18.67 -8.31 28.70
CA PHE B 176 -17.88 -9.49 28.37
C PHE B 176 -18.42 -10.17 27.12
N TYR B 177 -19.74 -10.29 27.03
CA TYR B 177 -20.37 -10.86 25.86
C TYR B 177 -20.39 -9.84 24.71
N PRO B 178 -20.49 -10.30 23.47
CA PRO B 178 -20.62 -9.36 22.35
C PRO B 178 -21.91 -8.57 22.45
N TYR B 179 -21.89 -7.36 21.89
CA TYR B 179 -23.02 -6.44 21.99
C TYR B 179 -24.29 -7.07 21.42
N GLN B 180 -25.40 -6.89 22.12
CA GLN B 180 -26.71 -7.32 21.68
C GLN B 180 -27.58 -6.09 21.42
N ALA B 181 -28.29 -6.09 20.30
CA ALA B 181 -29.07 -4.91 19.90
C ALA B 181 -30.19 -4.60 20.87
N ILE B 182 -30.87 -5.62 21.41
CA ILE B 182 -32.04 -5.40 22.26
C ILE B 182 -31.72 -4.56 23.48
N TRP B 183 -30.45 -4.42 23.85
CA TRP B 183 -30.08 -3.56 24.97
C TRP B 183 -30.48 -2.11 24.74
N ASP B 184 -30.71 -1.72 23.49
CA ASP B 184 -31.20 -0.37 23.22
C ASP B 184 -32.60 -0.12 23.79
N TYR B 185 -33.35 -1.17 24.11
CA TYR B 185 -34.68 -1.01 24.66
C TYR B 185 -34.77 -1.64 26.05
N TYR B 186 -33.76 -1.41 26.88
CA TYR B 186 -33.67 -2.02 28.20
C TYR B 186 -33.76 -0.96 29.27
N ALA B 187 -34.43 -1.28 30.37
CA ALA B 187 -34.59 -0.39 31.51
C ALA B 187 -33.53 -0.72 32.54
N LYS B 188 -32.71 0.27 32.90
CA LYS B 188 -31.60 0.06 33.82
C LYS B 188 -32.05 0.26 35.25
N ILE B 189 -31.59 -0.61 36.14
CA ILE B 189 -31.90 -0.50 37.56
C ILE B 189 -30.86 0.40 38.22
N GLU B 190 -31.34 1.39 38.97
CA GLU B 190 -30.46 2.34 39.65
C GLU B 190 -30.60 2.18 41.16
N ASN B 191 -29.46 2.05 41.83
CA ASN B 191 -29.45 1.93 43.29
C ASN B 191 -29.78 3.23 44.00
N ILE B 192 -29.48 4.38 43.37
CA ILE B 192 -29.79 5.69 43.92
C ILE B 192 -30.86 6.33 43.05
N ARG B 193 -31.93 6.79 43.68
CA ARG B 193 -33.09 7.32 42.96
C ARG B 193 -33.49 8.66 43.53
N PRO B 194 -34.07 9.53 42.71
CA PRO B 194 -34.62 10.79 43.22
C PRO B 194 -35.93 10.55 43.97
N ALA B 195 -36.42 11.63 44.59
CA ALA B 195 -37.65 11.54 45.36
C ALA B 195 -38.84 11.26 44.45
N ASN B 196 -39.64 10.27 44.82
CA ASN B 196 -40.86 9.91 44.10
C ASN B 196 -40.58 9.59 42.64
N TRP B 197 -39.79 8.55 42.42
CA TRP B 197 -39.50 8.03 41.09
C TRP B 197 -40.21 6.70 40.92
N THR B 198 -41.07 6.61 39.91
CA THR B 198 -41.82 5.41 39.64
C THR B 198 -41.80 5.12 38.14
N SER B 199 -41.93 3.83 37.80
CA SER B 199 -41.95 3.45 36.38
C SER B 199 -43.21 3.92 35.68
N SER B 200 -44.31 4.12 36.41
CA SER B 200 -45.54 4.59 35.78
C SER B 200 -45.39 6.00 35.24
N LYS B 201 -44.55 6.82 35.88
CA LYS B 201 -44.39 8.21 35.44
C LYS B 201 -43.73 8.29 34.06
N LEU B 202 -42.70 7.50 33.82
CA LEU B 202 -41.95 7.56 32.58
C LEU B 202 -41.97 6.25 31.80
N TYR B 203 -41.72 5.12 32.45
CA TYR B 203 -41.49 3.86 31.77
C TYR B 203 -42.77 3.05 31.58
N GLY B 204 -43.94 3.67 31.80
CA GLY B 204 -45.19 2.97 31.54
C GLY B 204 -45.46 1.87 32.55
N LYS B 205 -46.26 0.89 32.11
CA LYS B 205 -46.66 -0.22 32.97
C LYS B 205 -45.66 -1.36 32.97
N ALA B 206 -44.64 -1.32 32.12
CA ALA B 206 -43.67 -2.40 32.05
C ALA B 206 -42.88 -2.50 33.33
N ARG B 207 -42.77 -3.71 33.87
CA ARG B 207 -42.02 -3.93 35.10
C ARG B 207 -40.53 -3.72 34.86
N MET B 208 -39.84 -3.18 35.87
CA MET B 208 -38.42 -2.92 35.74
C MET B 208 -37.65 -4.23 35.58
N GLY B 209 -36.57 -4.16 34.82
CA GLY B 209 -35.82 -5.33 34.44
C GLY B 209 -36.27 -5.98 33.15
N SER B 210 -37.40 -5.54 32.60
CA SER B 210 -37.89 -5.99 31.31
C SER B 210 -37.57 -4.95 30.24
N TYR B 211 -38.10 -5.14 29.05
CA TYR B 211 -37.84 -4.27 27.92
C TYR B 211 -39.08 -3.41 27.63
N TYR B 212 -38.85 -2.12 27.42
CA TYR B 212 -39.91 -1.16 27.12
C TYR B 212 -39.83 -0.74 25.66
N ILE B 213 -40.98 -0.74 24.99
CA ILE B 213 -41.07 -0.42 23.57
C ILE B 213 -41.49 1.04 23.44
N PRO B 214 -40.75 1.87 22.69
CA PRO B 214 -41.14 3.27 22.54
C PRO B 214 -42.48 3.44 21.81
N LYS B 215 -43.01 4.66 21.80
CA LYS B 215 -44.32 4.90 21.22
C LYS B 215 -44.30 4.89 19.70
N ARG B 216 -43.21 5.33 19.08
CA ARG B 216 -43.16 5.44 17.62
C ARG B 216 -43.13 4.08 16.94
N LEU B 217 -42.78 3.01 17.64
CA LEU B 217 -42.74 1.67 17.06
C LEU B 217 -44.11 1.00 17.07
N ARG B 218 -45.13 1.64 17.64
CA ARG B 218 -46.48 1.10 17.63
C ARG B 218 -47.44 2.22 17.28
N ASN B 219 -48.02 2.14 16.07
CA ASN B 219 -48.95 3.14 15.58
C ASN B 219 -50.19 2.47 15.01
N ILE B 220 -51.35 2.99 15.40
CA ILE B 220 -52.60 2.53 14.80
C ILE B 220 -52.64 2.90 13.32
N ASN B 221 -51.87 3.92 12.92
CA ASN B 221 -52.12 4.57 11.65
C ASN B 221 -51.12 4.13 10.57
N ASN B 222 -50.13 3.33 10.94
CA ASN B 222 -49.19 2.78 9.97
C ASN B 222 -49.85 1.70 9.13
N THR B 223 -49.45 1.60 7.86
CA THR B 223 -50.07 0.63 6.95
C THR B 223 -49.07 -0.15 6.11
N HIS B 224 -47.80 0.26 6.06
CA HIS B 224 -46.85 -0.40 5.17
C HIS B 224 -45.49 -0.46 5.84
N ILE B 225 -44.75 -1.53 5.54
CA ILE B 225 -43.42 -1.78 6.11
C ILE B 225 -42.46 -1.99 4.94
N LEU B 226 -41.22 -1.53 5.08
CA LEU B 226 -40.19 -1.88 4.11
C LEU B 226 -38.89 -2.21 4.82
N PHE B 227 -38.03 -2.97 4.16
CA PHE B 227 -36.75 -3.38 4.73
C PHE B 227 -35.80 -3.75 3.60
N CYS B 228 -34.64 -3.09 3.57
CA CYS B 228 -33.58 -3.42 2.62
C CYS B 228 -32.47 -4.19 3.35
N SER B 229 -32.77 -5.46 3.61
CA SER B 229 -31.89 -6.31 4.41
C SER B 229 -31.71 -7.66 3.74
N ASP B 230 -30.66 -8.37 4.14
CA ASP B 230 -30.31 -9.66 3.58
C ASP B 230 -30.56 -10.82 4.54
N VAL B 231 -31.10 -10.55 5.73
CA VAL B 231 -31.10 -11.57 6.78
C VAL B 231 -32.25 -12.55 6.61
N LEU B 232 -33.26 -12.19 5.82
CA LEU B 232 -34.42 -13.06 5.66
C LEU B 232 -34.20 -14.14 4.61
N TYR B 233 -33.07 -14.13 3.90
CA TYR B 233 -32.90 -15.05 2.78
C TYR B 233 -32.75 -16.48 3.26
N SER B 234 -33.11 -17.41 2.37
CA SER B 234 -33.17 -18.82 2.72
C SER B 234 -31.79 -19.47 2.67
N LYS B 235 -31.78 -20.80 2.76
CA LYS B 235 -30.56 -21.59 2.85
C LYS B 235 -29.70 -21.52 1.59
N TRP B 236 -30.30 -21.09 0.47
CA TRP B 236 -29.61 -21.03 -0.81
C TRP B 236 -28.89 -19.71 -1.03
N TYR B 237 -28.57 -19.00 0.05
CA TYR B 237 -27.86 -17.72 -0.02
C TYR B 237 -26.66 -17.82 0.92
N ASN B 238 -25.89 -18.90 0.75
CA ASN B 238 -24.70 -19.11 1.56
C ASN B 238 -23.71 -17.96 1.36
N LEU B 239 -23.20 -17.43 2.47
CA LEU B 239 -22.35 -16.25 2.42
C LEU B 239 -20.98 -16.58 1.86
N GLN B 240 -20.49 -17.80 2.09
CA GLN B 240 -19.15 -18.16 1.66
C GLN B 240 -19.03 -18.18 0.13
N ASN B 241 -20.16 -18.34 -0.56
CA ASN B 241 -20.16 -18.33 -2.02
C ASN B 241 -19.86 -16.92 -2.52
N SER B 242 -19.32 -16.85 -3.73
CA SER B 242 -18.92 -15.56 -4.29
C SER B 242 -20.14 -14.69 -4.57
N ILE B 243 -19.91 -13.38 -4.64
CA ILE B 243 -21.00 -12.43 -4.83
C ILE B 243 -21.66 -12.64 -6.20
N LEU B 244 -20.87 -13.00 -7.21
CA LEU B 244 -21.42 -13.21 -8.54
C LEU B 244 -22.43 -14.35 -8.56
N GLN B 245 -22.11 -15.45 -7.88
CA GLN B 245 -23.04 -16.58 -7.84
C GLN B 245 -24.34 -16.20 -7.14
N ASN B 246 -24.24 -15.47 -6.02
CA ASN B 246 -25.44 -15.06 -5.30
C ASN B 246 -26.28 -14.12 -6.16
N GLU B 247 -25.65 -13.18 -6.86
CA GLU B 247 -26.38 -12.26 -7.71
C GLU B 247 -27.09 -13.01 -8.84
N ASN B 248 -26.39 -13.94 -9.49
CA ASN B 248 -26.99 -14.69 -10.58
C ASN B 248 -28.15 -15.54 -10.08
N GLU B 249 -27.98 -16.21 -8.94
CA GLU B 249 -29.05 -17.05 -8.41
C GLU B 249 -30.26 -16.23 -8.01
N LEU B 250 -30.04 -15.06 -7.38
CA LEU B 250 -31.15 -14.20 -7.02
C LEU B 250 -31.88 -13.69 -8.26
N THR B 251 -31.12 -13.31 -9.29
CA THR B 251 -31.75 -12.84 -10.53
C THR B 251 -32.58 -13.94 -11.17
N LYS B 252 -32.07 -15.17 -11.18
CA LYS B 252 -32.83 -16.28 -11.75
C LYS B 252 -34.07 -16.57 -10.93
N ARG B 253 -33.98 -16.51 -9.60
CA ARG B 253 -35.10 -16.87 -8.75
C ARG B 253 -36.19 -15.80 -8.79
N LEU B 254 -35.80 -14.53 -8.87
CA LEU B 254 -36.79 -13.44 -8.81
C LEU B 254 -37.58 -13.29 -10.10
N SER B 255 -37.40 -14.17 -11.09
CA SER B 255 -38.20 -14.15 -12.30
C SER B 255 -39.26 -15.23 -12.32
N ASN B 256 -38.90 -16.46 -11.93
CA ASN B 256 -39.87 -17.53 -11.86
C ASN B 256 -40.93 -17.26 -10.80
N LEU B 257 -40.51 -16.73 -9.64
CA LEU B 257 -41.42 -16.59 -8.51
C LEU B 257 -42.38 -15.43 -8.68
N THR B 258 -41.95 -14.36 -9.33
CA THR B 258 -42.74 -13.13 -9.40
C THR B 258 -43.68 -13.13 -10.59
N ILE B 259 -44.85 -12.53 -10.40
CA ILE B 259 -45.81 -12.25 -11.47
C ILE B 259 -46.05 -10.75 -11.45
N GLY B 260 -45.73 -10.09 -12.56
CA GLY B 260 -45.79 -8.64 -12.56
C GLY B 260 -44.71 -8.08 -11.65
N ASN B 261 -45.13 -7.54 -10.51
CA ASN B 261 -44.21 -7.06 -9.48
C ASN B 261 -44.52 -7.60 -8.09
N LYS B 262 -45.57 -8.40 -7.94
CA LYS B 262 -45.96 -8.96 -6.65
C LYS B 262 -45.47 -10.39 -6.55
N LEU B 263 -45.10 -10.81 -5.34
CA LEU B 263 -44.59 -12.16 -5.12
C LEU B 263 -45.76 -13.14 -5.04
N LYS B 264 -45.59 -14.29 -5.69
CA LYS B 264 -46.55 -15.36 -5.51
C LYS B 264 -46.46 -15.94 -4.10
N ASN B 265 -47.55 -16.53 -3.64
CA ASN B 265 -47.61 -17.06 -2.28
C ASN B 265 -46.71 -18.28 -2.12
N ARG B 266 -46.20 -18.80 -3.23
CA ARG B 266 -45.32 -19.96 -3.20
C ARG B 266 -44.04 -19.68 -2.42
N ALA B 267 -43.56 -18.43 -2.40
CA ALA B 267 -42.28 -18.09 -1.80
C ALA B 267 -42.37 -17.63 -0.36
N LEU B 268 -43.42 -16.92 0.02
CA LEU B 268 -43.53 -16.39 1.37
C LEU B 268 -43.69 -17.53 2.38
N PRO B 269 -43.27 -17.34 3.62
CA PRO B 269 -43.47 -18.37 4.64
C PRO B 269 -44.95 -18.65 4.86
N TYR B 270 -45.26 -19.91 5.19
CA TYR B 270 -46.65 -20.32 5.33
C TYR B 270 -47.34 -19.59 6.49
N GLU B 271 -46.57 -19.17 7.50
CA GLU B 271 -47.17 -18.42 8.59
C GLU B 271 -47.70 -17.08 8.11
N TRP B 272 -46.96 -16.41 7.22
CA TRP B 272 -47.40 -15.12 6.71
C TRP B 272 -48.66 -15.25 5.86
N ALA B 273 -48.72 -16.27 5.01
CA ALA B 273 -49.88 -16.46 4.14
C ALA B 273 -49.98 -17.94 3.77
N LYS B 274 -51.20 -18.35 3.44
CA LYS B 274 -51.47 -19.73 3.10
C LYS B 274 -50.81 -20.11 1.76
N GLY B 275 -50.39 -21.36 1.66
CA GLY B 275 -49.77 -21.87 0.45
C GLY B 275 -48.29 -21.66 0.33
N GLY B 276 -47.63 -21.16 1.39
CA GLY B 276 -46.20 -20.92 1.32
C GLY B 276 -45.37 -22.19 1.39
N LEU B 277 -44.17 -22.10 0.84
CA LEU B 277 -43.23 -23.22 0.87
C LEU B 277 -41.80 -22.77 1.18
N ASN B 278 -41.60 -21.54 1.61
CA ASN B 278 -40.27 -21.02 1.97
C ASN B 278 -39.30 -21.13 0.80
N ARG B 279 -39.76 -20.71 -0.39
CA ARG B 279 -38.91 -20.73 -1.56
C ARG B 279 -37.94 -19.56 -1.62
N LEU B 280 -38.35 -18.38 -1.18
CA LEU B 280 -37.49 -17.20 -1.16
C LEU B 280 -37.09 -16.78 0.25
N PHE B 281 -38.06 -16.58 1.13
CA PHE B 281 -37.77 -16.21 2.51
C PHE B 281 -37.79 -17.45 3.40
N ARG B 282 -37.21 -17.32 4.58
CA ARG B 282 -37.17 -18.38 5.57
C ARG B 282 -38.07 -18.03 6.74
N ASN B 283 -38.11 -18.92 7.73
CA ASN B 283 -38.89 -18.68 8.93
C ASN B 283 -38.16 -17.71 9.85
N ILE B 284 -38.80 -17.37 10.96
CA ILE B 284 -38.22 -16.52 11.99
C ILE B 284 -38.03 -17.37 13.24
N SER B 285 -36.79 -17.47 13.70
CA SER B 285 -36.48 -18.27 14.88
C SER B 285 -36.74 -17.44 16.14
N VAL B 286 -36.54 -18.05 17.30
CA VAL B 286 -36.72 -17.37 18.57
C VAL B 286 -35.42 -16.77 19.07
N LEU B 287 -34.28 -17.37 18.71
CA LEU B 287 -33.00 -16.76 19.02
C LEU B 287 -32.75 -15.50 18.19
N ASP B 288 -33.46 -15.35 17.07
CA ASP B 288 -33.35 -14.16 16.24
C ASP B 288 -34.20 -13.03 16.79
N VAL B 289 -33.99 -12.70 18.07
CA VAL B 289 -34.72 -11.61 18.70
C VAL B 289 -33.79 -10.64 19.42
N CYS B 290 -32.57 -11.04 19.78
CA CYS B 290 -31.67 -10.20 20.55
C CYS B 290 -30.79 -9.31 19.68
N SER B 291 -30.81 -9.50 18.36
CA SER B 291 -30.06 -8.66 17.44
C SER B 291 -30.93 -7.97 16.40
N ARG B 292 -32.19 -8.38 16.26
CA ARG B 292 -33.10 -7.83 15.26
C ARG B 292 -34.47 -7.57 15.90
N PRO B 293 -34.55 -6.69 16.89
CA PRO B 293 -35.84 -6.47 17.57
C PRO B 293 -36.90 -5.91 16.65
N GLU B 294 -36.53 -5.10 15.65
CA GLU B 294 -37.51 -4.48 14.79
C GLU B 294 -38.32 -5.52 14.03
N MET B 295 -37.64 -6.57 13.52
CA MET B 295 -38.33 -7.59 12.74
C MET B 295 -39.38 -8.31 13.58
N VAL B 296 -39.01 -8.73 14.79
CA VAL B 296 -39.95 -9.46 15.62
C VAL B 296 -41.08 -8.55 16.10
N LEU B 297 -40.78 -7.27 16.35
CA LEU B 297 -41.83 -6.36 16.80
C LEU B 297 -42.76 -5.94 15.67
N LEU B 298 -42.33 -6.06 14.41
CA LEU B 298 -43.12 -5.54 13.30
C LEU B 298 -43.64 -6.61 12.35
N LEU B 299 -43.28 -7.88 12.52
CA LEU B 299 -43.67 -8.90 11.56
C LEU B 299 -44.34 -10.13 12.16
N ASN B 300 -44.13 -10.43 13.44
CA ASN B 300 -44.90 -11.49 14.08
C ASN B 300 -46.40 -11.29 13.96
N LYS B 301 -47.08 -12.35 13.52
CA LYS B 301 -48.52 -12.46 13.64
C LYS B 301 -48.94 -13.25 14.87
N THR B 302 -48.00 -13.72 15.67
CA THR B 302 -48.28 -14.44 16.90
C THR B 302 -47.19 -14.10 17.92
N TYR B 303 -47.59 -13.99 19.18
CA TYR B 303 -46.70 -13.55 20.25
C TYR B 303 -46.50 -14.67 21.26
N TYR B 304 -45.24 -14.90 21.65
CA TYR B 304 -44.89 -15.91 22.64
C TYR B 304 -44.00 -15.29 23.69
N THR B 305 -44.04 -15.87 24.89
CA THR B 305 -43.25 -15.37 26.01
C THR B 305 -42.42 -16.50 26.59
N PHE B 306 -41.13 -16.25 26.79
CA PHE B 306 -40.20 -17.20 27.41
C PHE B 306 -39.53 -16.50 28.58
N SER B 307 -40.08 -16.70 29.79
CA SER B 307 -39.61 -15.97 30.95
C SER B 307 -39.54 -16.91 32.14
N LEU B 308 -38.70 -16.54 33.10
CA LEU B 308 -38.55 -17.26 34.36
C LEU B 308 -38.99 -16.43 35.56
N TRP B 309 -39.70 -15.32 35.32
CA TRP B 309 -40.13 -14.46 36.41
C TRP B 309 -41.18 -15.15 37.27
N GLU B 310 -41.13 -14.88 38.57
CA GLU B 310 -42.11 -15.44 39.49
C GLU B 310 -43.50 -14.86 39.21
N GLY B 311 -44.52 -15.69 39.44
CA GLY B 311 -45.89 -15.29 39.18
C GLY B 311 -46.39 -15.59 37.78
N ASP B 312 -45.57 -16.22 36.94
CA ASP B 312 -45.96 -16.59 35.59
C ASP B 312 -46.14 -18.10 35.50
N CYS B 313 -47.15 -18.52 34.74
CA CYS B 313 -47.50 -19.93 34.58
C CYS B 313 -47.82 -20.59 35.92
N ASN B 314 -48.34 -19.81 36.86
CA ASN B 314 -48.71 -20.30 38.20
C ASN B 314 -47.54 -21.01 38.86
N ILE B 315 -46.36 -20.40 38.78
CA ILE B 315 -45.14 -20.96 39.33
C ILE B 315 -44.70 -20.11 40.52
N THR B 316 -44.51 -20.76 41.66
CA THR B 316 -44.06 -20.11 42.88
C THR B 316 -42.65 -20.59 43.22
N ARG B 317 -42.16 -20.18 44.39
CA ARG B 317 -40.82 -20.52 44.84
C ARG B 317 -40.76 -21.83 45.61
N TYR B 318 -41.87 -22.56 45.69
CA TYR B 318 -41.91 -23.78 46.50
C TYR B 318 -42.59 -24.94 45.76
N ASN B 319 -43.28 -24.64 44.67
CA ASN B 319 -44.03 -25.66 43.95
C ASN B 319 -43.20 -26.37 42.88
N VAL B 320 -41.91 -26.00 42.74
CA VAL B 320 -41.09 -26.49 41.64
C VAL B 320 -41.04 -28.01 41.62
N ASN B 321 -40.92 -28.63 42.79
CA ASN B 321 -40.87 -30.09 42.86
C ASN B 321 -42.10 -30.71 42.19
N GLU B 322 -43.27 -30.12 42.44
CA GLU B 322 -44.48 -30.64 41.80
C GLU B 322 -44.55 -30.23 40.32
N THR B 323 -43.97 -29.08 39.99
CA THR B 323 -44.14 -28.54 38.64
C THR B 323 -43.32 -29.32 37.61
N VAL B 324 -42.05 -29.59 37.92
CA VAL B 324 -41.11 -30.14 36.95
C VAL B 324 -40.84 -31.58 37.33
N PRO B 325 -41.22 -32.56 36.50
CA PRO B 325 -40.85 -33.96 36.78
C PRO B 325 -39.35 -34.19 36.81
N GLU B 326 -38.59 -33.43 36.03
CA GLU B 326 -37.16 -33.70 35.88
C GLU B 326 -36.43 -33.58 37.21
N CYS B 327 -36.71 -32.53 37.98
CA CYS B 327 -36.10 -32.38 39.30
C CYS B 327 -36.84 -33.14 40.38
N LYS B 328 -37.65 -34.14 40.01
CA LYS B 328 -38.30 -34.99 41.01
C LYS B 328 -37.26 -35.81 41.77
N ASP B 329 -36.17 -36.18 41.11
CA ASP B 329 -35.11 -36.92 41.77
C ASP B 329 -34.35 -36.03 42.74
N PHE B 330 -33.59 -36.66 43.63
CA PHE B 330 -32.83 -35.92 44.63
C PHE B 330 -31.75 -35.08 43.96
N PRO B 331 -31.64 -33.80 44.29
CA PRO B 331 -30.61 -32.93 43.69
C PRO B 331 -29.22 -33.18 44.26
N HIS B 332 -28.60 -34.26 43.80
CA HIS B 332 -27.27 -34.64 44.25
C HIS B 332 -26.53 -35.44 43.18
N ASP B 337 -24.92 -31.33 39.19
CA ASP B 337 -26.05 -30.43 39.00
C ASP B 337 -25.62 -28.97 39.08
N HIS B 338 -25.95 -28.20 38.05
CA HIS B 338 -25.59 -26.79 38.00
C HIS B 338 -26.42 -26.00 39.01
N PRO B 339 -25.86 -24.90 39.52
CA PRO B 339 -26.61 -24.09 40.49
C PRO B 339 -27.91 -23.53 39.95
N TYR B 340 -28.01 -23.35 38.62
CA TYR B 340 -29.21 -22.75 38.05
C TYR B 340 -30.31 -23.77 37.84
N SER B 341 -30.03 -25.05 38.12
CA SER B 341 -31.00 -26.10 37.87
C SER B 341 -32.19 -25.99 38.82
N CYS B 342 -33.38 -25.85 38.23
CA CYS B 342 -34.63 -25.69 38.97
C CYS B 342 -34.51 -24.63 40.06
N ARG B 343 -34.19 -23.42 39.63
CA ARG B 343 -34.09 -22.29 40.54
C ARG B 343 -34.79 -21.06 39.96
N TYR B 347 -36.73 -13.37 42.11
CA TYR B 347 -37.88 -13.88 42.83
C TYR B 347 -38.78 -12.75 43.32
N ARG B 348 -39.87 -13.13 43.98
CA ARG B 348 -40.81 -12.15 44.51
C ARG B 348 -40.33 -11.66 45.88
N GLU B 349 -40.22 -10.34 46.01
CA GLU B 349 -39.70 -9.76 47.25
C GLU B 349 -40.31 -8.40 47.56
N GLY B 350 -41.36 -8.39 48.38
CA GLY B 350 -41.92 -7.16 48.91
C GLY B 350 -42.51 -6.25 47.84
N LYS B 351 -43.11 -5.17 48.32
CA LYS B 351 -43.67 -4.17 47.43
C LYS B 351 -42.61 -3.15 47.02
N GLU B 352 -42.94 -2.35 46.02
CA GLU B 352 -42.05 -1.27 45.59
C GLU B 352 -41.80 -0.32 46.75
N GLU B 353 -40.52 0.00 46.98
CA GLU B 353 -40.19 0.77 48.17
C GLU B 353 -39.22 1.90 47.81
N VAL B 354 -39.42 3.03 48.47
CA VAL B 354 -38.47 4.14 48.43
C VAL B 354 -38.16 4.54 49.87
N LYS B 355 -36.88 4.43 50.22
CA LYS B 355 -36.43 4.75 51.57
C LYS B 355 -35.39 5.85 51.49
N CYS B 356 -35.62 6.94 52.21
CA CYS B 356 -34.70 8.07 52.19
C CYS B 356 -34.75 8.73 53.57
N LEU B 357 -33.81 8.35 54.43
CA LEU B 357 -33.75 8.93 55.77
C LEU B 357 -32.78 10.11 55.85
N THR B 358 -31.98 10.33 54.81
CA THR B 358 -31.04 11.44 54.81
C THR B 358 -31.75 12.77 54.59
N SER B 359 -31.15 13.84 55.09
CA SER B 359 -31.73 15.17 54.91
C SER B 359 -31.75 15.56 53.43
N ASP B 360 -30.68 15.27 52.71
CA ASP B 360 -30.61 15.59 51.29
C ASP B 360 -31.50 14.65 50.49
N HIS B 361 -32.49 15.21 49.81
CA HIS B 361 -33.43 14.42 49.02
C HIS B 361 -32.98 14.21 47.58
N THR B 362 -31.84 14.79 47.18
CA THR B 362 -31.35 14.58 45.82
C THR B 362 -31.01 13.12 45.57
N ARG B 363 -30.36 12.47 46.53
CA ARG B 363 -30.01 11.07 46.44
C ARG B 363 -30.80 10.30 47.49
N CYS B 364 -31.50 9.26 47.06
CA CYS B 364 -32.36 8.48 47.94
C CYS B 364 -32.29 7.01 47.54
N LEU B 365 -32.65 6.14 48.47
CA LEU B 365 -32.54 4.70 48.27
C LEU B 365 -33.83 4.14 47.69
N TYR B 366 -33.70 3.20 46.75
CA TYR B 366 -34.82 2.58 46.07
C TYR B 366 -34.72 1.07 46.17
N TYR B 367 -35.79 0.45 46.69
CA TYR B 367 -35.89 -1.01 46.77
C TYR B 367 -36.88 -1.49 45.73
N PRO B 368 -36.44 -2.22 44.71
CA PRO B 368 -37.34 -2.63 43.63
C PRO B 368 -38.30 -3.71 44.08
N GLU B 369 -39.36 -3.89 43.27
CA GLU B 369 -40.36 -4.90 43.56
C GLU B 369 -39.81 -6.31 43.41
N TYR B 370 -38.98 -6.53 42.39
CA TYR B 370 -38.48 -7.86 42.08
C TYR B 370 -36.96 -7.91 42.23
N SER B 371 -36.44 -9.12 42.32
CA SER B 371 -35.00 -9.32 42.45
C SER B 371 -34.29 -8.96 41.15
N ASN B 372 -33.02 -8.57 41.28
CA ASN B 372 -32.19 -8.18 40.14
C ASN B 372 -30.90 -8.98 40.18
N PRO B 373 -30.94 -10.27 39.82
CA PRO B 373 -29.73 -11.10 39.87
C PRO B 373 -28.81 -10.85 38.68
N GLU B 374 -28.15 -9.69 38.69
CA GLU B 374 -27.22 -9.34 37.62
C GLU B 374 -25.98 -10.22 37.63
N ALA B 375 -25.69 -10.91 38.72
CA ALA B 375 -24.53 -11.80 38.78
C ALA B 375 -24.66 -12.93 37.77
N LEU B 376 -25.86 -13.53 37.69
CA LEU B 376 -26.11 -14.60 36.72
C LEU B 376 -26.79 -14.00 35.49
N PHE B 377 -25.96 -13.43 34.63
CA PHE B 377 -26.42 -12.77 33.41
C PHE B 377 -26.51 -13.72 32.22
N ASP B 378 -26.17 -14.99 32.40
CA ASP B 378 -26.20 -15.97 31.32
C ASP B 378 -27.33 -16.99 31.52
N PHE B 379 -28.32 -16.66 32.35
CA PHE B 379 -29.36 -17.63 32.68
C PHE B 379 -30.19 -18.00 31.46
N GLY B 380 -30.68 -17.01 30.72
CA GLY B 380 -31.58 -17.29 29.62
C GLY B 380 -30.93 -18.05 28.49
N PHE B 381 -29.72 -17.63 28.09
CA PHE B 381 -29.05 -18.25 26.96
C PHE B 381 -28.71 -19.71 27.26
N LEU B 382 -28.21 -19.98 28.47
CA LEU B 382 -27.92 -21.36 28.85
C LEU B 382 -29.20 -22.16 29.06
N SER B 383 -30.28 -21.48 29.44
CA SER B 383 -31.56 -22.14 29.70
C SER B 383 -32.21 -22.59 28.40
N TYR B 384 -32.01 -21.81 27.32
CA TYR B 384 -32.59 -22.16 26.04
C TYR B 384 -32.01 -23.43 25.44
N MET B 385 -30.71 -23.69 25.61
CA MET B 385 -30.06 -24.87 25.06
C MET B 385 -30.44 -26.14 25.81
N ARG B 386 -31.25 -26.03 26.86
CA ARG B 386 -31.69 -27.17 27.67
C ARG B 386 -30.49 -27.94 28.22
N ASN B 387 -29.47 -27.18 28.63
CA ASN B 387 -28.31 -27.79 29.28
C ASN B 387 -28.69 -28.42 30.61
N PHE B 388 -29.56 -27.75 31.37
CA PHE B 388 -30.03 -28.22 32.66
C PHE B 388 -31.54 -28.11 32.71
N PRO B 389 -32.21 -28.98 33.45
CA PRO B 389 -33.65 -28.87 33.59
C PRO B 389 -34.04 -27.73 34.53
N GLY B 390 -35.23 -27.18 34.30
CA GLY B 390 -35.72 -26.09 35.11
C GLY B 390 -37.08 -25.60 34.67
N PRO B 391 -37.58 -24.55 35.34
CA PRO B 391 -38.87 -23.98 34.97
C PRO B 391 -38.90 -23.53 33.52
N GLN B 392 -40.08 -23.67 32.91
CA GLN B 392 -40.31 -23.22 31.55
C GLN B 392 -41.73 -22.71 31.44
N CYS B 393 -41.89 -21.47 30.98
CA CYS B 393 -43.20 -20.84 30.86
C CYS B 393 -43.36 -20.29 29.45
N ILE B 394 -44.35 -20.81 28.72
CA ILE B 394 -44.64 -20.38 27.35
C ILE B 394 -46.13 -20.07 27.27
N GLU B 395 -46.47 -18.89 26.77
CA GLU B 395 -47.84 -18.48 26.55
C GLU B 395 -47.98 -17.87 25.16
N SER B 396 -49.06 -18.19 24.47
CA SER B 396 -49.26 -17.79 23.08
C SER B 396 -50.31 -16.67 23.02
N THR B 397 -49.98 -15.60 22.30
CA THR B 397 -50.87 -14.47 22.11
C THR B 397 -50.96 -14.12 20.64
N SER B 398 -52.17 -13.83 20.18
CA SER B 398 -52.43 -13.50 18.78
C SER B 398 -52.51 -11.99 18.61
N ILE B 399 -51.89 -11.48 17.54
CA ILE B 399 -51.83 -10.05 17.29
C ILE B 399 -52.47 -9.70 15.95
N ARG B 400 -52.26 -10.51 14.92
CA ARG B 400 -52.62 -10.15 13.56
C ARG B 400 -53.30 -11.33 12.88
N GLN B 401 -54.09 -11.02 11.85
CA GLN B 401 -54.83 -12.02 11.10
C GLN B 401 -54.71 -11.74 9.61
N GLN B 402 -55.28 -12.65 8.81
CA GLN B 402 -55.35 -12.54 7.35
C GLN B 402 -53.98 -12.62 6.71
N ASP B 403 -53.95 -12.61 5.37
CA ASP B 403 -52.73 -12.83 4.62
C ASP B 403 -51.97 -11.52 4.40
N TYR B 404 -50.78 -11.64 3.83
CA TYR B 404 -49.92 -10.50 3.53
C TYR B 404 -49.66 -10.44 2.04
N GLU B 405 -49.16 -9.28 1.59
CA GLU B 405 -48.70 -9.12 0.22
C GLU B 405 -47.36 -8.39 0.23
N VAL B 406 -46.44 -8.83 -0.62
CA VAL B 406 -45.07 -8.34 -0.66
C VAL B 406 -44.74 -7.97 -2.09
N TYR B 407 -44.16 -6.79 -2.28
CA TYR B 407 -43.71 -6.31 -3.58
C TYR B 407 -42.20 -6.17 -3.58
N SER B 408 -41.58 -6.39 -4.74
CA SER B 408 -40.13 -6.30 -4.90
C SER B 408 -39.79 -5.05 -5.70
N ILE B 409 -38.86 -4.25 -5.19
CA ILE B 409 -38.51 -3.01 -5.86
C ILE B 409 -37.56 -3.27 -7.03
N TYR B 410 -36.78 -4.34 -6.97
CA TYR B 410 -35.84 -4.65 -8.05
C TYR B 410 -36.57 -4.96 -9.35
N GLN B 411 -37.62 -5.80 -9.27
CA GLN B 411 -38.42 -6.07 -10.45
C GLN B 411 -39.11 -4.82 -10.94
N GLU B 412 -39.50 -3.94 -10.02
CA GLU B 412 -40.10 -2.67 -10.41
C GLU B 412 -39.11 -1.82 -11.19
N CYS B 413 -37.85 -1.78 -10.75
CA CYS B 413 -36.83 -1.04 -11.48
C CYS B 413 -36.69 -1.60 -12.89
N LYS B 414 -36.53 -2.92 -13.00
CA LYS B 414 -36.34 -3.54 -14.31
C LYS B 414 -37.52 -3.24 -15.24
N LEU B 415 -38.75 -3.38 -14.73
CA LEU B 415 -39.91 -3.24 -15.60
C LEU B 415 -40.16 -1.78 -15.95
N ALA B 416 -40.02 -0.87 -14.98
CA ALA B 416 -40.37 0.53 -15.21
C ALA B 416 -39.31 1.25 -16.03
N SER B 417 -38.04 0.80 -15.95
CA SER B 417 -37.00 1.49 -16.71
C SER B 417 -37.17 1.33 -18.20
N LYS B 418 -38.00 0.39 -18.66
CA LYS B 418 -38.13 0.13 -20.09
C LYS B 418 -38.91 1.24 -20.79
N THR B 419 -39.90 1.82 -20.11
CA THR B 419 -40.83 2.74 -20.76
C THR B 419 -40.70 4.19 -20.28
N TYR B 420 -39.81 4.48 -19.33
CA TYR B 420 -39.60 5.84 -18.85
C TYR B 420 -38.14 6.19 -18.66
N GLY B 421 -37.22 5.44 -19.25
CA GLY B 421 -35.81 5.70 -19.06
C GLY B 421 -35.29 5.20 -17.72
N ILE B 422 -34.04 5.54 -17.44
CA ILE B 422 -33.38 5.07 -16.23
C ILE B 422 -33.20 6.16 -15.19
N ASP B 423 -32.96 7.41 -15.60
CA ASP B 423 -32.74 8.48 -14.63
C ASP B 423 -34.01 8.77 -13.84
N SER B 424 -35.13 8.94 -14.54
CA SER B 424 -36.38 9.31 -13.88
C SER B 424 -36.84 8.24 -12.90
N VAL B 425 -36.77 6.97 -13.31
CA VAL B 425 -37.25 5.90 -12.44
C VAL B 425 -36.37 5.80 -11.18
N LEU B 426 -35.05 5.91 -11.35
CA LEU B 426 -34.17 5.84 -10.19
C LEU B 426 -34.42 7.01 -9.25
N PHE B 427 -34.58 8.22 -9.80
CA PHE B 427 -34.82 9.39 -8.96
C PHE B 427 -36.13 9.26 -8.20
N SER B 428 -37.19 8.82 -8.88
CA SER B 428 -38.50 8.67 -8.23
C SER B 428 -38.46 7.61 -7.15
N LEU B 429 -37.80 6.47 -7.42
CA LEU B 429 -37.74 5.42 -6.41
C LEU B 429 -36.87 5.82 -5.22
N LYS B 430 -35.82 6.61 -5.46
CA LYS B 430 -35.07 7.14 -4.32
C LYS B 430 -35.93 8.06 -3.47
N ASN B 431 -36.71 8.93 -4.12
CA ASN B 431 -37.62 9.79 -3.36
C ASN B 431 -38.62 8.97 -2.56
N PHE B 432 -39.15 7.91 -3.16
CA PHE B 432 -40.09 7.04 -2.44
C PHE B 432 -39.41 6.35 -1.26
N LEU B 433 -38.17 5.90 -1.45
CA LEU B 433 -37.40 5.21 -0.42
C LEU B 433 -36.95 6.14 0.70
N ASN B 434 -36.97 7.45 0.47
CA ASN B 434 -36.62 8.41 1.53
C ASN B 434 -37.86 9.17 1.96
N TYR B 435 -38.96 8.44 2.18
CA TYR B 435 -40.21 9.07 2.58
C TYR B 435 -40.17 9.53 4.03
N THR B 436 -39.65 8.68 4.93
CA THR B 436 -39.74 8.92 6.36
C THR B 436 -38.75 9.98 6.86
N GLY B 437 -38.09 10.71 5.97
CA GLY B 437 -37.15 11.73 6.35
C GLY B 437 -35.75 11.24 6.63
N LYS B 438 -35.52 9.92 6.61
CA LYS B 438 -34.19 9.36 6.79
C LYS B 438 -33.98 8.30 5.72
N PRO B 439 -32.78 8.20 5.14
CA PRO B 439 -32.53 7.18 4.12
C PRO B 439 -32.51 5.79 4.74
N VAL B 440 -33.00 4.81 3.98
CA VAL B 440 -33.06 3.44 4.49
C VAL B 440 -31.80 2.67 4.10
N ASN B 441 -31.23 2.97 2.92
CA ASN B 441 -30.01 2.30 2.49
C ASN B 441 -28.85 2.60 3.43
N GLU B 442 -28.76 3.84 3.91
CA GLU B 442 -27.68 4.22 4.82
C GLU B 442 -27.79 3.51 6.16
N MET B 443 -28.98 3.04 6.51
CA MET B 443 -29.18 2.40 7.81
C MET B 443 -28.41 1.07 7.86
N PRO B 444 -27.96 0.67 9.05
CA PRO B 444 -27.27 -0.63 9.17
C PRO B 444 -28.19 -1.77 8.77
N ASN B 445 -27.57 -2.83 8.22
CA ASN B 445 -28.33 -3.96 7.69
C ASN B 445 -29.14 -4.64 8.79
N ALA B 446 -28.57 -4.78 9.99
CA ALA B 446 -29.24 -5.49 11.07
C ALA B 446 -30.44 -4.73 11.63
N ARG B 447 -30.57 -3.43 11.32
CA ARG B 447 -31.66 -2.63 11.87
C ARG B 447 -32.34 -1.80 10.79
N ALA B 448 -32.45 -2.33 9.58
CA ALA B 448 -33.06 -1.60 8.47
C ALA B 448 -34.53 -2.00 8.32
N PHE B 449 -35.34 -1.50 9.25
CA PHE B 449 -36.78 -1.75 9.25
C PHE B 449 -37.49 -0.47 9.63
N VAL B 450 -38.51 -0.08 8.85
CA VAL B 450 -39.26 1.15 9.08
C VAL B 450 -40.55 1.08 8.29
N GLY B 451 -41.58 1.78 8.80
CA GLY B 451 -42.87 1.80 8.16
C GLY B 451 -43.30 3.19 7.73
N LEU B 452 -44.38 3.25 6.96
CA LEU B 452 -44.91 4.48 6.39
C LEU B 452 -46.38 4.65 6.75
N ILE B 453 -46.96 5.73 6.24
CA ILE B 453 -48.38 6.03 6.41
C ILE B 453 -48.96 6.37 5.05
N ASP B 454 -49.65 5.41 4.44
CA ASP B 454 -50.36 5.54 3.18
C ASP B 454 -49.52 6.16 2.07
N PRO B 455 -48.51 5.44 1.56
CA PRO B 455 -47.79 5.91 0.38
C PRO B 455 -48.43 5.40 -0.91
N LYS B 456 -48.06 6.04 -2.01
CA LYS B 456 -48.54 5.67 -3.33
C LYS B 456 -47.43 4.93 -4.07
N PHE B 457 -47.73 3.70 -4.51
CA PHE B 457 -46.77 2.87 -5.21
C PHE B 457 -47.43 2.23 -6.41
N PRO B 458 -46.83 2.33 -7.61
CA PRO B 458 -45.59 3.06 -7.87
C PRO B 458 -45.81 4.57 -7.95
N PRO B 459 -44.77 5.35 -7.63
CA PRO B 459 -44.91 6.81 -7.69
C PRO B 459 -45.00 7.33 -9.11
N THR B 460 -45.29 8.63 -9.26
CA THR B 460 -45.37 9.25 -10.57
C THR B 460 -43.97 9.48 -11.11
N TYR B 461 -43.70 8.99 -12.32
CA TYR B 461 -42.39 9.15 -12.93
C TYR B 461 -42.37 10.43 -13.77
N PRO B 462 -41.57 11.43 -13.41
CA PRO B 462 -41.52 12.65 -14.21
C PRO B 462 -40.93 12.41 -15.58
N ASN B 463 -41.37 13.21 -16.54
CA ASN B 463 -40.83 13.16 -17.91
C ASN B 463 -39.61 14.08 -18.02
N ILE B 464 -38.55 13.69 -17.31
CA ILE B 464 -37.34 14.49 -17.23
C ILE B 464 -36.56 14.31 -18.53
N THR B 465 -36.39 15.40 -19.28
CA THR B 465 -35.61 15.34 -20.51
C THR B 465 -34.13 15.22 -20.19
N ARG B 466 -33.42 14.49 -21.06
CA ARG B 466 -31.98 14.29 -20.87
C ARG B 466 -31.19 15.45 -21.47
N MET B 498 -12.08 22.46 -21.95
CA MET B 498 -13.29 21.71 -21.61
C MET B 498 -13.19 20.27 -22.11
N GLY B 499 -14.04 19.91 -23.05
CA GLY B 499 -14.08 18.56 -23.58
C GLY B 499 -13.58 18.50 -25.02
N TYR B 500 -12.62 17.60 -25.24
CA TYR B 500 -12.10 17.36 -26.58
C TYR B 500 -13.00 16.36 -27.31
N ALA B 501 -12.63 16.00 -28.53
CA ALA B 501 -13.44 15.09 -29.32
C ALA B 501 -12.58 14.37 -30.35
N LEU B 502 -13.06 13.21 -30.76
CA LEU B 502 -12.50 12.47 -31.89
C LEU B 502 -13.58 12.36 -32.95
N THR B 503 -13.32 12.92 -34.13
CA THR B 503 -14.34 13.08 -35.15
C THR B 503 -14.10 12.13 -36.31
N GLY B 504 -15.16 11.84 -37.05
CA GLY B 504 -15.13 10.94 -38.18
C GLY B 504 -15.93 9.67 -37.92
N ALA B 505 -16.63 9.23 -38.97
CA ALA B 505 -17.39 8.00 -38.90
C ALA B 505 -16.45 6.80 -38.73
N VAL B 506 -16.94 5.78 -38.03
CA VAL B 506 -16.11 4.64 -37.66
C VAL B 506 -16.85 3.35 -37.99
N GLN B 507 -16.08 2.36 -38.45
CA GLN B 507 -16.58 1.01 -38.69
C GLN B 507 -16.57 0.22 -37.39
N THR B 508 -17.55 -0.67 -37.23
CA THR B 508 -17.74 -1.39 -35.98
C THR B 508 -17.87 -2.88 -36.26
N LEU B 509 -17.29 -3.70 -35.37
CA LEU B 509 -17.18 -5.13 -35.62
C LEU B 509 -18.38 -5.93 -35.11
N ALA B 510 -19.32 -5.31 -34.42
CA ALA B 510 -20.49 -5.98 -33.83
C ALA B 510 -19.95 -6.99 -32.82
N GLN B 511 -20.23 -8.29 -32.96
CA GLN B 511 -19.79 -9.27 -31.98
C GLN B 511 -18.27 -9.37 -31.98
N ILE B 512 -17.71 -9.67 -30.80
CA ILE B 512 -16.27 -9.50 -30.57
C ILE B 512 -15.45 -10.50 -31.37
N SER B 513 -15.99 -11.71 -31.60
CA SER B 513 -15.18 -12.73 -32.27
C SER B 513 -15.03 -12.49 -33.77
N ASP B 514 -15.42 -11.33 -34.29
CA ASP B 514 -15.26 -11.02 -35.70
C ASP B 514 -13.94 -10.32 -36.02
N ILE B 515 -13.05 -10.17 -35.03
CA ILE B 515 -11.78 -9.49 -35.28
C ILE B 515 -10.90 -10.31 -36.21
N ASN B 516 -10.97 -11.64 -36.11
CA ASN B 516 -10.15 -12.51 -36.94
C ASN B 516 -10.93 -12.97 -38.16
N ASP B 517 -10.74 -12.27 -39.26
CA ASP B 517 -11.39 -12.57 -40.53
C ASP B 517 -10.33 -12.47 -41.63
N GLN B 518 -10.77 -12.51 -42.87
CA GLN B 518 -9.89 -12.34 -44.02
C GLN B 518 -10.36 -11.27 -44.98
N ASN B 519 -11.32 -10.42 -44.58
CA ASN B 519 -11.89 -9.43 -45.46
C ASN B 519 -11.87 -8.01 -44.86
N LEU B 520 -11.07 -7.79 -43.83
CA LEU B 520 -10.94 -6.47 -43.21
C LEU B 520 -9.47 -6.09 -43.13
N GLN B 521 -9.20 -4.80 -43.27
CA GLN B 521 -7.84 -4.27 -43.35
C GLN B 521 -7.53 -3.43 -42.12
N GLN B 522 -6.35 -2.81 -42.14
CA GLN B 522 -5.87 -2.06 -40.99
C GLN B 522 -6.75 -0.86 -40.69
N GLY B 523 -6.92 -0.56 -39.41
CA GLY B 523 -7.72 0.55 -38.99
C GLY B 523 -8.09 0.45 -37.52
N ILE B 524 -8.89 1.40 -37.08
CA ILE B 524 -9.39 1.44 -35.71
C ILE B 524 -10.80 0.87 -35.71
N TYR B 525 -11.02 -0.19 -34.93
CA TYR B 525 -12.28 -0.89 -34.89
C TYR B 525 -12.84 -0.83 -33.47
N LEU B 526 -14.17 -0.78 -33.36
CA LEU B 526 -14.82 -0.55 -32.08
C LEU B 526 -15.87 -1.62 -31.81
N LEU B 527 -16.31 -1.71 -30.55
CA LEU B 527 -17.35 -2.64 -30.16
C LEU B 527 -18.67 -1.91 -29.97
N ARG B 528 -19.77 -2.54 -30.39
CA ARG B 528 -21.07 -1.88 -30.33
C ARG B 528 -21.48 -1.58 -28.89
N ASP B 529 -21.32 -2.54 -27.99
CA ASP B 529 -21.82 -2.42 -26.63
C ASP B 529 -20.67 -2.27 -25.65
N HIS B 530 -20.98 -1.66 -24.50
CA HIS B 530 -19.99 -1.41 -23.47
C HIS B 530 -19.77 -2.66 -22.63
N ILE B 531 -18.84 -2.56 -21.69
CA ILE B 531 -18.61 -3.61 -20.70
C ILE B 531 -18.83 -3.00 -19.33
N VAL B 532 -19.85 -3.46 -18.62
CA VAL B 532 -20.22 -2.93 -17.32
C VAL B 532 -19.54 -3.77 -16.25
N THR B 533 -18.85 -3.11 -15.31
CA THR B 533 -18.07 -3.79 -14.30
C THR B 533 -18.32 -3.17 -12.93
N LEU B 534 -18.41 -4.03 -11.92
CA LEU B 534 -18.57 -3.61 -10.54
C LEU B 534 -17.31 -3.94 -9.75
N MET B 535 -16.83 -2.96 -8.98
CA MET B 535 -15.62 -3.19 -8.18
C MET B 535 -15.87 -4.25 -7.11
N GLU B 536 -17.05 -4.23 -6.48
CA GLU B 536 -17.36 -5.20 -5.44
C GLU B 536 -17.48 -6.62 -5.97
N ALA B 537 -17.67 -6.80 -7.28
CA ALA B 537 -17.75 -8.12 -7.87
C ALA B 537 -16.43 -8.61 -8.44
N THR B 538 -15.49 -7.71 -8.73
CA THR B 538 -14.18 -8.09 -9.23
C THR B 538 -13.27 -8.65 -8.16
N LEU B 539 -13.33 -8.12 -6.94
CA LEU B 539 -12.45 -8.58 -5.88
C LEU B 539 -12.99 -9.88 -5.28
N HIS B 540 -12.14 -10.90 -5.27
CA HIS B 540 -12.53 -12.23 -4.80
C HIS B 540 -12.24 -12.45 -3.33
N ASP B 541 -11.75 -11.42 -2.62
CA ASP B 541 -11.38 -11.59 -1.22
C ASP B 541 -11.87 -10.44 -0.34
N ILE B 542 -12.88 -9.69 -0.77
CA ILE B 542 -13.43 -8.63 0.07
C ILE B 542 -14.02 -9.22 1.34
N SER B 543 -14.77 -10.32 1.21
CA SER B 543 -15.28 -11.02 2.37
C SER B 543 -14.15 -11.73 3.11
N ILE B 544 -14.47 -12.23 4.30
CA ILE B 544 -13.52 -12.93 5.17
C ILE B 544 -12.38 -11.99 5.55
N MET B 545 -12.70 -10.70 5.70
CA MET B 545 -11.77 -9.70 6.20
C MET B 545 -12.55 -8.81 7.17
N PRO B 546 -12.44 -9.04 8.47
CA PRO B 546 -13.30 -8.36 9.42
C PRO B 546 -12.70 -7.06 9.96
N GLY B 547 -13.53 -6.28 10.64
CA GLY B 547 -13.05 -5.08 11.30
C GLY B 547 -12.56 -4.04 10.32
N MET B 548 -11.54 -3.29 10.72
CA MET B 548 -11.01 -2.20 9.90
C MET B 548 -10.22 -2.70 8.70
N PHE B 549 -9.58 -3.87 8.81
CA PHE B 549 -8.75 -4.41 7.73
C PHE B 549 -9.35 -4.15 6.36
N ALA B 550 -10.65 -4.40 6.19
CA ALA B 550 -11.27 -4.32 4.88
C ALA B 550 -10.97 -3.00 4.20
N VAL B 551 -11.20 -1.88 4.91
CA VAL B 551 -11.02 -0.59 4.24
C VAL B 551 -9.58 -0.44 3.76
N GLN B 552 -8.61 -0.86 4.57
CA GLN B 552 -7.22 -0.82 4.14
C GLN B 552 -7.05 -1.50 2.79
N HIS B 553 -7.58 -2.72 2.67
CA HIS B 553 -7.50 -3.43 1.39
C HIS B 553 -7.98 -2.54 0.26
N VAL B 554 -9.20 -2.00 0.41
CA VAL B 554 -9.76 -1.17 -0.65
C VAL B 554 -8.79 -0.04 -0.98
N HIS B 555 -8.34 0.67 0.06
CA HIS B 555 -7.43 1.79 -0.17
C HIS B 555 -6.25 1.34 -1.00
N THR B 556 -5.58 0.27 -0.57
CA THR B 556 -4.41 -0.20 -1.31
C THR B 556 -4.77 -0.43 -2.77
N HIS B 557 -5.82 -1.21 -3.02
CA HIS B 557 -6.16 -1.53 -4.40
C HIS B 557 -6.46 -0.27 -5.17
N LEU B 558 -7.24 0.64 -4.56
CA LEU B 558 -7.59 1.86 -5.25
C LEU B 558 -6.34 2.64 -5.60
N ASN B 559 -5.40 2.73 -4.66
CA ASN B 559 -4.16 3.43 -4.94
C ASN B 559 -3.46 2.82 -6.14
N HIS B 560 -3.40 1.48 -6.20
CA HIS B 560 -2.75 0.83 -7.33
C HIS B 560 -3.40 1.27 -8.63
N LEU B 561 -4.73 1.31 -8.67
CA LEU B 561 -5.41 1.72 -9.89
C LEU B 561 -4.95 3.09 -10.34
N ARG B 562 -4.82 4.03 -9.39
CA ARG B 562 -4.36 5.36 -9.74
C ARG B 562 -2.96 5.29 -10.33
N THR B 563 -2.07 4.52 -9.70
CA THR B 563 -0.70 4.42 -10.19
C THR B 563 -0.66 3.83 -11.58
N MET B 564 -1.74 3.16 -11.99
CA MET B 564 -1.84 2.70 -13.37
C MET B 564 -2.30 3.84 -14.28
N LEU B 565 -3.41 4.48 -13.92
CA LEU B 565 -4.08 5.38 -14.85
C LEU B 565 -3.29 6.66 -15.11
N MET B 566 -2.36 7.00 -14.23
CA MET B 566 -1.51 8.16 -14.46
C MET B 566 -0.51 7.89 -15.58
N GLU B 567 -0.18 6.63 -15.84
CA GLU B 567 0.87 6.26 -16.78
C GLU B 567 0.31 5.75 -18.11
N ARG B 568 -1.00 5.89 -18.32
CA ARG B 568 -1.66 5.41 -19.53
C ARG B 568 -1.43 3.91 -19.73
N ARG B 569 -1.76 3.14 -18.69
CA ARG B 569 -1.61 1.70 -18.74
C ARG B 569 -2.85 1.05 -18.16
N ILE B 570 -3.08 -0.21 -18.54
CA ILE B 570 -4.29 -0.94 -18.18
C ILE B 570 -4.00 -1.83 -16.98
N ASP B 571 -4.85 -1.73 -15.96
CA ASP B 571 -4.81 -2.65 -14.83
C ASP B 571 -5.80 -3.77 -15.10
N TRP B 572 -5.30 -5.01 -15.14
CA TRP B 572 -6.10 -6.14 -15.59
C TRP B 572 -6.82 -6.86 -14.46
N THR B 573 -6.77 -6.33 -13.23
CA THR B 573 -7.53 -6.94 -12.15
C THR B 573 -9.03 -6.84 -12.37
N TYR B 574 -9.49 -5.89 -13.20
CA TYR B 574 -10.90 -5.73 -13.53
C TYR B 574 -11.26 -6.29 -14.89
N MET B 575 -10.33 -7.02 -15.52
CA MET B 575 -10.57 -7.63 -16.83
C MET B 575 -10.02 -9.06 -16.78
N SER B 576 -10.91 -10.04 -16.76
CA SER B 576 -10.48 -11.43 -16.69
C SER B 576 -9.69 -11.80 -17.93
N SER B 577 -8.51 -12.39 -17.74
CA SER B 577 -7.65 -12.75 -18.85
C SER B 577 -8.21 -13.95 -19.61
N SER B 578 -8.83 -14.89 -18.90
CA SER B 578 -9.33 -16.10 -19.55
C SER B 578 -10.42 -15.77 -20.56
N TRP B 579 -11.31 -14.84 -20.22
CA TRP B 579 -12.39 -14.46 -21.15
C TRP B 579 -11.82 -13.93 -22.45
N LEU B 580 -10.92 -12.95 -22.37
CA LEU B 580 -10.35 -12.36 -23.58
C LEU B 580 -9.53 -13.38 -24.36
N GLN B 581 -8.78 -14.22 -23.66
CA GLN B 581 -7.97 -15.24 -24.34
C GLN B 581 -8.84 -16.21 -25.10
N THR B 582 -9.95 -16.66 -24.50
CA THR B 582 -10.86 -17.56 -25.18
C THR B 582 -11.58 -16.87 -26.34
N GLN B 583 -11.94 -15.60 -26.19
CA GLN B 583 -12.62 -14.91 -27.28
C GLN B 583 -11.69 -14.69 -28.47
N LEU B 584 -10.42 -14.37 -28.22
CA LEU B 584 -9.49 -14.09 -29.31
C LEU B 584 -8.78 -15.33 -29.84
N GLN B 585 -8.71 -16.41 -29.04
CA GLN B 585 -8.09 -17.67 -29.46
C GLN B 585 -6.65 -17.46 -29.92
N LYS B 586 -5.87 -16.78 -29.09
CA LYS B 586 -4.47 -16.49 -29.37
C LYS B 586 -3.57 -17.33 -28.47
N SER B 587 -2.29 -17.32 -28.80
CA SER B 587 -1.29 -18.06 -28.04
C SER B 587 -0.84 -17.26 -26.81
N ASP B 588 -0.11 -17.93 -25.93
CA ASP B 588 0.35 -17.27 -24.70
C ASP B 588 1.30 -16.12 -25.00
N ASP B 589 2.25 -16.34 -25.92
CA ASP B 589 3.17 -15.27 -26.28
C ASP B 589 2.43 -14.11 -26.96
N GLU B 590 1.44 -14.44 -27.80
CA GLU B 590 0.62 -13.39 -28.40
C GLU B 590 -0.12 -12.60 -27.34
N MET B 591 -0.67 -13.29 -26.33
CA MET B 591 -1.32 -12.59 -25.24
C MET B 591 -0.36 -11.68 -24.50
N LYS B 592 0.86 -12.16 -24.25
CA LYS B 592 1.85 -11.35 -23.54
C LYS B 592 2.18 -10.09 -24.32
N VAL B 593 2.47 -10.23 -25.62
CA VAL B 593 2.84 -9.06 -26.41
C VAL B 593 1.65 -8.12 -26.60
N ILE B 594 0.43 -8.66 -26.62
CA ILE B 594 -0.74 -7.79 -26.74
C ILE B 594 -0.95 -6.99 -25.47
N LYS B 595 -0.83 -7.64 -24.31
CA LYS B 595 -1.08 -6.96 -23.05
C LYS B 595 0.04 -5.98 -22.69
N ARG B 596 1.28 -6.28 -23.11
CA ARG B 596 2.40 -5.41 -22.74
C ARG B 596 2.27 -4.04 -23.40
N THR B 597 1.85 -4.00 -24.67
CA THR B 597 1.82 -2.78 -25.46
C THR B 597 0.41 -2.21 -25.60
N ALA B 598 -0.39 -2.29 -24.53
CA ALA B 598 -1.75 -1.77 -24.52
C ALA B 598 -1.80 -0.48 -23.71
N ARG B 599 -2.56 0.49 -24.22
CA ARG B 599 -2.71 1.79 -23.57
C ARG B 599 -4.19 2.03 -23.26
N SER B 600 -4.42 2.87 -22.25
CA SER B 600 -5.77 3.16 -21.77
C SER B 600 -6.00 4.67 -21.76
N LEU B 601 -7.23 5.07 -21.48
CA LEU B 601 -7.60 6.47 -21.41
C LEU B 601 -8.86 6.61 -20.57
N VAL B 602 -8.94 7.70 -19.83
CA VAL B 602 -10.10 8.03 -19.00
C VAL B 602 -10.80 9.22 -19.62
N TYR B 603 -12.10 9.07 -19.89
CA TYR B 603 -12.85 10.11 -20.57
C TYR B 603 -14.02 10.69 -19.79
N TYR B 604 -14.43 10.06 -18.69
CA TYR B 604 -15.34 10.73 -17.75
C TYR B 604 -15.37 10.05 -16.39
N VAL B 605 -15.28 10.86 -15.34
CA VAL B 605 -15.44 10.40 -13.96
C VAL B 605 -16.62 11.17 -13.37
N LYS B 606 -17.63 10.45 -12.92
CA LYS B 606 -18.88 11.06 -12.48
C LYS B 606 -19.22 10.60 -11.07
N GLN B 607 -19.72 11.52 -10.26
CA GLN B 607 -20.19 11.25 -8.91
C GLN B 607 -21.71 11.31 -8.91
N THR B 608 -22.36 10.19 -8.60
CA THR B 608 -23.81 10.07 -8.68
C THR B 608 -24.48 10.36 -7.34
N TYR B 609 -24.14 9.59 -6.31
CA TYR B 609 -24.75 9.71 -4.99
C TYR B 609 -23.74 10.27 -4.01
N ASN B 610 -24.09 11.37 -3.35
CA ASN B 610 -23.20 12.03 -2.41
C ASN B 610 -23.91 12.15 -1.06
N SER B 611 -23.21 11.76 0.00
CA SER B 611 -23.76 11.84 1.35
C SER B 611 -22.61 11.72 2.34
N LEU B 612 -22.93 11.91 3.62
CA LEU B 612 -21.93 11.82 4.68
C LEU B 612 -21.54 10.39 5.00
N THR B 613 -22.26 9.41 4.48
CA THR B 613 -21.96 8.01 4.79
C THR B 613 -21.76 7.14 3.56
N ALA B 614 -22.53 7.37 2.50
CA ALA B 614 -22.48 6.53 1.31
C ALA B 614 -22.17 7.38 0.08
N THR B 615 -21.32 6.85 -0.79
CA THR B 615 -20.93 7.51 -2.03
C THR B 615 -20.83 6.48 -3.14
N ALA B 616 -21.03 6.94 -4.38
CA ALA B 616 -20.94 6.08 -5.54
C ALA B 616 -20.29 6.85 -6.68
N TRP B 617 -19.42 6.18 -7.44
CA TRP B 617 -18.69 6.81 -8.52
C TRP B 617 -18.71 5.92 -9.75
N GLU B 618 -18.61 6.55 -10.91
CA GLU B 618 -18.56 5.86 -12.20
C GLU B 618 -17.36 6.39 -12.99
N ILE B 619 -16.64 5.46 -13.62
CA ILE B 619 -15.43 5.78 -14.38
C ILE B 619 -15.56 5.15 -15.75
N GLY B 620 -15.29 5.94 -16.80
CA GLY B 620 -15.27 5.43 -18.16
C GLY B 620 -13.84 5.23 -18.61
N LEU B 621 -13.60 4.08 -19.25
CA LEU B 621 -12.26 3.70 -19.70
C LEU B 621 -12.32 3.25 -21.16
N TYR B 622 -11.42 3.79 -21.97
CA TYR B 622 -11.32 3.44 -23.39
C TYR B 622 -9.96 2.81 -23.61
N TYR B 623 -9.95 1.57 -24.12
CA TYR B 623 -8.73 0.83 -24.37
C TYR B 623 -8.44 0.77 -25.87
N GLU B 624 -7.26 0.27 -26.19
CA GLU B 624 -6.86 0.05 -27.58
C GLU B 624 -5.84 -1.08 -27.62
N LEU B 625 -6.21 -2.18 -28.27
CA LEU B 625 -5.36 -3.36 -28.36
C LEU B 625 -4.93 -3.57 -29.80
N ILE B 626 -3.63 -3.81 -29.99
CA ILE B 626 -3.05 -4.01 -31.30
C ILE B 626 -2.67 -5.49 -31.41
N ILE B 627 -3.36 -6.22 -32.28
CA ILE B 627 -3.04 -7.62 -32.51
C ILE B 627 -1.87 -7.68 -33.49
N PRO B 628 -0.99 -8.68 -33.39
CA PRO B 628 0.17 -8.74 -34.29
C PRO B 628 -0.10 -9.58 -35.53
N ARG B 629 0.74 -9.35 -36.54
CA ARG B 629 0.76 -10.13 -37.76
C ARG B 629 2.12 -10.75 -38.04
N HIS B 630 3.20 -10.05 -37.73
CA HIS B 630 4.55 -10.57 -37.84
C HIS B 630 5.40 -10.00 -36.72
N ILE B 631 5.96 -10.87 -35.88
CA ILE B 631 6.78 -10.47 -34.76
C ILE B 631 8.21 -10.90 -35.03
N TYR B 632 9.16 -9.99 -34.80
CA TYR B 632 10.58 -10.25 -35.03
C TYR B 632 11.34 -9.98 -33.74
N LEU B 633 12.03 -11.00 -33.24
CA LEU B 633 12.72 -10.92 -31.97
C LEU B 633 14.21 -10.66 -32.14
N ASN B 634 14.90 -11.51 -32.88
CA ASN B 634 16.33 -11.34 -33.15
C ASN B 634 16.48 -10.45 -34.38
N ASN B 635 17.26 -9.38 -34.25
CA ASN B 635 17.47 -8.44 -35.34
C ASN B 635 18.75 -7.64 -35.11
N TRP B 636 19.33 -7.14 -36.19
CA TRP B 636 20.57 -6.38 -36.16
C TRP B 636 20.36 -5.07 -36.92
N GLN B 637 21.02 -4.01 -36.46
CA GLN B 637 20.90 -2.69 -37.05
C GLN B 637 22.15 -2.40 -37.89
N ILE B 638 21.95 -1.74 -39.03
CA ILE B 638 22.98 -1.57 -40.05
C ILE B 638 23.61 -0.19 -39.89
N VAL B 639 24.94 -0.14 -39.87
CA VAL B 639 25.70 1.10 -40.00
C VAL B 639 26.55 1.02 -41.25
N ASN B 640 26.80 2.16 -41.87
CA ASN B 640 27.52 2.25 -43.14
C ASN B 640 28.84 2.96 -42.93
N ILE B 641 29.93 2.28 -43.27
CA ILE B 641 31.27 2.86 -43.17
C ILE B 641 32.01 2.65 -44.48
N HIS B 653 35.51 9.96 -50.80
CA HIS B 653 35.01 8.94 -49.88
C HIS B 653 33.74 8.30 -50.42
N VAL B 654 33.88 7.12 -51.03
CA VAL B 654 32.73 6.43 -51.58
C VAL B 654 31.79 6.00 -50.46
N THR B 655 30.48 6.19 -50.69
CA THR B 655 29.44 5.85 -49.71
C THR B 655 28.29 5.18 -50.45
N LEU B 656 28.32 3.84 -50.49
CA LEU B 656 27.25 3.09 -51.12
C LEU B 656 26.02 3.06 -50.23
N SER B 657 24.88 3.43 -50.80
CA SER B 657 23.63 3.61 -50.06
C SER B 657 22.76 2.37 -50.18
N HIS B 658 21.89 2.15 -49.19
CA HIS B 658 21.14 0.90 -49.15
C HIS B 658 19.67 1.10 -48.77
N PRO B 659 18.78 0.21 -49.21
CA PRO B 659 17.35 0.36 -48.90
C PRO B 659 16.95 -0.25 -47.57
N TYR B 660 17.65 -1.29 -47.14
CA TYR B 660 17.27 -1.99 -45.92
C TYR B 660 17.93 -1.37 -44.70
N GLU B 661 17.18 -1.29 -43.61
CA GLU B 661 17.66 -0.69 -42.38
C GLU B 661 17.68 -1.65 -41.20
N ILE B 662 17.01 -2.80 -41.30
CA ILE B 662 17.03 -3.81 -40.24
C ILE B 662 17.26 -5.16 -40.89
N ILE B 663 17.94 -6.07 -40.19
CA ILE B 663 18.13 -7.43 -40.69
C ILE B 663 17.74 -8.44 -39.62
N ASN B 664 17.12 -9.54 -40.05
CA ASN B 664 16.63 -10.59 -39.17
C ASN B 664 17.35 -11.90 -39.49
N ARG B 665 17.63 -12.66 -38.43
CA ARG B 665 18.30 -13.96 -38.58
C ARG B 665 17.72 -14.91 -37.54
N GLU B 666 17.00 -15.93 -38.00
CA GLU B 666 16.45 -16.92 -37.09
C GLU B 666 16.16 -18.20 -37.87
N CYS B 667 16.37 -19.34 -37.20
CA CYS B 667 16.11 -20.66 -37.77
C CYS B 667 16.86 -20.84 -39.09
N SER B 668 18.12 -20.39 -39.12
CA SER B 668 18.97 -20.47 -40.30
C SER B 668 18.32 -19.78 -41.50
N ASN B 669 17.55 -18.73 -41.22
CA ASN B 669 16.86 -17.96 -42.25
C ASN B 669 17.16 -16.48 -42.04
N THR B 670 17.57 -15.81 -43.11
CA THR B 670 17.96 -14.40 -43.06
C THR B 670 17.00 -13.56 -43.89
N LEU B 671 16.54 -12.45 -43.30
CA LEU B 671 15.60 -11.55 -43.95
C LEU B 671 16.09 -10.12 -43.83
N TYR B 672 15.70 -9.29 -44.78
CA TYR B 672 16.03 -7.87 -44.78
C TYR B 672 14.73 -7.07 -44.69
N LEU B 673 14.62 -6.22 -43.68
CA LEU B 673 13.40 -5.49 -43.41
C LEU B 673 13.65 -3.98 -43.45
N HIS B 674 12.73 -3.29 -44.10
CA HIS B 674 12.74 -1.83 -44.21
C HIS B 674 11.50 -1.28 -43.52
N LEU B 675 11.70 -0.23 -42.73
CA LEU B 675 10.64 0.32 -41.90
C LEU B 675 10.36 1.77 -42.27
N GLU B 676 9.10 2.17 -42.13
CA GLU B 676 8.68 3.53 -42.44
C GLU B 676 7.37 3.82 -41.72
N GLU B 677 7.22 5.06 -41.26
CA GLU B 677 6.05 5.52 -40.51
C GLU B 677 5.85 4.66 -39.25
N CYS B 678 6.84 4.74 -38.37
CA CYS B 678 6.94 3.81 -37.26
C CYS B 678 6.84 4.57 -35.96
N ARG B 679 6.00 4.08 -35.06
CA ARG B 679 5.85 4.68 -33.75
C ARG B 679 6.55 3.85 -32.68
N ARG B 680 6.89 4.50 -31.58
CA ARG B 680 7.68 3.92 -30.50
C ARG B 680 6.85 3.76 -29.24
N LEU B 681 6.83 2.55 -28.70
CA LEU B 681 6.23 2.25 -27.41
C LEU B 681 7.30 1.52 -26.60
N ASP B 682 6.87 0.87 -25.51
CA ASP B 682 7.80 -0.01 -24.78
C ASP B 682 8.48 -0.99 -25.72
N TYR B 683 7.73 -1.54 -26.68
CA TYR B 683 8.30 -2.24 -27.81
C TYR B 683 8.27 -1.32 -29.03
N VAL B 684 8.73 -1.82 -30.17
CA VAL B 684 8.69 -1.11 -31.44
C VAL B 684 7.60 -1.73 -32.31
N ILE B 685 6.58 -0.94 -32.65
CA ILE B 685 5.47 -1.38 -33.48
C ILE B 685 5.43 -0.49 -34.70
N CYS B 686 5.21 -1.09 -35.86
CA CYS B 686 5.16 -0.29 -37.08
C CYS B 686 4.31 -1.02 -38.11
N ASP B 687 3.89 -0.27 -39.13
CA ASP B 687 2.88 -0.75 -40.05
C ASP B 687 3.41 -1.15 -41.42
N VAL B 688 4.41 -0.46 -41.93
CA VAL B 688 4.90 -0.69 -43.29
C VAL B 688 6.21 -1.44 -43.20
N VAL B 689 6.16 -2.74 -43.47
CA VAL B 689 7.34 -3.60 -43.51
C VAL B 689 7.26 -4.43 -44.79
N LYS B 690 8.27 -4.32 -45.65
CA LYS B 690 8.34 -5.08 -46.89
C LYS B 690 9.69 -5.76 -46.98
N ILE B 691 9.68 -7.04 -47.36
CA ILE B 691 10.91 -7.81 -47.50
C ILE B 691 11.54 -7.48 -48.84
N VAL B 692 12.80 -7.03 -48.81
CA VAL B 692 13.52 -6.58 -50.00
C VAL B 692 14.81 -7.38 -50.12
N GLN B 693 15.09 -7.88 -51.32
CA GLN B 693 16.32 -8.62 -51.57
C GLN B 693 17.52 -7.68 -51.49
N PRO B 694 18.69 -8.22 -51.16
CA PRO B 694 19.90 -7.38 -51.06
C PRO B 694 20.25 -6.76 -52.41
N CYS B 695 20.89 -5.59 -52.34
CA CYS B 695 21.33 -4.88 -53.53
C CYS B 695 22.31 -5.70 -54.36
N ASP B 703 20.33 -3.52 -56.87
CA ASP B 703 19.68 -2.29 -57.31
C ASP B 703 19.66 -1.25 -56.20
N CYS B 704 20.70 -0.43 -56.16
CA CYS B 704 20.81 0.60 -55.13
C CYS B 704 21.78 1.68 -55.64
N PRO B 705 21.39 2.94 -55.56
CA PRO B 705 22.25 4.02 -56.06
C PRO B 705 23.52 4.18 -55.24
N VAL B 706 24.41 5.02 -55.77
CA VAL B 706 25.68 5.35 -55.12
C VAL B 706 25.88 6.85 -55.21
N TRP B 707 26.41 7.46 -54.16
CA TRP B 707 26.87 8.83 -54.19
C TRP B 707 27.98 9.03 -53.16
N ALA B 708 29.02 9.75 -53.57
CA ALA B 708 30.24 9.88 -52.80
C ALA B 708 30.54 11.35 -52.56
N GLU B 709 31.52 11.60 -51.69
CA GLU B 709 31.95 12.93 -51.31
C GLU B 709 33.45 12.93 -51.12
N PRO B 710 34.18 13.93 -51.65
CA PRO B 710 35.62 14.01 -51.40
C PRO B 710 35.95 14.85 -50.18
N VAL B 711 37.09 14.58 -49.56
CA VAL B 711 37.49 15.26 -48.33
C VAL B 711 38.94 15.69 -48.46
N LYS B 712 39.31 16.72 -47.71
CA LYS B 712 40.68 17.24 -47.70
C LYS B 712 41.54 16.30 -46.85
N GLU B 713 42.51 15.65 -47.48
CA GLU B 713 43.36 14.72 -46.77
C GLU B 713 44.27 15.48 -45.80
N PRO B 714 44.70 14.86 -44.69
CA PRO B 714 44.33 13.51 -44.28
C PRO B 714 43.18 13.46 -43.27
N HIS B 715 42.50 12.33 -43.19
CA HIS B 715 41.45 12.10 -42.20
C HIS B 715 41.70 10.75 -41.54
N VAL B 716 41.48 10.69 -40.23
CA VAL B 716 41.65 9.46 -39.46
C VAL B 716 40.30 9.08 -38.89
N GLN B 717 39.80 7.92 -39.29
CA GLN B 717 38.52 7.40 -38.81
C GLN B 717 38.76 6.15 -38.01
N ILE B 718 38.69 6.27 -36.68
CA ILE B 718 38.87 5.16 -35.76
C ILE B 718 37.62 5.05 -34.90
N SER B 719 37.01 3.87 -34.90
CA SER B 719 35.78 3.62 -34.14
C SER B 719 35.98 2.42 -33.23
N PRO B 720 36.06 2.63 -31.91
CA PRO B 720 36.10 1.49 -30.99
C PRO B 720 34.78 0.74 -30.97
N LEU B 721 34.87 -0.57 -30.73
CA LEU B 721 33.70 -1.41 -30.55
C LEU B 721 33.59 -1.84 -29.08
N LYS B 722 32.61 -2.70 -28.81
CA LYS B 722 32.31 -3.13 -27.46
C LYS B 722 32.65 -4.61 -27.23
N ASN B 723 33.54 -5.18 -28.04
CA ASN B 723 33.95 -6.56 -27.80
C ASN B 723 35.47 -6.74 -27.85
N GLY B 724 36.23 -5.68 -28.07
CA GLY B 724 37.67 -5.78 -28.06
C GLY B 724 38.32 -5.69 -29.43
N SER B 725 37.73 -4.88 -30.32
CA SER B 725 38.26 -4.68 -31.66
C SER B 725 38.20 -3.19 -31.99
N TYR B 726 38.59 -2.85 -33.21
CA TYR B 726 38.62 -1.46 -33.64
C TYR B 726 38.28 -1.40 -35.13
N LEU B 727 37.69 -0.29 -35.55
CA LEU B 727 37.42 -0.03 -36.96
C LEU B 727 38.34 1.09 -37.41
N VAL B 728 39.14 0.82 -38.45
CA VAL B 728 40.11 1.77 -38.97
C VAL B 728 39.79 2.03 -40.44
N LEU B 729 39.66 3.31 -40.81
CA LEU B 729 39.56 3.72 -42.19
C LEU B 729 40.86 4.42 -42.58
N ALA B 730 41.54 3.88 -43.58
CA ALA B 730 42.88 4.33 -43.96
C ALA B 730 42.78 5.32 -45.11
N SER B 731 43.00 6.60 -44.81
CA SER B 731 43.13 7.63 -45.83
C SER B 731 44.57 7.77 -46.31
N SER B 732 45.49 7.00 -45.74
CA SER B 732 46.89 7.03 -46.11
C SER B 732 47.46 5.63 -45.89
N THR B 733 48.79 5.51 -45.96
CA THR B 733 49.50 4.25 -45.73
C THR B 733 50.46 4.49 -44.57
N ASP B 734 49.96 4.28 -43.35
CA ASP B 734 50.73 4.51 -42.14
C ASP B 734 50.54 3.35 -41.18
N CYS B 735 51.52 3.18 -40.28
CA CYS B 735 51.44 2.21 -39.20
C CYS B 735 51.44 0.81 -39.79
N GLN B 736 50.37 0.04 -39.58
CA GLN B 736 50.16 -1.23 -40.26
C GLN B 736 48.68 -1.33 -40.65
N ILE B 737 48.37 -0.85 -41.85
CA ILE B 737 47.01 -0.87 -42.39
C ILE B 737 47.09 -0.82 -43.91
N PRO B 738 46.40 -1.70 -44.62
CA PRO B 738 46.37 -1.61 -46.09
C PRO B 738 45.69 -0.34 -46.54
N PRO B 739 46.12 0.22 -47.68
CA PRO B 739 45.59 1.53 -48.09
C PRO B 739 44.19 1.44 -48.68
N TYR B 740 43.42 2.50 -48.45
CA TYR B 740 42.15 2.76 -49.15
C TYR B 740 41.11 1.67 -48.89
N VAL B 741 41.28 0.91 -47.81
CA VAL B 741 40.29 -0.09 -47.44
C VAL B 741 40.01 -0.02 -45.94
N PRO B 742 38.78 0.30 -45.54
CA PRO B 742 38.42 0.19 -44.12
C PRO B 742 38.45 -1.25 -43.67
N SER B 743 38.78 -1.45 -42.39
CA SER B 743 38.89 -2.80 -41.86
C SER B 743 38.66 -2.80 -40.36
N VAL B 744 38.52 -4.00 -39.81
CA VAL B 744 38.44 -4.22 -38.37
C VAL B 744 39.73 -4.89 -37.93
N VAL B 745 40.27 -4.42 -36.81
CA VAL B 745 41.58 -4.83 -36.33
C VAL B 745 41.50 -5.21 -34.86
N THR B 746 42.20 -6.29 -34.52
CA THR B 746 42.40 -6.72 -33.14
C THR B 746 43.89 -6.88 -32.91
N VAL B 747 44.39 -6.30 -31.83
CA VAL B 747 45.82 -6.27 -31.56
C VAL B 747 46.16 -7.35 -30.53
N ASN B 748 47.45 -7.65 -30.40
CA ASN B 748 47.95 -8.64 -29.46
C ASN B 748 48.61 -8.01 -28.26
N GLU B 749 49.49 -7.03 -28.47
CA GLU B 749 50.17 -6.33 -27.40
C GLU B 749 49.71 -4.88 -27.33
N THR B 750 49.80 -4.30 -26.14
CA THR B 750 49.37 -2.93 -25.95
C THR B 750 50.29 -1.98 -26.71
N THR B 751 49.77 -1.39 -27.78
CA THR B 751 50.53 -0.48 -28.63
C THR B 751 49.78 0.85 -28.74
N GLN B 752 50.37 1.79 -29.46
CA GLN B 752 49.78 3.11 -29.65
C GLN B 752 49.94 3.48 -31.13
N CYS B 753 48.86 3.32 -31.89
CA CYS B 753 48.85 3.60 -33.33
C CYS B 753 47.81 4.65 -33.66
N PHE B 754 48.14 5.49 -34.65
CA PHE B 754 47.23 6.48 -35.21
C PHE B 754 46.65 7.39 -34.12
N GLY B 755 47.52 7.81 -33.21
CA GLY B 755 47.11 8.72 -32.14
C GLY B 755 46.05 8.15 -31.22
N VAL B 756 46.11 6.85 -30.93
CA VAL B 756 45.16 6.20 -30.04
C VAL B 756 45.83 4.97 -29.43
N THR B 757 45.72 4.84 -28.10
CA THR B 757 46.28 3.69 -27.43
C THR B 757 45.42 2.45 -27.69
N PHE B 758 46.07 1.29 -27.66
CA PHE B 758 45.40 0.02 -27.89
C PHE B 758 45.64 -0.90 -26.69
N LYS B 759 44.64 -1.73 -26.39
CA LYS B 759 44.72 -2.71 -25.32
C LYS B 759 44.20 -4.05 -25.83
N LYS B 760 44.87 -5.12 -25.42
CA LYS B 760 44.46 -6.45 -25.83
C LYS B 760 43.21 -6.90 -25.06
N PRO B 761 42.36 -7.70 -25.67
CA PRO B 761 41.20 -8.25 -24.97
C PRO B 761 41.61 -9.44 -24.10
N LEU B 762 40.63 -10.00 -23.41
CA LEU B 762 40.82 -11.14 -22.53
C LEU B 762 40.04 -12.34 -23.07
N VAL B 763 40.48 -13.54 -22.70
CA VAL B 763 39.91 -14.76 -23.24
C VAL B 763 38.42 -14.84 -22.94
N ALA B 764 37.63 -15.11 -23.98
CA ALA B 764 36.18 -15.22 -23.86
C ALA B 764 35.74 -16.59 -24.34
N GLU B 765 34.81 -17.20 -23.63
CA GLU B 765 34.32 -18.52 -24.00
C GLU B 765 33.51 -18.44 -25.29
N GLU B 766 33.80 -19.33 -26.23
CA GLU B 766 33.10 -19.35 -27.50
C GLU B 766 31.65 -19.79 -27.30
N LYS B 767 30.75 -19.16 -28.05
CA LYS B 767 29.34 -19.48 -28.02
C LYS B 767 28.76 -19.40 -29.42
N THR B 768 27.62 -20.09 -29.61
CA THR B 768 26.95 -20.07 -30.90
C THR B 768 26.47 -18.66 -31.23
N SER B 769 26.65 -18.28 -32.49
CA SER B 769 26.32 -16.93 -32.94
C SER B 769 25.17 -16.97 -33.93
N LEU B 770 24.57 -15.79 -34.15
CA LEU B 770 23.50 -15.61 -35.12
C LEU B 770 23.93 -14.50 -36.07
N GLU B 771 25.19 -14.57 -36.52
CA GLU B 771 25.80 -13.52 -37.32
C GLU B 771 25.23 -13.49 -38.73
N PRO B 772 25.07 -12.30 -39.31
CA PRO B 772 24.56 -12.20 -40.68
C PRO B 772 25.64 -12.24 -41.75
N GLN B 773 26.09 -13.44 -42.14
CA GLN B 773 27.04 -13.59 -43.23
C GLN B 773 26.51 -12.84 -44.46
N LEU B 774 27.27 -11.84 -44.90
CA LEU B 774 26.83 -10.89 -45.92
C LEU B 774 27.33 -11.32 -47.29
N PRO B 775 26.56 -11.08 -48.37
CA PRO B 775 27.04 -11.45 -49.70
C PRO B 775 28.14 -10.53 -50.22
N HIS B 776 28.58 -10.75 -51.47
CA HIS B 776 29.77 -10.10 -52.00
C HIS B 776 29.49 -9.57 -53.40
N LEU B 777 29.99 -8.36 -53.68
CA LEU B 777 29.93 -7.77 -55.01
C LEU B 777 30.87 -6.58 -55.05
N GLN B 778 31.32 -6.24 -56.26
CA GLN B 778 32.27 -5.16 -56.47
C GLN B 778 31.55 -3.93 -57.02
N LEU B 779 32.33 -2.91 -57.39
CA LEU B 779 31.78 -1.64 -57.86
C LEU B 779 32.51 -1.21 -59.13
N ARG B 780 32.23 0.01 -59.56
CA ARG B 780 32.78 0.55 -60.80
C ARG B 780 34.04 1.35 -60.52
N LEU B 781 35.11 1.07 -61.27
CA LEU B 781 36.42 1.67 -61.07
C LEU B 781 36.67 3.04 -61.72
N PRO B 782 36.09 3.37 -62.89
CA PRO B 782 36.65 4.49 -63.68
C PRO B 782 36.68 5.80 -62.90
N HIS B 783 37.79 6.53 -63.06
CA HIS B 783 38.06 7.69 -62.21
C HIS B 783 37.48 8.97 -62.80
N LEU B 784 37.10 8.94 -64.08
CA LEU B 784 36.64 10.16 -64.75
C LEU B 784 35.44 10.76 -64.03
N VAL B 785 34.48 9.92 -63.65
CA VAL B 785 33.31 10.41 -62.91
C VAL B 785 33.74 11.06 -61.60
N GLY B 786 34.77 10.51 -60.96
CA GLY B 786 35.26 11.10 -59.73
C GLY B 786 35.71 12.54 -59.89
N ILE B 787 36.06 12.94 -61.11
CA ILE B 787 36.44 14.32 -61.36
C ILE B 787 35.31 15.27 -60.99
N ILE B 788 34.07 14.85 -61.25
CA ILE B 788 32.90 15.64 -60.93
C ILE B 788 32.87 15.90 -59.43
N ALA B 789 33.30 14.92 -58.64
CA ALA B 789 33.35 15.09 -57.20
C ALA B 789 34.27 16.24 -56.81
N LYS B 790 35.39 16.39 -57.54
CA LYS B 790 36.31 17.48 -57.23
C LYS B 790 35.71 18.83 -57.61
N ILE B 791 34.66 18.82 -58.44
CA ILE B 791 34.07 20.08 -58.91
C ILE B 791 33.28 20.75 -57.80
N LYS B 792 32.26 20.07 -57.30
CA LYS B 792 31.35 20.65 -56.30
C LYS B 792 31.63 20.17 -54.89
N GLY B 793 31.70 18.85 -54.69
CA GLY B 793 31.89 18.26 -53.39
C GLY B 793 30.61 17.79 -52.72
N ILE B 794 29.45 18.27 -53.18
CA ILE B 794 28.19 17.76 -52.68
C ILE B 794 27.95 16.37 -53.23
N LYS B 795 27.46 15.47 -52.37
CA LYS B 795 27.25 14.09 -52.77
C LYS B 795 26.22 14.02 -53.90
N ILE B 796 26.69 13.65 -55.09
CA ILE B 796 25.85 13.58 -56.28
C ILE B 796 25.74 12.14 -56.73
N GLU B 797 24.56 11.77 -57.21
CA GLU B 797 24.29 10.37 -57.55
C GLU B 797 25.02 9.96 -58.83
N VAL B 798 25.62 8.77 -58.77
CA VAL B 798 26.18 8.09 -59.94
C VAL B 798 25.46 6.75 -60.03
N THR B 799 24.81 6.49 -61.17
CA THR B 799 23.94 5.34 -61.28
C THR B 799 24.72 4.03 -61.17
N SER B 800 24.07 3.03 -60.58
CA SER B 800 24.65 1.70 -60.43
C SER B 800 23.62 0.62 -60.72
N GLU C 49 18.25 55.79 -23.00
CA GLU C 49 17.39 55.06 -22.07
C GLU C 49 17.42 53.57 -22.36
N VAL C 50 17.75 53.21 -23.60
CA VAL C 50 17.81 51.83 -24.05
C VAL C 50 19.25 51.36 -23.99
N ASN C 51 19.45 50.14 -23.52
CA ASN C 51 20.78 49.53 -23.45
C ASN C 51 20.92 48.49 -24.55
N MET C 52 21.97 48.62 -25.35
CA MET C 52 22.27 47.71 -26.43
C MET C 52 23.65 47.09 -26.21
N THR C 53 23.73 45.77 -26.24
CA THR C 53 24.98 45.05 -26.12
C THR C 53 25.16 44.17 -27.35
N SER C 54 26.41 43.98 -27.76
CA SER C 54 26.73 43.16 -28.92
C SER C 54 27.18 41.80 -28.42
N ILE C 55 26.46 40.75 -28.82
CA ILE C 55 26.88 39.40 -28.48
C ILE C 55 28.17 39.14 -29.24
N PRO C 56 29.25 38.79 -28.54
CA PRO C 56 30.53 38.63 -29.23
C PRO C 56 30.51 37.44 -30.18
N GLN C 57 31.22 37.60 -31.29
CA GLN C 57 31.71 36.47 -32.08
C GLN C 57 30.56 35.68 -32.72
N GLY C 58 29.33 36.18 -32.60
CA GLY C 58 28.19 35.64 -33.31
C GLY C 58 27.53 34.43 -32.69
N VAL C 59 27.73 34.20 -31.38
CA VAL C 59 27.22 33.02 -30.69
C VAL C 59 26.51 33.46 -29.42
N PHE C 60 25.33 32.90 -29.17
CA PHE C 60 24.61 33.14 -27.92
C PHE C 60 24.43 31.79 -27.21
N TYR C 61 23.95 31.84 -25.97
CA TYR C 61 23.96 30.68 -25.11
C TYR C 61 22.79 30.72 -24.13
N GLN C 62 22.22 29.54 -23.88
CA GLN C 62 21.08 29.36 -23.00
C GLN C 62 21.35 28.23 -22.02
N PRO C 63 20.73 28.26 -20.84
CA PRO C 63 21.00 27.22 -19.84
C PRO C 63 20.46 25.86 -20.26
N HIS C 64 21.15 24.81 -19.84
CA HIS C 64 20.77 23.43 -20.12
C HIS C 64 20.85 22.64 -18.82
N PRO C 65 19.74 22.47 -18.11
CA PRO C 65 19.82 21.92 -16.74
C PRO C 65 20.30 20.48 -16.68
N GLU C 66 20.25 19.73 -17.77
CA GLU C 66 20.59 18.31 -17.74
C GLU C 66 22.08 18.08 -17.57
N PRO C 67 22.51 17.35 -16.55
CA PRO C 67 23.94 17.04 -16.41
C PRO C 67 24.40 16.04 -17.46
N ILE C 68 25.72 15.95 -17.61
CA ILE C 68 26.34 15.07 -18.60
C ILE C 68 27.25 14.08 -17.88
N ILE C 69 27.25 12.83 -18.34
CA ILE C 69 28.10 11.78 -17.80
C ILE C 69 28.86 11.13 -18.96
N HIS C 70 30.15 10.87 -18.75
CA HIS C 70 31.00 10.22 -19.73
C HIS C 70 31.07 8.73 -19.41
N THR C 71 30.77 7.90 -20.40
CA THR C 71 30.64 6.47 -20.18
C THR C 71 31.99 5.81 -19.94
N GLU C 72 32.00 4.86 -19.02
CA GLU C 72 33.16 4.01 -18.73
C GLU C 72 32.73 2.56 -18.83
N ARG C 73 33.57 1.64 -18.34
CA ARG C 73 33.24 0.23 -18.38
C ARG C 73 31.87 -0.03 -17.76
N VAL C 74 31.02 -0.76 -18.48
CA VAL C 74 29.62 -0.96 -18.11
C VAL C 74 29.49 -2.37 -17.56
N LEU C 75 29.17 -2.48 -16.27
CA LEU C 75 29.06 -3.76 -15.59
C LEU C 75 27.61 -4.25 -15.58
N GLY C 76 27.46 -5.56 -15.51
CA GLY C 76 26.15 -6.16 -15.35
C GLY C 76 26.19 -7.38 -14.45
N LEU C 77 25.17 -7.56 -13.62
CA LEU C 77 25.13 -8.67 -12.68
C LEU C 77 23.74 -9.29 -12.72
N SER C 78 23.68 -10.58 -12.37
CA SER C 78 22.45 -11.36 -12.41
C SER C 78 22.05 -11.79 -11.00
N GLN C 79 20.79 -11.58 -10.66
CA GLN C 79 20.26 -11.93 -9.35
C GLN C 79 19.04 -12.82 -9.50
N VAL C 80 19.03 -13.94 -8.79
CA VAL C 80 17.88 -14.83 -8.74
C VAL C 80 17.24 -14.71 -7.37
N LEU C 81 15.96 -14.36 -7.36
CA LEU C 81 15.21 -14.11 -6.14
C LEU C 81 14.17 -15.20 -5.96
N MET C 82 14.19 -15.86 -4.80
CA MET C 82 13.27 -16.96 -4.52
C MET C 82 12.36 -16.57 -3.37
N ILE C 83 11.05 -16.79 -3.56
CA ILE C 83 10.03 -16.42 -2.59
C ILE C 83 9.28 -17.66 -2.17
N ASN C 84 9.24 -17.91 -0.86
CA ASN C 84 8.55 -19.07 -0.30
C ASN C 84 7.52 -18.57 0.71
N SER C 85 6.27 -19.04 0.57
CA SER C 85 5.22 -18.63 1.48
C SER C 85 5.30 -19.36 2.81
N GLU C 86 5.82 -20.60 2.79
CA GLU C 86 5.86 -21.40 4.01
C GLU C 86 6.78 -20.77 5.06
N ASN C 87 7.92 -20.23 4.61
CA ASN C 87 8.87 -19.64 5.55
C ASN C 87 8.27 -18.44 6.27
N VAL C 88 7.56 -17.57 5.56
CA VAL C 88 6.95 -16.42 6.21
C VAL C 88 5.73 -16.84 7.01
N ALA C 89 5.11 -17.96 6.64
CA ALA C 89 3.97 -18.45 7.41
C ALA C 89 4.39 -18.91 8.79
N ASN C 90 5.55 -19.56 8.90
CA ASN C 90 5.98 -20.10 10.19
C ASN C 90 6.25 -18.99 11.20
N SER C 91 6.91 -17.91 10.76
CA SER C 91 7.27 -16.84 11.69
C SER C 91 6.02 -16.09 12.18
N ALA C 92 5.01 -15.97 11.33
CA ALA C 92 3.83 -15.18 11.67
C ALA C 92 2.87 -15.91 12.59
N ASN C 93 3.11 -17.19 12.89
CA ASN C 93 2.16 -18.00 13.67
C ASN C 93 0.78 -17.97 13.03
N LEU C 94 0.74 -18.18 11.73
CA LEU C 94 -0.41 -17.82 10.91
C LEU C 94 -1.37 -18.99 10.80
N SER C 95 -2.66 -18.70 10.90
CA SER C 95 -3.69 -19.74 10.94
C SER C 95 -3.87 -20.37 9.55
N GLN C 96 -4.55 -21.52 9.55
CA GLN C 96 -4.68 -22.30 8.32
C GLN C 96 -5.46 -21.55 7.24
N GLU C 97 -6.64 -21.03 7.59
CA GLU C 97 -7.44 -20.30 6.60
C GLU C 97 -6.72 -19.04 6.14
N THR C 98 -6.02 -18.39 7.05
CA THR C 98 -5.25 -17.21 6.67
C THR C 98 -4.12 -17.55 5.70
N LYS C 99 -3.48 -18.72 5.88
CA LYS C 99 -2.50 -19.16 4.89
C LYS C 99 -3.16 -19.48 3.56
N ALA C 100 -4.36 -20.06 3.60
CA ALA C 100 -5.08 -20.34 2.36
C ALA C 100 -5.41 -19.05 1.63
N LEU C 101 -5.64 -17.97 2.37
CA LEU C 101 -5.83 -16.65 1.74
C LEU C 101 -4.51 -16.11 1.20
N LEU C 102 -3.44 -16.25 1.99
CA LEU C 102 -2.15 -15.68 1.62
C LEU C 102 -1.60 -16.30 0.34
N THR C 103 -1.74 -17.62 0.20
CA THR C 103 -1.22 -18.27 -1.00
C THR C 103 -1.92 -17.74 -2.26
N GLU C 104 -3.24 -17.61 -2.22
CA GLU C 104 -3.96 -17.06 -3.37
C GLU C 104 -3.56 -15.61 -3.62
N MET C 105 -3.38 -14.83 -2.55
CA MET C 105 -2.97 -13.44 -2.70
C MET C 105 -1.61 -13.35 -3.41
N VAL C 106 -0.69 -14.25 -3.06
CA VAL C 106 0.62 -14.25 -3.69
C VAL C 106 0.52 -14.70 -5.14
N ASN C 107 -0.27 -15.75 -5.41
CA ASN C 107 -0.38 -16.27 -6.77
C ASN C 107 -0.99 -15.24 -7.72
N GLU C 108 -1.96 -14.46 -7.26
CA GLU C 108 -2.53 -13.43 -8.12
C GLU C 108 -1.47 -12.46 -8.62
N GLU C 109 -0.67 -11.92 -7.70
CA GLU C 109 0.36 -10.96 -8.09
C GLU C 109 1.45 -11.62 -8.94
N MET C 110 1.82 -12.86 -8.60
CA MET C 110 2.85 -13.54 -9.39
C MET C 110 2.38 -13.77 -10.82
N GLN C 111 1.13 -14.20 -11.00
CA GLN C 111 0.60 -14.39 -12.34
C GLN C 111 0.50 -13.07 -13.09
N GLY C 112 0.10 -12.01 -12.39
CA GLY C 112 0.04 -10.70 -13.02
C GLY C 112 1.40 -10.24 -13.50
N LEU C 113 2.44 -10.49 -12.71
CA LEU C 113 3.79 -10.09 -13.11
C LEU C 113 4.30 -10.95 -14.26
N SER C 114 4.08 -12.27 -14.19
CA SER C 114 4.65 -13.15 -15.20
C SER C 114 3.89 -13.08 -16.52
N ASP C 115 2.65 -12.59 -16.49
CA ASP C 115 1.83 -12.59 -17.69
C ASP C 115 2.23 -11.47 -18.63
N VAL C 116 2.76 -10.37 -18.09
CA VAL C 116 3.01 -9.17 -18.88
C VAL C 116 4.48 -9.02 -19.27
N MET C 117 5.27 -10.10 -19.19
CA MET C 117 6.68 -10.05 -19.54
C MET C 117 7.05 -11.31 -20.29
N ILE C 118 7.89 -11.16 -21.32
CA ILE C 118 8.37 -12.29 -22.12
C ILE C 118 9.81 -12.60 -21.71
N ASP C 119 10.25 -13.81 -22.01
CA ASP C 119 11.56 -14.26 -21.57
C ASP C 119 12.66 -13.85 -22.56
N PHE C 120 13.87 -13.69 -22.01
CA PHE C 120 15.05 -13.41 -22.82
C PHE C 120 16.13 -14.45 -22.51
N GLU C 121 17.36 -14.21 -22.99
CA GLU C 121 18.45 -15.17 -22.81
C GLU C 121 19.71 -14.43 -22.35
N ILE C 122 20.08 -14.67 -21.09
CA ILE C 122 21.34 -14.13 -20.57
C ILE C 122 22.46 -15.13 -20.83
N PRO C 123 23.54 -14.75 -21.52
CA PRO C 123 24.55 -15.73 -21.93
C PRO C 123 25.46 -16.23 -20.81
N LEU C 124 25.14 -15.94 -19.55
CA LEU C 124 26.03 -16.35 -18.47
C LEU C 124 26.12 -17.87 -18.37
N GLY C 125 24.98 -18.55 -18.30
CA GLY C 125 24.99 -19.99 -18.20
C GLY C 125 23.84 -20.48 -17.34
N ASP C 126 24.01 -21.70 -16.82
CA ASP C 126 23.00 -22.35 -16.00
C ASP C 126 23.21 -22.00 -14.54
N PRO C 127 22.21 -21.43 -13.87
CA PRO C 127 22.39 -21.11 -12.44
C PRO C 127 22.26 -22.33 -11.53
N ARG C 128 21.96 -23.50 -12.09
CA ARG C 128 21.79 -24.70 -11.27
C ARG C 128 23.10 -25.14 -10.64
N ASP C 129 24.21 -24.98 -11.37
CA ASP C 129 25.47 -25.60 -10.95
C ASP C 129 26.18 -24.77 -9.88
N GLN C 130 25.67 -23.58 -9.58
CA GLN C 130 26.31 -22.74 -8.58
C GLN C 130 26.23 -23.37 -7.20
N GLU C 131 27.35 -23.32 -6.47
CA GLU C 131 27.40 -23.91 -5.14
C GLU C 131 26.49 -23.17 -4.16
N GLN C 132 26.49 -21.84 -4.21
CA GLN C 132 25.68 -21.06 -3.28
C GLN C 132 24.20 -21.33 -3.50
N TYR C 133 23.78 -21.42 -4.76
CA TYR C 133 22.39 -21.71 -5.06
C TYR C 133 21.98 -23.08 -4.53
N ILE C 134 22.88 -24.06 -4.57
CA ILE C 134 22.58 -25.39 -4.04
C ILE C 134 22.28 -25.31 -2.56
N HIS C 135 23.15 -24.64 -1.79
CA HIS C 135 22.95 -24.50 -0.36
C HIS C 135 21.65 -23.77 -0.05
N ARG C 136 21.41 -22.67 -0.77
CA ARG C 136 20.20 -21.89 -0.51
C ARG C 136 18.95 -22.69 -0.82
N LYS C 137 18.98 -23.48 -1.89
CA LYS C 137 17.80 -24.23 -2.28
C LYS C 137 17.54 -25.39 -1.32
N CYS C 138 18.60 -26.04 -0.84
CA CYS C 138 18.39 -27.05 0.20
C CYS C 138 17.83 -26.42 1.47
N TYR C 139 18.35 -25.24 1.86
CA TYR C 139 17.94 -24.66 3.13
C TYR C 139 16.52 -24.09 3.07
N GLN C 140 16.08 -23.61 1.91
CA GLN C 140 14.76 -22.99 1.82
C GLN C 140 13.65 -23.96 2.22
N GLU C 141 13.78 -25.23 1.83
CA GLU C 141 12.70 -26.18 2.01
C GLU C 141 13.03 -27.31 2.98
N PHE C 142 14.28 -27.76 3.04
CA PHE C 142 14.60 -29.00 3.72
C PHE C 142 15.46 -28.80 4.97
N ALA C 143 15.43 -27.62 5.57
CA ALA C 143 16.38 -27.31 6.63
C ALA C 143 16.03 -28.02 7.94
N HIS C 144 14.74 -28.05 8.29
CA HIS C 144 14.31 -28.45 9.63
C HIS C 144 13.74 -29.87 9.69
N CYS C 145 13.92 -30.67 8.65
CA CYS C 145 13.36 -32.01 8.65
C CYS C 145 14.38 -33.02 9.15
N TYR C 146 13.91 -33.97 9.97
CA TYR C 146 14.77 -35.00 10.55
C TYR C 146 14.03 -36.33 10.55
N LEU C 147 14.77 -37.40 10.79
CA LEU C 147 14.23 -38.75 10.89
C LEU C 147 14.74 -39.41 12.16
N VAL C 148 13.85 -40.12 12.85
CA VAL C 148 14.17 -40.79 14.10
C VAL C 148 13.78 -42.25 13.98
N LYS C 149 14.71 -43.14 14.33
CA LYS C 149 14.50 -44.58 14.22
C LYS C 149 14.59 -45.23 15.58
N TYR C 150 13.66 -46.13 15.88
CA TYR C 150 13.71 -46.90 17.12
C TYR C 150 14.69 -48.06 16.98
N LYS C 151 15.13 -48.57 18.14
CA LYS C 151 15.87 -49.83 18.15
C LYS C 151 14.93 -51.00 17.93
N THR C 152 13.72 -50.93 18.50
CA THR C 152 12.69 -51.92 18.28
C THR C 152 11.33 -51.25 18.50
N PRO C 153 10.30 -51.71 17.81
CA PRO C 153 8.97 -51.11 18.00
C PRO C 153 8.51 -51.15 19.45
N GLN C 154 7.91 -50.05 19.90
CA GLN C 154 7.39 -49.93 21.25
C GLN C 154 6.35 -48.82 21.32
N PRO C 155 5.09 -49.11 21.04
CA PRO C 155 4.08 -48.06 21.00
C PRO C 155 3.49 -47.75 22.36
N TRP C 156 2.50 -46.87 22.35
CA TRP C 156 1.87 -46.42 23.59
C TRP C 156 0.97 -47.52 24.15
N PRO C 157 1.21 -47.99 25.37
CA PRO C 157 0.41 -49.11 25.90
C PRO C 157 -0.95 -48.68 26.42
N ASN C 158 -1.04 -47.50 27.02
CA ASN C 158 -2.26 -47.07 27.68
C ASN C 158 -3.30 -46.62 26.67
N GLU C 159 -4.55 -46.56 27.13
CA GLU C 159 -5.65 -46.09 26.30
C GLU C 159 -6.09 -44.67 26.63
N GLY C 160 -5.80 -44.19 27.83
CA GLY C 160 -6.18 -42.84 28.22
C GLY C 160 -5.06 -42.11 28.92
N LEU C 161 -4.82 -40.86 28.51
CA LEU C 161 -3.75 -40.05 29.10
C LEU C 161 -4.32 -39.30 30.31
N ILE C 162 -3.72 -39.53 31.47
CA ILE C 162 -4.14 -38.88 32.71
C ILE C 162 -3.17 -37.74 32.96
N ALA C 163 -3.53 -36.57 32.44
CA ALA C 163 -2.72 -35.36 32.62
C ALA C 163 -3.65 -34.20 32.93
N ASP C 164 -3.37 -33.48 34.01
CA ASP C 164 -4.23 -32.38 34.46
C ASP C 164 -3.50 -31.04 34.45
N GLN C 165 -2.33 -30.96 33.81
CA GLN C 165 -1.63 -29.69 33.70
C GLN C 165 -2.26 -28.75 32.68
N CYS C 166 -3.17 -29.25 31.84
CA CYS C 166 -3.80 -28.43 30.81
C CYS C 166 -5.13 -27.90 31.32
N PRO C 167 -5.32 -26.58 31.34
CA PRO C 167 -6.60 -26.04 31.78
C PRO C 167 -7.74 -26.52 30.90
N LEU C 168 -8.86 -26.90 31.52
CA LEU C 168 -10.02 -27.37 30.81
C LEU C 168 -10.87 -26.21 30.33
N PRO C 169 -11.69 -26.42 29.30
CA PRO C 169 -12.58 -25.35 28.85
C PRO C 169 -13.55 -24.94 29.94
N GLY C 170 -13.86 -23.64 29.98
CA GLY C 170 -14.73 -23.10 30.99
C GLY C 170 -16.20 -23.31 30.66
N LEU C 171 -17.05 -22.78 31.54
CA LEU C 171 -18.48 -22.91 31.35
C LEU C 171 -18.95 -22.18 30.11
N ALA C 172 -18.39 -21.00 29.84
CA ALA C 172 -18.78 -20.21 28.69
C ALA C 172 -18.38 -20.92 27.38
N ASP C 173 -19.17 -20.65 26.34
CA ASP C 173 -18.90 -21.26 25.04
C ASP C 173 -17.55 -20.80 24.49
N VAL C 174 -17.24 -19.52 24.61
CA VAL C 174 -15.95 -18.99 24.16
C VAL C 174 -14.92 -19.28 25.23
N SER C 175 -13.71 -19.67 24.81
CA SER C 175 -12.64 -19.99 25.74
C SER C 175 -11.96 -18.71 26.20
N PHE C 176 -12.05 -18.43 27.51
CA PHE C 176 -11.37 -17.27 28.06
C PHE C 176 -9.85 -17.40 27.90
N TYR C 177 -9.32 -18.58 28.18
CA TYR C 177 -7.91 -18.85 27.98
C TYR C 177 -7.59 -19.04 26.51
N PRO C 178 -6.34 -18.83 26.11
CA PRO C 178 -5.96 -19.12 24.72
C PRO C 178 -6.10 -20.60 24.41
N TYR C 179 -6.34 -20.90 23.14
CA TYR C 179 -6.59 -22.26 22.71
C TYR C 179 -5.43 -23.18 23.05
N GLN C 180 -5.75 -24.37 23.55
CA GLN C 180 -4.77 -25.41 23.83
C GLN C 180 -5.01 -26.58 22.91
N ALA C 181 -3.92 -27.11 22.33
CA ALA C 181 -4.03 -28.17 21.33
C ALA C 181 -4.63 -29.46 21.89
N ILE C 182 -4.28 -29.82 23.13
CA ILE C 182 -4.72 -31.09 23.70
C ILE C 182 -6.23 -31.23 23.76
N TRP C 183 -6.97 -30.13 23.64
CA TRP C 183 -8.42 -30.20 23.62
C TRP C 183 -8.94 -31.01 22.44
N ASP C 184 -8.12 -31.21 21.40
CA ASP C 184 -8.51 -32.07 20.29
C ASP C 184 -8.68 -33.52 20.71
N TYR C 185 -8.12 -33.93 21.85
CA TYR C 185 -8.23 -35.30 22.31
C TYR C 185 -8.94 -35.36 23.66
N TYR C 186 -10.01 -34.59 23.83
CA TYR C 186 -10.71 -34.47 25.09
C TYR C 186 -12.12 -35.03 24.96
N ALA C 187 -12.59 -35.70 26.01
CA ALA C 187 -13.92 -36.27 26.06
C ALA C 187 -14.86 -35.31 26.77
N LYS C 188 -15.92 -34.90 26.09
CA LYS C 188 -16.85 -33.91 26.61
C LYS C 188 -17.94 -34.58 27.44
N ILE C 189 -18.27 -33.97 28.57
CA ILE C 189 -19.34 -34.49 29.42
C ILE C 189 -20.67 -33.88 28.96
N GLU C 190 -21.66 -34.73 28.75
CA GLU C 190 -22.97 -34.32 28.28
C GLU C 190 -24.01 -34.58 29.37
N ASN C 191 -24.80 -33.56 29.68
CA ASN C 191 -25.86 -33.69 30.68
C ASN C 191 -27.04 -34.51 30.17
N ILE C 192 -27.29 -34.53 28.87
CA ILE C 192 -28.36 -35.30 28.26
C ILE C 192 -27.72 -36.41 27.42
N ARG C 193 -28.13 -37.65 27.65
CA ARG C 193 -27.53 -38.79 27.01
C ARG C 193 -28.61 -39.69 26.41
N PRO C 194 -28.29 -40.42 25.34
CA PRO C 194 -29.23 -41.39 24.80
C PRO C 194 -29.28 -42.63 25.68
N ALA C 195 -30.22 -43.52 25.33
CA ALA C 195 -30.41 -44.74 26.10
C ALA C 195 -29.20 -45.65 25.95
N ASN C 196 -28.68 -46.14 27.09
CA ASN C 196 -27.56 -47.08 27.14
C ASN C 196 -26.33 -46.53 26.42
N TRP C 197 -25.82 -45.41 26.94
CA TRP C 197 -24.59 -44.81 26.46
C TRP C 197 -23.50 -45.02 27.49
N THR C 198 -22.42 -45.68 27.10
CA THR C 198 -21.30 -45.96 27.98
C THR C 198 -19.99 -45.66 27.27
N SER C 199 -18.97 -45.32 28.06
CA SER C 199 -17.65 -45.03 27.49
C SER C 199 -16.99 -46.28 26.91
N SER C 200 -17.35 -47.47 27.41
CA SER C 200 -16.76 -48.70 26.88
C SER C 200 -17.18 -48.94 25.44
N LYS C 201 -18.38 -48.50 25.06
CA LYS C 201 -18.86 -48.74 23.71
C LYS C 201 -18.03 -47.99 22.67
N LEU C 202 -17.71 -46.73 22.95
CA LEU C 202 -17.00 -45.89 21.98
C LEU C 202 -15.66 -45.39 22.50
N TYR C 203 -15.62 -44.86 23.72
CA TYR C 203 -14.44 -44.16 24.23
C TYR C 203 -13.47 -45.08 24.97
N GLY C 204 -13.63 -46.39 24.83
CA GLY C 204 -12.68 -47.31 25.42
C GLY C 204 -12.77 -47.33 26.94
N LYS C 205 -11.65 -47.71 27.56
CA LYS C 205 -11.58 -47.83 29.01
C LYS C 205 -11.22 -46.52 29.71
N ALA C 206 -10.89 -45.48 28.95
CA ALA C 206 -10.51 -44.21 29.57
C ALA C 206 -11.70 -43.60 30.31
N ARG C 207 -11.46 -43.17 31.54
CA ARG C 207 -12.52 -42.56 32.33
C ARG C 207 -12.89 -41.20 31.76
N MET C 208 -14.17 -40.85 31.85
CA MET C 208 -14.64 -39.59 31.32
C MET C 208 -14.02 -38.42 32.08
N GLY C 209 -13.79 -37.32 31.35
CA GLY C 209 -13.07 -36.19 31.88
C GLY C 209 -11.57 -36.25 31.65
N SER C 210 -11.05 -37.38 31.17
CA SER C 210 -9.65 -37.54 30.81
C SER C 210 -9.51 -37.43 29.30
N TYR C 211 -8.31 -37.72 28.80
CA TYR C 211 -8.01 -37.62 27.38
C TYR C 211 -7.90 -39.01 26.77
N TYR C 212 -8.53 -39.19 25.61
CA TYR C 212 -8.51 -40.46 24.90
C TYR C 212 -7.64 -40.34 23.65
N ILE C 213 -6.78 -41.34 23.45
CA ILE C 213 -5.83 -41.34 22.33
C ILE C 213 -6.41 -42.20 21.22
N PRO C 214 -6.54 -41.67 19.99
CA PRO C 214 -7.08 -42.48 18.89
C PRO C 214 -6.20 -43.69 18.55
N LYS C 215 -6.72 -44.58 17.71
CA LYS C 215 -6.02 -45.82 17.40
C LYS C 215 -4.84 -45.61 16.46
N ARG C 216 -4.94 -44.64 15.54
CA ARG C 216 -3.87 -44.45 14.55
C ARG C 216 -2.59 -43.90 15.16
N LEU C 217 -2.65 -43.31 16.35
CA LEU C 217 -1.47 -42.77 17.00
C LEU C 217 -0.68 -43.84 17.76
N ARG C 218 -1.18 -45.06 17.80
CA ARG C 218 -0.47 -46.16 18.47
C ARG C 218 -0.54 -47.38 17.56
N ASN C 219 0.60 -47.74 16.98
CA ASN C 219 0.71 -48.87 16.08
C ASN C 219 1.89 -49.75 16.46
N ILE C 220 1.64 -51.06 16.50
CA ILE C 220 2.74 -52.01 16.71
C ILE C 220 3.68 -51.98 15.51
N ASN C 221 3.20 -51.53 14.36
CA ASN C 221 3.89 -51.82 13.11
C ASN C 221 4.68 -50.61 12.60
N ASN C 222 4.54 -49.46 13.27
CA ASN C 222 5.32 -48.28 12.91
C ASN C 222 6.77 -48.45 13.34
N THR C 223 7.69 -47.88 12.57
CA THR C 223 9.12 -48.04 12.84
C THR C 223 9.91 -46.74 12.74
N HIS C 224 9.35 -45.68 12.17
CA HIS C 224 10.12 -44.45 11.95
C HIS C 224 9.22 -43.23 12.17
N ILE C 225 9.84 -42.16 12.66
CA ILE C 225 9.15 -40.91 12.96
C ILE C 225 9.88 -39.79 12.23
N LEU C 226 9.14 -38.80 11.74
CA LEU C 226 9.80 -37.60 11.23
C LEU C 226 9.04 -36.36 11.68
N PHE C 227 9.72 -35.22 11.70
CA PHE C 227 9.13 -33.97 12.13
C PHE C 227 9.93 -32.81 11.54
N CYS C 228 9.24 -31.93 10.80
CA CYS C 228 9.84 -30.71 10.29
C CYS C 228 9.38 -29.52 11.13
N SER C 229 9.98 -29.42 12.32
CA SER C 229 9.57 -28.42 13.30
C SER C 229 10.79 -27.73 13.89
N ASP C 230 10.57 -26.56 14.48
CA ASP C 230 11.61 -25.75 15.06
C ASP C 230 11.60 -25.72 16.58
N VAL C 231 10.70 -26.47 17.22
CA VAL C 231 10.44 -26.28 18.64
C VAL C 231 11.46 -27.01 19.49
N LEU C 232 12.18 -27.98 18.90
CA LEU C 232 13.13 -28.76 19.68
C LEU C 232 14.49 -28.08 19.82
N TYR C 233 14.69 -26.94 19.17
CA TYR C 233 16.02 -26.34 19.13
C TYR C 233 16.41 -25.79 20.50
N SER C 234 17.73 -25.71 20.73
CA SER C 234 18.26 -25.37 22.03
C SER C 234 18.24 -23.85 22.24
N LYS C 235 18.92 -23.42 23.31
CA LYS C 235 18.92 -22.03 23.75
C LYS C 235 19.62 -21.10 22.77
N TRP C 236 20.41 -21.65 21.86
CA TRP C 236 21.17 -20.87 20.89
C TRP C 236 20.38 -20.60 19.61
N TYR C 237 19.05 -20.65 19.68
CA TYR C 237 18.19 -20.39 18.54
C TYR C 237 17.16 -19.35 18.98
N ASN C 238 17.66 -18.26 19.56
CA ASN C 238 16.80 -17.17 20.01
C ASN C 238 16.02 -16.60 18.83
N LEU C 239 14.71 -16.43 19.02
CA LEU C 239 13.84 -16.00 17.93
C LEU C 239 14.05 -14.53 17.58
N GLN C 240 14.41 -13.72 18.57
CA GLN C 240 14.54 -12.28 18.33
C GLN C 240 15.69 -11.98 17.39
N ASN C 241 16.67 -12.89 17.29
CA ASN C 241 17.78 -12.72 16.38
C ASN C 241 17.30 -12.83 14.93
N SER C 242 18.03 -12.19 14.02
CA SER C 242 17.63 -12.17 12.63
C SER C 242 17.72 -13.55 12.00
N ILE C 243 16.98 -13.75 10.93
CA ILE C 243 16.92 -15.06 10.27
C ILE C 243 18.28 -15.44 9.71
N LEU C 244 19.04 -14.45 9.22
CA LEU C 244 20.35 -14.73 8.64
C LEU C 244 21.30 -15.32 9.68
N GLN C 245 21.30 -14.75 10.89
CA GLN C 245 22.17 -15.25 11.95
C GLN C 245 21.80 -16.68 12.33
N ASN C 246 20.51 -16.96 12.45
CA ASN C 246 20.07 -18.31 12.78
C ASN C 246 20.46 -19.30 11.70
N GLU C 247 20.28 -18.92 10.43
CA GLU C 247 20.66 -19.80 9.33
C GLU C 247 22.15 -20.08 9.33
N ASN C 248 22.96 -19.04 9.52
CA ASN C 248 24.41 -19.23 9.53
C ASN C 248 24.85 -20.10 10.68
N GLU C 249 24.28 -19.88 11.88
CA GLU C 249 24.66 -20.66 13.04
C GLU C 249 24.24 -22.12 12.87
N LEU C 250 23.04 -22.36 12.34
CA LEU C 250 22.62 -23.73 12.10
C LEU C 250 23.50 -24.42 11.07
N THR C 251 23.87 -23.71 10.00
CA THR C 251 24.74 -24.29 9.00
C THR C 251 26.11 -24.65 9.59
N LYS C 252 26.66 -23.76 10.42
CA LYS C 252 27.94 -24.03 11.05
C LYS C 252 27.84 -25.21 12.01
N ARG C 253 26.75 -25.31 12.77
CA ARG C 253 26.62 -26.37 13.77
C ARG C 253 26.37 -27.72 13.12
N LEU C 254 25.61 -27.76 12.03
CA LEU C 254 25.25 -29.03 11.42
C LEU C 254 26.39 -29.67 10.65
N SER C 255 27.60 -29.09 10.67
CA SER C 255 28.76 -29.69 10.05
C SER C 255 29.70 -30.34 11.06
N ASN C 256 29.97 -29.65 12.17
CA ASN C 256 30.81 -30.22 13.21
C ASN C 256 30.15 -31.44 13.85
N LEU C 257 28.84 -31.36 14.09
CA LEU C 257 28.15 -32.40 14.85
C LEU C 257 27.92 -33.66 14.03
N THR C 258 27.70 -33.53 12.73
CA THR C 258 27.30 -34.65 11.89
C THR C 258 28.50 -35.39 11.32
N ILE C 259 28.36 -36.70 11.20
CA ILE C 259 29.32 -37.54 10.49
C ILE C 259 28.54 -38.27 9.40
N GLY C 260 28.92 -38.05 8.15
CA GLY C 260 28.14 -38.56 7.05
C GLY C 260 26.80 -37.85 6.99
N ASN C 261 25.73 -38.56 7.37
CA ASN C 261 24.41 -37.97 7.48
C ASN C 261 23.73 -38.27 8.81
N LYS C 262 24.37 -39.02 9.69
CA LYS C 262 23.80 -39.37 10.99
C LYS C 262 24.37 -38.45 12.06
N LEU C 263 23.56 -38.12 13.06
CA LEU C 263 23.98 -37.23 14.14
C LEU C 263 24.82 -38.02 15.15
N LYS C 264 25.92 -37.42 15.60
CA LYS C 264 26.68 -38.00 16.70
C LYS C 264 25.87 -37.89 17.99
N ASN C 265 26.16 -38.79 18.93
CA ASN C 265 25.43 -38.84 20.19
C ASN C 265 25.71 -37.62 21.05
N ARG C 266 26.72 -36.83 20.67
CA ARG C 266 27.07 -35.64 21.41
C ARG C 266 25.94 -34.62 21.46
N ALA C 267 25.08 -34.58 20.43
CA ALA C 267 24.05 -33.57 20.31
C ALA C 267 22.70 -33.98 20.88
N LEU C 268 22.32 -35.25 20.75
CA LEU C 268 21.01 -35.68 21.21
C LEU C 268 20.93 -35.61 22.73
N PRO C 269 19.73 -35.43 23.27
CA PRO C 269 19.57 -35.41 24.73
C PRO C 269 20.00 -36.73 25.35
N TYR C 270 20.54 -36.65 26.57
CA TYR C 270 21.06 -37.84 27.22
C TYR C 270 19.97 -38.87 27.50
N GLU C 271 18.73 -38.42 27.68
CA GLU C 271 17.63 -39.36 27.89
C GLU C 271 17.42 -40.23 26.65
N TRP C 272 17.51 -39.64 25.46
CA TRP C 272 17.32 -40.41 24.24
C TRP C 272 18.43 -41.44 24.05
N ALA C 273 19.68 -41.06 24.30
CA ALA C 273 20.80 -41.97 24.12
C ALA C 273 21.93 -41.55 25.03
N LYS C 274 22.79 -42.51 25.36
CA LYS C 274 23.90 -42.27 26.26
C LYS C 274 24.95 -41.37 25.59
N GLY C 275 25.60 -40.55 26.42
CA GLY C 275 26.64 -39.66 25.94
C GLY C 275 26.16 -38.32 25.44
N GLY C 276 24.88 -37.99 25.59
CA GLY C 276 24.38 -36.73 25.12
C GLY C 276 24.79 -35.55 25.98
N LEU C 277 24.81 -34.37 25.35
CA LEU C 277 25.13 -33.14 26.05
C LEU C 277 24.22 -31.98 25.65
N ASN C 278 23.12 -32.24 24.94
CA ASN C 278 22.17 -31.21 24.52
C ASN C 278 22.85 -30.12 23.70
N ARG C 279 23.66 -30.53 22.74
CA ARG C 279 24.34 -29.58 21.87
C ARG C 279 23.44 -29.04 20.76
N LEU C 280 22.56 -29.87 20.21
CA LEU C 280 21.64 -29.45 19.17
C LEU C 280 20.19 -29.39 19.64
N PHE C 281 19.68 -30.47 20.21
CA PHE C 281 18.32 -30.49 20.74
C PHE C 281 18.34 -30.22 22.24
N ARG C 282 17.16 -29.86 22.77
CA ARG C 282 16.99 -29.60 24.18
C ARG C 282 16.15 -30.73 24.81
N ASN C 283 15.89 -30.59 26.10
CA ASN C 283 15.06 -31.55 26.80
C ASN C 283 13.59 -31.30 26.50
N ILE C 284 12.74 -32.15 27.04
CA ILE C 284 11.29 -32.00 26.93
C ILE C 284 10.73 -31.71 28.32
N SER C 285 10.06 -30.57 28.46
CA SER C 285 9.51 -30.18 29.74
C SER C 285 8.16 -30.84 29.94
N VAL C 286 7.53 -30.61 31.10
CA VAL C 286 6.23 -31.16 31.40
C VAL C 286 5.11 -30.19 31.01
N LEU C 287 5.39 -28.89 31.03
CA LEU C 287 4.42 -27.92 30.53
C LEU C 287 4.30 -27.99 29.01
N ASP C 288 5.29 -28.56 28.33
CA ASP C 288 5.23 -28.73 26.88
C ASP C 288 4.43 -29.97 26.53
N VAL C 289 3.19 -30.04 27.02
CA VAL C 289 2.31 -31.15 26.71
C VAL C 289 0.94 -30.69 26.24
N CYS C 290 0.52 -29.47 26.56
CA CYS C 290 -0.82 -28.98 26.23
C CYS C 290 -0.90 -28.34 24.85
N SER C 291 0.24 -28.13 24.20
CA SER C 291 0.26 -27.59 22.84
C SER C 291 0.93 -28.50 21.83
N ARG C 292 1.65 -29.52 22.28
CA ARG C 292 2.38 -30.43 21.40
C ARG C 292 2.16 -31.88 21.85
N PRO C 293 0.91 -32.36 21.81
CA PRO C 293 0.64 -33.72 22.29
C PRO C 293 1.35 -34.80 21.48
N GLU C 294 1.56 -34.57 20.19
CA GLU C 294 2.19 -35.59 19.35
C GLU C 294 3.59 -35.91 19.82
N MET C 295 4.36 -34.87 20.17
CA MET C 295 5.74 -35.10 20.59
C MET C 295 5.81 -35.94 21.86
N VAL C 296 5.00 -35.61 22.86
CA VAL C 296 5.04 -36.37 24.10
C VAL C 296 4.50 -37.78 23.90
N LEU C 297 3.50 -37.94 23.03
CA LEU C 297 2.95 -39.28 22.80
C LEU C 297 3.87 -40.15 21.95
N LEU C 298 4.79 -39.55 21.18
CA LEU C 298 5.59 -40.32 20.25
C LEU C 298 7.08 -40.34 20.56
N LEU C 299 7.55 -39.61 21.57
CA LEU C 299 8.98 -39.53 21.82
C LEU C 299 9.40 -39.84 23.26
N ASN C 300 8.52 -39.70 24.24
CA ASN C 300 8.85 -40.16 25.59
C ASN C 300 9.27 -41.62 25.62
N LYS C 301 10.40 -41.86 26.29
CA LYS C 301 10.80 -43.19 26.71
C LYS C 301 10.42 -43.49 28.15
N THR C 302 9.78 -42.54 28.84
CA THR C 302 9.31 -42.72 30.21
C THR C 302 8.01 -41.95 30.38
N TYR C 303 7.09 -42.51 31.15
CA TYR C 303 5.75 -41.96 31.31
C TYR C 303 5.53 -41.54 32.76
N TYR C 304 4.99 -40.34 32.95
CA TYR C 304 4.68 -39.81 34.26
C TYR C 304 3.25 -39.30 34.29
N THR C 305 2.66 -39.29 35.48
CA THR C 305 1.29 -38.86 35.66
C THR C 305 1.23 -37.78 36.73
N PHE C 306 0.54 -36.69 36.43
CA PHE C 306 0.32 -35.59 37.36
C PHE C 306 -1.18 -35.35 37.45
N SER C 307 -1.83 -35.94 38.44
CA SER C 307 -3.29 -35.88 38.53
C SER C 307 -3.71 -35.66 39.97
N LEU C 308 -4.91 -35.10 40.13
CA LEU C 308 -5.52 -34.90 41.43
C LEU C 308 -6.78 -35.73 41.62
N TRP C 309 -7.00 -36.71 40.75
CA TRP C 309 -8.20 -37.54 40.84
C TRP C 309 -8.17 -38.40 42.10
N GLU C 310 -9.35 -38.62 42.69
CA GLU C 310 -9.45 -39.47 43.86
C GLU C 310 -9.14 -40.92 43.50
N GLY C 311 -8.57 -41.64 44.45
CA GLY C 311 -8.18 -43.02 44.23
C GLY C 311 -6.78 -43.22 43.68
N ASP C 312 -6.02 -42.14 43.50
CA ASP C 312 -4.65 -42.22 43.01
C ASP C 312 -3.68 -41.89 44.14
N CYS C 313 -2.56 -42.61 44.17
CA CYS C 313 -1.54 -42.45 45.21
C CYS C 313 -2.11 -42.71 46.61
N ASN C 314 -3.14 -43.57 46.69
CA ASN C 314 -3.78 -43.92 47.96
C ASN C 314 -4.24 -42.68 48.70
N ILE C 315 -4.87 -41.77 47.98
CA ILE C 315 -5.35 -40.50 48.52
C ILE C 315 -6.87 -40.52 48.53
N THR C 316 -7.45 -40.27 49.70
CA THR C 316 -8.89 -40.21 49.88
C THR C 316 -9.31 -38.78 50.21
N ARG C 317 -10.59 -38.60 50.52
CA ARG C 317 -11.14 -37.29 50.82
C ARG C 317 -11.02 -36.90 52.29
N TYR C 318 -10.35 -37.71 53.10
CA TYR C 318 -10.28 -37.46 54.53
C TYR C 318 -8.86 -37.63 55.08
N ASN C 319 -7.97 -38.25 54.30
CA ASN C 319 -6.63 -38.52 54.79
C ASN C 319 -5.65 -37.39 54.51
N VAL C 320 -6.13 -36.29 53.91
CA VAL C 320 -5.25 -35.22 53.45
C VAL C 320 -4.39 -34.68 54.58
N ASN C 321 -4.99 -34.50 55.76
CA ASN C 321 -4.25 -34.00 56.91
C ASN C 321 -3.03 -34.86 57.20
N GLU C 322 -3.18 -36.18 57.10
CA GLU C 322 -2.05 -37.06 57.32
C GLU C 322 -1.11 -37.08 56.11
N THR C 323 -1.67 -36.87 54.92
CA THR C 323 -0.88 -37.03 53.70
C THR C 323 0.12 -35.88 53.52
N VAL C 324 -0.35 -34.64 53.68
CA VAL C 324 0.43 -33.46 53.33
C VAL C 324 0.87 -32.78 54.62
N PRO C 325 2.16 -32.72 54.91
CA PRO C 325 2.61 -31.97 56.09
C PRO C 325 2.28 -30.48 56.02
N GLU C 326 2.23 -29.91 54.82
CA GLU C 326 2.08 -28.47 54.68
C GLU C 326 0.77 -27.98 55.27
N CYS C 327 -0.34 -28.67 55.00
CA CYS C 327 -1.62 -28.33 55.60
C CYS C 327 -1.80 -28.91 56.99
N LYS C 328 -0.72 -29.30 57.65
CA LYS C 328 -0.83 -29.76 59.03
C LYS C 328 -1.28 -28.62 59.95
N ASP C 329 -0.89 -27.39 59.64
CA ASP C 329 -1.29 -26.24 60.42
C ASP C 329 -2.77 -25.95 60.19
N PHE C 330 -3.32 -25.14 61.09
CA PHE C 330 -4.74 -24.79 61.02
C PHE C 330 -5.01 -23.97 59.76
N PRO C 331 -6.02 -24.31 58.97
CA PRO C 331 -6.34 -23.56 57.75
C PRO C 331 -7.06 -22.24 58.04
N HIS C 332 -6.27 -21.26 58.48
CA HIS C 332 -6.81 -19.94 58.80
C HIS C 332 -5.76 -18.86 58.61
N ASP C 337 -5.45 -18.17 52.71
CA ASP C 337 -5.46 -19.50 52.11
C ASP C 337 -6.47 -19.57 50.97
N HIS C 338 -6.00 -20.00 49.80
CA HIS C 338 -6.85 -20.12 48.63
C HIS C 338 -7.84 -21.27 48.81
N PRO C 339 -9.02 -21.17 48.18
CA PRO C 339 -10.00 -22.26 48.29
C PRO C 339 -9.49 -23.59 47.76
N TYR C 340 -8.55 -23.58 46.82
CA TYR C 340 -8.08 -24.83 46.22
C TYR C 340 -7.02 -25.50 47.08
N SER C 341 -6.61 -24.85 48.17
CA SER C 341 -5.54 -25.40 48.99
C SER C 341 -5.99 -26.66 49.71
N CYS C 342 -5.25 -27.75 49.46
CA CYS C 342 -5.54 -29.07 50.02
C CYS C 342 -7.01 -29.43 49.87
N ARG C 343 -7.45 -29.48 48.62
CA ARG C 343 -8.83 -29.86 48.30
C ARG C 343 -8.85 -30.85 47.13
N TYR C 347 -14.23 -35.42 42.93
CA TYR C 347 -14.17 -36.43 43.98
C TYR C 347 -14.91 -37.70 43.59
N ARG C 348 -14.88 -38.69 44.48
CA ARG C 348 -15.56 -39.95 44.24
C ARG C 348 -17.04 -39.84 44.61
N GLU C 349 -17.91 -40.17 43.67
CA GLU C 349 -19.34 -40.02 43.90
C GLU C 349 -20.17 -41.07 43.17
N GLY C 350 -20.51 -42.16 43.86
CA GLY C 350 -21.43 -43.16 43.34
C GLY C 350 -20.94 -43.87 42.10
N LYS C 351 -21.74 -44.84 41.67
CA LYS C 351 -21.44 -45.58 40.46
C LYS C 351 -22.01 -44.86 39.24
N GLU C 352 -21.58 -45.30 38.06
CA GLU C 352 -22.12 -44.76 36.81
C GLU C 352 -23.62 -44.98 36.76
N GLU C 353 -24.35 -43.91 36.43
CA GLU C 353 -25.80 -44.00 36.52
C GLU C 353 -26.44 -43.41 35.26
N VAL C 354 -27.53 -44.05 34.84
CA VAL C 354 -28.40 -43.51 33.80
C VAL C 354 -29.82 -43.54 34.33
N LYS C 355 -30.42 -42.34 34.40
CA LYS C 355 -31.78 -42.20 34.91
C LYS C 355 -32.63 -41.56 33.83
N CYS C 356 -33.75 -42.22 33.49
CA CYS C 356 -34.63 -41.72 32.44
C CYS C 356 -36.06 -42.15 32.80
N LEU C 357 -36.79 -41.27 33.47
CA LEU C 357 -38.17 -41.56 33.84
C LEU C 357 -39.17 -41.04 32.82
N THR C 358 -38.73 -40.23 31.85
CA THR C 358 -39.63 -39.71 30.85
C THR C 358 -39.98 -40.78 29.82
N SER C 359 -41.15 -40.62 29.20
CA SER C 359 -41.58 -41.57 28.18
C SER C 359 -40.66 -41.53 26.97
N ASP C 360 -40.25 -40.34 26.55
CA ASP C 360 -39.35 -40.20 25.41
C ASP C 360 -37.94 -40.64 25.79
N HIS C 361 -37.43 -41.66 25.12
CA HIS C 361 -36.10 -42.18 25.41
C HIS C 361 -35.00 -41.51 24.59
N THR C 362 -35.35 -40.58 23.70
CA THR C 362 -34.33 -39.89 22.92
C THR C 362 -33.42 -39.06 23.82
N ARG C 363 -34.00 -38.36 24.79
CA ARG C 363 -33.25 -37.56 25.75
C ARG C 363 -33.39 -38.20 27.12
N CYS C 364 -32.27 -38.45 27.78
CA CYS C 364 -32.26 -39.12 29.08
C CYS C 364 -31.15 -38.53 29.94
N LEU C 365 -31.27 -38.71 31.25
CA LEU C 365 -30.35 -38.11 32.21
C LEU C 365 -29.20 -39.06 32.50
N TYR C 366 -27.99 -38.52 32.61
CA TYR C 366 -26.79 -39.29 32.86
C TYR C 366 -26.04 -38.73 34.07
N TYR C 367 -25.79 -39.59 35.06
CA TYR C 367 -25.00 -39.22 36.23
C TYR C 367 -23.63 -39.86 36.13
N PRO C 368 -22.57 -39.08 35.98
CA PRO C 368 -21.23 -39.65 35.79
C PRO C 368 -20.68 -40.27 37.06
N GLU C 369 -19.66 -41.10 36.89
CA GLU C 369 -19.02 -41.75 38.02
C GLU C 369 -18.27 -40.75 38.91
N TYR C 370 -17.60 -39.78 38.29
CA TYR C 370 -16.77 -38.85 39.02
C TYR C 370 -17.31 -37.43 38.87
N SER C 371 -16.86 -36.55 39.78
CA SER C 371 -17.27 -35.16 39.74
C SER C 371 -16.68 -34.44 38.52
N ASN C 372 -17.37 -33.40 38.08
CA ASN C 372 -16.96 -32.60 36.93
C ASN C 372 -16.93 -31.13 37.34
N PRO C 373 -15.92 -30.71 38.10
CA PRO C 373 -15.85 -29.31 38.56
C PRO C 373 -15.34 -28.37 37.46
N GLU C 374 -16.20 -28.14 36.47
CA GLU C 374 -15.83 -27.24 35.37
C GLU C 374 -15.71 -25.79 35.81
N ALA C 375 -16.27 -25.44 36.97
CA ALA C 375 -16.16 -24.07 37.47
C ALA C 375 -14.71 -23.70 37.74
N LEU C 376 -13.95 -24.61 38.35
CA LEU C 376 -12.52 -24.39 38.63
C LEU C 376 -11.71 -25.06 37.53
N PHE C 377 -11.61 -24.36 36.41
CA PHE C 377 -10.90 -24.85 35.23
C PHE C 377 -9.42 -24.47 35.22
N ASP C 378 -8.94 -23.76 36.25
CA ASP C 378 -7.55 -23.36 36.33
C ASP C 378 -6.81 -24.10 37.44
N PHE C 379 -7.34 -25.24 37.88
CA PHE C 379 -6.75 -25.95 39.01
C PHE C 379 -5.35 -26.45 38.69
N GLY C 380 -5.19 -27.13 37.55
CA GLY C 380 -3.90 -27.75 37.26
C GLY C 380 -2.79 -26.74 37.02
N PHE C 381 -3.09 -25.70 36.24
CA PHE C 381 -2.05 -24.73 35.90
C PHE C 381 -1.57 -23.98 37.13
N LEU C 382 -2.51 -23.58 38.00
CA LEU C 382 -2.12 -22.90 39.23
C LEU C 382 -1.46 -23.88 40.20
N SER C 383 -1.81 -25.16 40.11
CA SER C 383 -1.26 -26.17 41.00
C SER C 383 0.20 -26.48 40.65
N TYR C 384 0.53 -26.40 39.37
CA TYR C 384 1.89 -26.67 38.92
C TYR C 384 2.90 -25.64 39.43
N MET C 385 2.52 -24.37 39.50
CA MET C 385 3.41 -23.31 39.95
C MET C 385 3.66 -23.34 41.45
N ARG C 386 3.02 -24.27 42.16
CA ARG C 386 3.17 -24.41 43.61
C ARG C 386 2.81 -23.11 44.33
N ASN C 387 1.77 -22.45 43.82
CA ASN C 387 1.26 -21.25 44.47
C ASN C 387 0.69 -21.57 45.85
N PHE C 388 0.00 -22.69 45.97
CA PHE C 388 -0.61 -23.14 47.21
C PHE C 388 -0.26 -24.60 47.42
N PRO C 389 -0.15 -25.04 48.68
CA PRO C 389 0.11 -26.46 48.93
C PRO C 389 -1.14 -27.30 48.71
N GLY C 390 -0.92 -28.57 48.37
CA GLY C 390 -2.00 -29.48 48.13
C GLY C 390 -1.54 -30.86 47.72
N PRO C 391 -2.50 -31.74 47.43
CA PRO C 391 -2.14 -33.10 46.99
C PRO C 391 -1.27 -33.09 45.75
N GLN C 392 -0.36 -34.06 45.70
CA GLN C 392 0.51 -34.26 44.55
C GLN C 392 0.73 -35.76 44.35
N CYS C 393 0.44 -36.24 43.15
CA CYS C 393 0.56 -37.65 42.82
C CYS C 393 1.40 -37.81 41.56
N ILE C 394 2.55 -38.48 41.69
CA ILE C 394 3.45 -38.72 40.57
C ILE C 394 3.79 -40.20 40.54
N GLU C 395 3.62 -40.84 39.38
CA GLU C 395 3.96 -42.23 39.18
C GLU C 395 4.74 -42.37 37.89
N SER C 396 5.77 -43.21 37.89
CA SER C 396 6.68 -43.35 36.76
C SER C 396 6.42 -44.68 36.06
N THR C 397 6.27 -44.63 34.74
CA THR C 397 6.05 -45.80 33.91
C THR C 397 7.03 -45.81 32.75
N SER C 398 7.59 -47.00 32.46
CA SER C 398 8.56 -47.17 31.39
C SER C 398 7.87 -47.71 30.15
N ILE C 399 8.23 -47.15 28.98
CA ILE C 399 7.61 -47.52 27.72
C ILE C 399 8.64 -48.08 26.74
N ARG C 400 9.82 -47.48 26.68
CA ARG C 400 10.78 -47.77 25.64
C ARG C 400 12.18 -47.94 26.23
N GLN C 401 13.03 -48.65 25.49
CA GLN C 401 14.39 -48.93 25.93
C GLN C 401 15.36 -48.72 24.77
N GLN C 402 16.65 -48.85 25.08
CA GLN C 402 17.73 -48.78 24.10
C GLN C 402 17.88 -47.38 23.51
N ASP C 403 18.89 -47.19 22.67
CA ASP C 403 19.23 -45.88 22.15
C ASP C 403 18.45 -45.57 20.88
N TYR C 404 18.61 -44.34 20.40
CA TYR C 404 17.94 -43.85 19.20
C TYR C 404 18.99 -43.45 18.18
N GLU C 405 18.55 -43.30 16.93
CA GLU C 405 19.38 -42.74 15.87
C GLU C 405 18.56 -41.73 15.08
N VAL C 406 19.19 -40.62 14.72
CA VAL C 406 18.54 -39.49 14.07
C VAL C 406 19.35 -39.12 12.84
N TYR C 407 18.66 -38.93 11.72
CA TYR C 407 19.27 -38.49 10.47
C TYR C 407 18.73 -37.12 10.08
N SER C 408 19.57 -36.32 9.43
CA SER C 408 19.22 -34.97 9.00
C SER C 408 19.05 -34.97 7.49
N ILE C 409 17.92 -34.41 7.02
CA ILE C 409 17.64 -34.40 5.60
C ILE C 409 18.40 -33.28 4.90
N TYR C 410 18.73 -32.20 5.61
CA TYR C 410 19.46 -31.09 5.01
C TYR C 410 20.87 -31.52 4.58
N GLN C 411 21.59 -32.22 5.46
CA GLN C 411 22.89 -32.75 5.07
C GLN C 411 22.77 -33.74 3.93
N GLU C 412 21.68 -34.51 3.90
CA GLU C 412 21.45 -35.43 2.80
C GLU C 412 21.28 -34.67 1.50
N CYS C 413 20.54 -33.57 1.51
CA CYS C 413 20.39 -32.75 0.31
C CYS C 413 21.75 -32.26 -0.17
N LYS C 414 22.54 -31.67 0.74
CA LYS C 414 23.84 -31.14 0.37
C LYS C 414 24.75 -32.21 -0.22
N LEU C 415 24.79 -33.38 0.43
CA LEU C 415 25.73 -34.41 -0.01
C LEU C 415 25.26 -35.08 -1.30
N ALA C 416 23.96 -35.36 -1.42
CA ALA C 416 23.47 -36.11 -2.57
C ALA C 416 23.38 -35.24 -3.81
N SER C 417 23.20 -33.93 -3.65
CA SER C 417 23.08 -33.07 -4.83
C SER C 417 24.39 -32.98 -5.62
N LYS C 418 25.50 -33.41 -5.02
CA LYS C 418 26.79 -33.27 -5.69
C LYS C 418 26.95 -34.27 -6.83
N THR C 419 26.40 -35.48 -6.69
CA THR C 419 26.66 -36.56 -7.61
C THR C 419 25.44 -36.97 -8.44
N TYR C 420 24.28 -36.35 -8.24
CA TYR C 420 23.08 -36.65 -9.02
C TYR C 420 22.30 -35.42 -9.44
N GLY C 421 22.91 -34.23 -9.38
CA GLY C 421 22.19 -33.02 -9.73
C GLY C 421 21.30 -32.54 -8.60
N ILE C 422 20.50 -31.51 -8.91
CA ILE C 422 19.64 -30.90 -7.92
C ILE C 422 18.16 -31.22 -8.15
N ASP C 423 17.71 -31.34 -9.41
CA ASP C 423 16.30 -31.60 -9.65
C ASP C 423 15.90 -32.99 -9.16
N SER C 424 16.69 -34.01 -9.51
CA SER C 424 16.34 -35.38 -9.17
C SER C 424 16.32 -35.58 -7.66
N VAL C 425 17.32 -35.07 -6.96
CA VAL C 425 17.38 -35.27 -5.51
C VAL C 425 16.21 -34.58 -4.82
N LEU C 426 15.89 -33.35 -5.24
CA LEU C 426 14.76 -32.64 -4.63
C LEU C 426 13.46 -33.38 -4.90
N PHE C 427 13.26 -33.85 -6.12
CA PHE C 427 12.02 -34.55 -6.45
C PHE C 427 11.89 -35.85 -5.64
N SER C 428 12.98 -36.61 -5.54
CA SER C 428 12.95 -37.86 -4.80
C SER C 428 12.70 -37.63 -3.31
N LEU C 429 13.34 -36.61 -2.74
CA LEU C 429 13.13 -36.34 -1.32
C LEU C 429 11.74 -35.80 -1.04
N LYS C 430 11.16 -35.04 -1.98
CA LYS C 430 9.76 -34.64 -1.82
C LYS C 430 8.84 -35.86 -1.83
N ASN C 431 9.10 -36.79 -2.76
CA ASN C 431 8.30 -38.02 -2.79
C ASN C 431 8.42 -38.79 -1.49
N PHE C 432 9.64 -38.87 -0.94
CA PHE C 432 9.85 -39.55 0.33
C PHE C 432 9.11 -38.84 1.46
N LEU C 433 9.16 -37.51 1.47
CA LEU C 433 8.51 -36.70 2.50
C LEU C 433 6.99 -36.73 2.40
N ASN C 434 6.43 -37.14 1.27
CA ASN C 434 4.99 -37.24 1.12
C ASN C 434 4.59 -38.72 1.03
N TYR C 435 5.16 -39.53 1.93
CA TYR C 435 4.86 -40.97 1.92
C TYR C 435 3.47 -41.25 2.46
N THR C 436 3.10 -40.61 3.56
CA THR C 436 1.88 -40.94 4.29
C THR C 436 0.60 -40.43 3.61
N GLY C 437 0.70 -39.93 2.39
CA GLY C 437 -0.45 -39.43 1.68
C GLY C 437 -0.81 -37.99 1.97
N LYS C 438 -0.13 -37.35 2.92
CA LYS C 438 -0.35 -35.95 3.22
C LYS C 438 1.01 -35.26 3.33
N PRO C 439 1.16 -34.04 2.82
CA PRO C 439 2.45 -33.34 2.93
C PRO C 439 2.75 -32.95 4.37
N VAL C 440 4.03 -32.99 4.74
CA VAL C 440 4.41 -32.67 6.11
C VAL C 440 4.76 -31.20 6.23
N ASN C 441 5.34 -30.62 5.16
CA ASN C 441 5.68 -29.20 5.20
C ASN C 441 4.45 -28.33 5.34
N GLU C 442 3.35 -28.71 4.67
CA GLU C 442 2.13 -27.92 4.75
C GLU C 442 1.51 -27.97 6.15
N MET C 443 1.86 -28.98 6.94
CA MET C 443 1.27 -29.12 8.26
C MET C 443 1.74 -27.98 9.17
N PRO C 444 0.92 -27.57 10.14
CA PRO C 444 1.34 -26.53 11.08
C PRO C 444 2.57 -26.96 11.87
N ASN C 445 3.39 -25.97 12.23
CA ASN C 445 4.66 -26.26 12.90
C ASN C 445 4.43 -26.93 14.25
N ALA C 446 3.41 -26.49 14.98
CA ALA C 446 3.17 -27.03 16.32
C ALA C 446 2.67 -28.47 16.30
N ARG C 447 2.22 -28.99 15.15
CA ARG C 447 1.67 -30.33 15.07
C ARG C 447 2.24 -31.10 13.88
N ALA C 448 3.51 -30.88 13.56
CA ALA C 448 4.15 -31.55 12.42
C ALA C 448 4.92 -32.78 12.90
N PHE C 449 4.15 -33.82 13.25
CA PHE C 449 4.73 -35.09 13.69
C PHE C 449 3.92 -36.22 13.08
N VAL C 450 4.61 -37.19 12.49
CA VAL C 450 3.97 -38.32 11.82
C VAL C 450 5.01 -39.43 11.62
N GLY C 451 4.53 -40.67 11.59
CA GLY C 451 5.40 -41.82 11.40
C GLY C 451 5.08 -42.62 10.15
N LEU C 452 5.97 -43.54 9.83
CA LEU C 452 5.88 -44.36 8.63
C LEU C 452 5.93 -45.84 8.99
N ILE C 453 5.90 -46.68 7.95
CA ILE C 453 6.01 -48.12 8.08
C ILE C 453 7.05 -48.61 7.09
N ASP C 454 8.27 -48.87 7.57
CA ASP C 454 9.38 -49.42 6.80
C ASP C 454 9.65 -48.68 5.50
N PRO C 455 10.15 -47.44 5.56
CA PRO C 455 10.59 -46.77 4.33
C PRO C 455 12.06 -47.05 4.04
N LYS C 456 12.44 -46.77 2.80
CA LYS C 456 13.82 -46.93 2.35
C LYS C 456 14.47 -45.56 2.25
N PHE C 457 15.58 -45.39 2.97
CA PHE C 457 16.29 -44.13 3.00
C PHE C 457 17.79 -44.39 2.86
N PRO C 458 18.49 -43.70 1.94
CA PRO C 458 17.91 -42.75 1.00
C PRO C 458 17.19 -43.42 -0.17
N PRO C 459 16.21 -42.75 -0.76
CA PRO C 459 15.47 -43.35 -1.88
C PRO C 459 16.30 -43.41 -3.15
N THR C 460 15.78 -44.09 -4.17
CA THR C 460 16.48 -44.20 -5.44
C THR C 460 16.35 -42.90 -6.22
N TYR C 461 17.48 -42.33 -6.64
CA TYR C 461 17.48 -41.08 -7.38
C TYR C 461 17.41 -41.37 -8.86
N PRO C 462 16.34 -40.99 -9.55
CA PRO C 462 16.25 -41.24 -11.00
C PRO C 462 17.27 -40.42 -11.77
N ASN C 463 17.71 -40.98 -12.90
CA ASN C 463 18.63 -40.29 -13.81
C ASN C 463 17.83 -39.43 -14.79
N ILE C 464 17.20 -38.39 -14.24
CA ILE C 464 16.33 -37.53 -15.02
C ILE C 464 17.20 -36.57 -15.83
N THR C 465 17.12 -36.67 -17.17
CA THR C 465 17.88 -35.77 -18.02
C THR C 465 17.25 -34.38 -17.99
N ARG C 466 18.12 -33.37 -18.11
CA ARG C 466 17.66 -31.98 -18.10
C ARG C 466 17.25 -31.54 -19.49
N MET C 498 8.02 -15.83 -28.58
CA MET C 498 8.55 -16.75 -27.59
C MET C 498 9.70 -16.13 -26.81
N GLY C 499 10.89 -16.69 -26.97
CA GLY C 499 12.07 -16.23 -26.25
C GLY C 499 13.06 -15.57 -27.18
N TYR C 500 13.46 -14.34 -26.82
CA TYR C 500 14.47 -13.61 -27.55
C TYR C 500 15.86 -14.04 -27.07
N ALA C 501 16.90 -13.41 -27.63
CA ALA C 501 18.26 -13.79 -27.29
C ALA C 501 19.20 -12.62 -27.53
N LEU C 502 20.31 -12.64 -26.81
CA LEU C 502 21.44 -11.73 -27.04
C LEU C 502 22.64 -12.59 -27.43
N THR C 503 23.16 -12.37 -28.64
CA THR C 503 24.16 -13.25 -29.21
C THR C 503 25.53 -12.56 -29.23
N GLY C 504 26.57 -13.37 -29.28
CA GLY C 504 27.94 -12.91 -29.30
C GLY C 504 28.69 -13.29 -28.04
N ALA C 505 29.95 -13.67 -28.22
CA ALA C 505 30.81 -13.99 -27.09
C ALA C 505 31.07 -12.75 -26.25
N VAL C 506 31.24 -12.96 -24.94
CA VAL C 506 31.34 -11.87 -23.99
C VAL C 506 32.54 -12.09 -23.08
N GLN C 507 33.22 -10.99 -22.74
CA GLN C 507 34.31 -11.00 -21.78
C GLN C 507 33.74 -10.91 -20.37
N THR C 508 34.41 -11.55 -19.41
CA THR C 508 33.90 -11.66 -18.05
C THR C 508 34.99 -11.25 -17.07
N LEU C 509 34.59 -10.56 -15.99
CA LEU C 509 35.54 -9.96 -15.07
C LEU C 509 35.96 -10.89 -13.94
N ALA C 510 35.35 -12.06 -13.82
CA ALA C 510 35.63 -13.01 -12.72
C ALA C 510 35.24 -12.31 -11.42
N GLN C 511 36.16 -12.13 -10.47
CA GLN C 511 35.81 -11.53 -9.19
C GLN C 511 35.41 -10.07 -9.38
N ILE C 512 34.51 -9.60 -8.52
CA ILE C 512 33.80 -8.34 -8.77
C ILE C 512 34.74 -7.14 -8.65
N SER C 513 35.75 -7.23 -7.78
CA SER C 513 36.60 -6.05 -7.56
C SER C 513 37.59 -5.80 -8.69
N ASP C 514 37.47 -6.47 -9.83
CA ASP C 514 38.34 -6.24 -10.98
C ASP C 514 37.79 -5.19 -11.94
N ILE C 515 36.68 -4.54 -11.61
CA ILE C 515 36.12 -3.54 -12.50
C ILE C 515 37.04 -2.33 -12.62
N ASN C 516 37.71 -1.97 -11.53
CA ASN C 516 38.60 -0.81 -11.52
C ASN C 516 40.03 -1.25 -11.79
N ASP C 517 40.44 -1.15 -13.05
CA ASP C 517 41.79 -1.50 -13.48
C ASP C 517 42.26 -0.40 -14.43
N GLN C 518 43.39 -0.65 -15.10
CA GLN C 518 43.92 0.27 -16.10
C GLN C 518 44.20 -0.40 -17.42
N ASN C 519 43.70 -1.62 -17.64
CA ASN C 519 44.00 -2.38 -18.85
C ASN C 519 42.74 -2.87 -19.57
N LEU C 520 41.57 -2.33 -19.24
CA LEU C 520 40.33 -2.71 -19.88
C LEU C 520 39.61 -1.47 -20.39
N GLN C 521 38.92 -1.62 -21.51
CA GLN C 521 38.29 -0.51 -22.21
C GLN C 521 36.76 -0.65 -22.15
N GLN C 522 36.08 0.27 -22.84
CA GLN C 522 34.63 0.33 -22.78
C GLN C 522 34.00 -0.92 -23.36
N GLY C 523 32.89 -1.34 -22.75
CA GLY C 523 32.18 -2.51 -23.22
C GLY C 523 31.21 -3.00 -22.16
N ILE C 524 30.56 -4.12 -22.46
CA ILE C 524 29.63 -4.77 -21.54
C ILE C 524 30.37 -5.91 -20.86
N TYR C 525 30.42 -5.87 -19.54
CA TYR C 525 31.16 -6.83 -18.75
C TYR C 525 30.20 -7.55 -17.81
N LEU C 526 30.46 -8.82 -17.54
CA LEU C 526 29.54 -9.67 -16.79
C LEU C 526 30.25 -10.35 -15.63
N LEU C 527 29.45 -10.89 -14.71
CA LEU C 527 29.97 -11.61 -13.56
C LEU C 527 29.81 -13.11 -13.77
N ARG C 528 30.83 -13.88 -13.35
CA ARG C 528 30.78 -15.32 -13.58
C ARG C 528 29.63 -15.99 -12.84
N ASP C 529 29.42 -15.64 -11.57
CA ASP C 529 28.45 -16.32 -10.73
C ASP C 529 27.26 -15.41 -10.45
N HIS C 530 26.13 -16.05 -10.15
CA HIS C 530 24.90 -15.33 -9.88
C HIS C 530 24.88 -14.83 -8.44
N ILE C 531 23.82 -14.10 -8.10
CA ILE C 531 23.57 -13.67 -6.73
C ILE C 531 22.23 -14.25 -6.30
N VAL C 532 22.25 -15.15 -5.33
CA VAL C 532 21.04 -15.83 -4.85
C VAL C 532 20.48 -15.04 -3.68
N THR C 533 19.19 -14.74 -3.73
CA THR C 533 18.55 -13.91 -2.71
C THR C 533 17.22 -14.52 -2.30
N LEU C 534 16.94 -14.45 -1.00
CA LEU C 534 15.69 -14.92 -0.43
C LEU C 534 14.89 -13.73 0.07
N MET C 535 13.61 -13.69 -0.29
CA MET C 535 12.75 -12.60 0.18
C MET C 535 12.58 -12.62 1.69
N GLU C 536 12.44 -13.80 2.29
CA GLU C 536 12.27 -13.92 3.73
C GLU C 536 13.51 -13.50 4.50
N ALA C 537 14.68 -13.45 3.86
CA ALA C 537 15.91 -13.03 4.52
C ALA C 537 16.23 -11.56 4.29
N THR C 538 15.66 -10.93 3.27
CA THR C 538 15.88 -9.52 3.01
C THR C 538 15.09 -8.61 3.93
N LEU C 539 13.87 -8.99 4.30
CA LEU C 539 13.04 -8.16 5.15
C LEU C 539 13.46 -8.31 6.60
N HIS C 540 13.78 -7.19 7.25
CA HIS C 540 14.27 -7.19 8.62
C HIS C 540 13.16 -7.03 9.64
N ASP C 541 11.90 -6.99 9.20
CA ASP C 541 10.80 -6.77 10.14
C ASP C 541 9.62 -7.70 9.89
N ILE C 542 9.83 -8.85 9.24
CA ILE C 542 8.76 -9.81 9.06
C ILE C 542 8.28 -10.33 10.41
N SER C 543 9.21 -10.66 11.29
CA SER C 543 8.85 -11.06 12.64
C SER C 543 8.35 -9.86 13.43
N ILE C 544 7.79 -10.15 14.61
CA ILE C 544 7.24 -9.15 15.51
C ILE C 544 6.08 -8.43 14.83
N MET C 545 5.34 -9.16 13.99
CA MET C 545 4.11 -8.68 13.37
C MET C 545 3.10 -9.82 13.43
N PRO C 546 2.19 -9.80 14.40
CA PRO C 546 1.32 -10.95 14.61
C PRO C 546 0.00 -10.88 13.86
N GLY C 547 -0.72 -12.00 13.83
CA GLY C 547 -2.04 -12.01 13.23
C GLY C 547 -2.00 -11.77 11.74
N MET C 548 -3.04 -11.10 11.24
CA MET C 548 -3.17 -10.86 9.81
C MET C 548 -2.20 -9.79 9.30
N PHE C 549 -1.81 -8.84 10.15
CA PHE C 549 -0.92 -7.75 9.74
C PHE C 549 0.17 -8.21 8.79
N ALA C 550 0.82 -9.34 9.11
CA ALA C 550 1.98 -9.79 8.36
C ALA C 550 1.68 -9.85 6.87
N VAL C 551 0.57 -10.50 6.49
CA VAL C 551 0.31 -10.68 5.07
C VAL C 551 0.17 -9.32 4.39
N GLN C 552 -0.51 -8.36 5.05
CA GLN C 552 -0.61 -7.01 4.50
C GLN C 552 0.76 -6.47 4.15
N HIS C 553 1.70 -6.56 5.10
CA HIS C 553 3.06 -6.09 4.83
C HIS C 553 3.58 -6.70 3.54
N VAL C 554 3.53 -8.02 3.43
CA VAL C 554 4.05 -8.69 2.25
C VAL C 554 3.39 -8.11 1.01
N HIS C 555 2.05 -8.04 1.03
CA HIS C 555 1.33 -7.52 -0.13
C HIS C 555 1.88 -6.17 -0.53
N THR C 556 1.95 -5.24 0.45
CA THR C 556 2.44 -3.90 0.14
C THR C 556 3.80 -3.98 -0.53
N HIS C 557 4.75 -4.67 0.11
CA HIS C 557 6.09 -4.71 -0.45
C HIS C 557 6.07 -5.33 -1.83
N LEU C 558 5.32 -6.42 -2.01
CA LEU C 558 5.29 -7.06 -3.32
C LEU C 558 4.75 -6.09 -4.35
N ASN C 559 3.68 -5.36 -4.00
CA ASN C 559 3.14 -4.38 -4.93
C ASN C 559 4.20 -3.37 -5.34
N HIS C 560 4.98 -2.89 -4.36
CA HIS C 560 6.03 -1.93 -4.68
C HIS C 560 6.98 -2.50 -5.70
N LEU C 561 7.38 -3.76 -5.53
CA LEU C 561 8.31 -4.38 -6.47
C LEU C 561 7.74 -4.34 -7.88
N ARG C 562 6.45 -4.64 -8.03
CA ARG C 562 5.84 -4.59 -9.35
C ARG C 562 5.92 -3.18 -9.91
N THR C 563 5.59 -2.18 -9.09
CA THR C 563 5.62 -0.80 -9.57
C THR C 563 7.03 -0.40 -9.99
N MET C 564 8.04 -1.14 -9.54
CA MET C 564 9.39 -0.91 -10.03
C MET C 564 9.60 -1.59 -11.37
N LEU C 565 9.29 -2.90 -11.44
CA LEU C 565 9.70 -3.70 -12.59
C LEU C 565 8.95 -3.34 -13.86
N MET C 566 7.80 -2.67 -13.74
CA MET C 566 7.09 -2.22 -14.93
C MET C 566 7.80 -1.05 -15.60
N GLU C 567 8.60 -0.30 -14.84
CA GLU C 567 9.23 0.90 -15.34
C GLU C 567 10.71 0.72 -15.67
N ARG C 568 11.19 -0.52 -15.67
CA ARG C 568 12.60 -0.84 -15.94
C ARG C 568 13.51 -0.11 -14.96
N ARG C 569 13.24 -0.31 -13.67
CA ARG C 569 14.04 0.31 -12.62
C ARG C 569 14.33 -0.72 -11.54
N ILE C 570 15.38 -0.48 -10.77
CA ILE C 570 15.88 -1.42 -9.78
C ILE C 570 15.36 -1.01 -8.40
N ASP C 571 14.76 -1.96 -7.70
CA ASP C 571 14.39 -1.78 -6.30
C ASP C 571 15.52 -2.31 -5.44
N TRP C 572 16.10 -1.44 -4.61
CA TRP C 572 17.31 -1.77 -3.88
C TRP C 572 17.05 -2.35 -2.50
N THR C 573 15.80 -2.64 -2.15
CA THR C 573 15.51 -3.29 -0.88
C THR C 573 16.08 -4.70 -0.83
N TYR C 574 16.33 -5.32 -1.98
CA TYR C 574 16.90 -6.66 -2.05
C TYR C 574 18.38 -6.64 -2.41
N MET C 575 19.01 -5.46 -2.40
CA MET C 575 20.43 -5.32 -2.70
C MET C 575 21.02 -4.35 -1.69
N SER C 576 21.83 -4.87 -0.77
CA SER C 576 22.42 -4.02 0.26
C SER C 576 23.36 -3.01 -0.36
N SER C 577 23.18 -1.73 0.00
CA SER C 577 24.00 -0.68 -0.58
C SER C 577 25.42 -0.71 -0.03
N SER C 578 25.57 -1.08 1.24
CA SER C 578 26.90 -1.09 1.85
C SER C 578 27.83 -2.08 1.17
N TRP C 579 27.31 -3.26 0.83
CA TRP C 579 28.13 -4.27 0.16
C TRP C 579 28.68 -3.75 -1.17
N LEU C 580 27.80 -3.23 -2.02
CA LEU C 580 28.24 -2.74 -3.32
C LEU C 580 29.17 -1.54 -3.17
N GLN C 581 28.87 -0.65 -2.22
CA GLN C 581 29.72 0.52 -2.03
C GLN C 581 31.12 0.11 -1.59
N THR C 582 31.23 -0.85 -0.68
CA THR C 582 32.54 -1.34 -0.25
C THR C 582 33.26 -2.08 -1.36
N GLN C 583 32.54 -2.85 -2.18
CA GLN C 583 33.20 -3.57 -3.27
C GLN C 583 33.72 -2.63 -4.34
N LEU C 584 32.98 -1.56 -4.66
CA LEU C 584 33.39 -0.64 -5.70
C LEU C 584 34.27 0.49 -5.21
N GLN C 585 34.24 0.80 -3.92
CA GLN C 585 35.09 1.84 -3.32
C GLN C 585 34.90 3.19 -4.02
N LYS C 586 33.64 3.59 -4.17
CA LYS C 586 33.28 4.85 -4.82
C LYS C 586 32.79 5.84 -3.78
N SER C 587 32.66 7.09 -4.22
CA SER C 587 32.19 8.17 -3.36
C SER C 587 30.66 8.17 -3.30
N ASP C 588 30.12 8.96 -2.37
CA ASP C 588 28.68 9.02 -2.18
C ASP C 588 27.99 9.58 -3.42
N ASP C 589 28.53 10.66 -4.01
CA ASP C 589 27.94 11.22 -5.21
C ASP C 589 28.04 10.25 -6.38
N GLU C 590 29.16 9.52 -6.48
CA GLU C 590 29.29 8.50 -7.50
C GLU C 590 28.25 7.41 -7.31
N MET C 591 28.01 6.99 -6.06
CA MET C 591 26.97 6.01 -5.80
C MET C 591 25.61 6.54 -6.20
N LYS C 592 25.32 7.81 -5.90
CA LYS C 592 24.03 8.38 -6.26
C LYS C 592 23.82 8.38 -7.77
N VAL C 593 24.83 8.86 -8.52
CA VAL C 593 24.67 8.93 -9.97
C VAL C 593 24.64 7.54 -10.59
N ILE C 594 25.31 6.57 -9.97
CA ILE C 594 25.28 5.20 -10.50
C ILE C 594 23.91 4.59 -10.28
N LYS C 595 23.34 4.76 -9.09
CA LYS C 595 22.05 4.14 -8.79
C LYS C 595 20.91 4.84 -9.51
N ARG C 596 21.02 6.15 -9.76
CA ARG C 596 19.93 6.86 -10.40
C ARG C 596 19.70 6.38 -11.84
N THR C 597 20.78 6.13 -12.57
CA THR C 597 20.72 5.82 -14.00
C THR C 597 20.93 4.33 -14.26
N ALA C 598 20.39 3.47 -13.39
CA ALA C 598 20.49 2.03 -13.54
C ALA C 598 19.17 1.45 -14.01
N ARG C 599 19.23 0.50 -14.93
CA ARG C 599 18.06 -0.16 -15.49
C ARG C 599 18.12 -1.65 -15.22
N SER C 600 16.94 -2.27 -15.19
CA SER C 600 16.80 -3.69 -14.87
C SER C 600 16.01 -4.38 -15.98
N LEU C 601 15.94 -5.71 -15.88
CA LEU C 601 15.21 -6.52 -16.85
C LEU C 601 14.87 -7.86 -16.20
N VAL C 602 13.70 -8.37 -16.56
CA VAL C 602 13.22 -9.66 -16.09
C VAL C 602 13.25 -10.64 -17.27
N TYR C 603 13.92 -11.77 -17.07
CA TYR C 603 14.09 -12.72 -18.17
C TYR C 603 13.51 -14.11 -17.91
N TYR C 604 13.13 -14.44 -16.66
CA TYR C 604 12.30 -15.62 -16.44
C TYR C 604 11.63 -15.60 -15.08
N VAL C 605 10.33 -15.90 -15.05
CA VAL C 605 9.58 -16.08 -13.82
C VAL C 605 9.03 -17.51 -13.83
N LYS C 606 9.39 -18.29 -12.81
CA LYS C 606 9.08 -19.71 -12.77
C LYS C 606 8.35 -20.07 -11.49
N GLN C 607 7.35 -20.92 -11.61
CA GLN C 607 6.61 -21.45 -10.47
C GLN C 607 7.01 -22.90 -10.26
N THR C 608 7.60 -23.18 -9.09
CA THR C 608 8.15 -24.49 -8.78
C THR C 608 7.16 -25.38 -8.06
N TYR C 609 6.69 -24.95 -6.89
CA TYR C 609 5.79 -25.72 -6.06
C TYR C 609 4.41 -25.06 -6.06
N ASN C 610 3.39 -25.83 -6.41
CA ASN C 610 2.02 -25.34 -6.49
C ASN C 610 1.12 -26.21 -5.63
N SER C 611 0.31 -25.57 -4.80
CA SER C 611 -0.62 -26.28 -3.92
C SER C 611 -1.66 -25.29 -3.43
N LEU C 612 -2.65 -25.81 -2.72
CA LEU C 612 -3.72 -24.98 -2.18
C LEU C 612 -3.28 -24.18 -0.96
N THR C 613 -2.12 -24.47 -0.39
CA THR C 613 -1.67 -23.78 0.80
C THR C 613 -0.29 -23.17 0.67
N ALA C 614 0.64 -23.82 -0.02
CA ALA C 614 2.01 -23.36 -0.13
C ALA C 614 2.40 -23.19 -1.59
N THR C 615 3.11 -22.10 -1.88
CA THR C 615 3.58 -21.81 -3.22
C THR C 615 4.99 -21.24 -3.15
N ALA C 616 5.75 -21.41 -4.23
CA ALA C 616 7.11 -20.90 -4.31
C ALA C 616 7.37 -20.40 -5.71
N TRP C 617 8.06 -19.27 -5.82
CA TRP C 617 8.33 -18.65 -7.12
C TRP C 617 9.80 -18.23 -7.19
N GLU C 618 10.31 -18.19 -8.42
CA GLU C 618 11.67 -17.76 -8.70
C GLU C 618 11.64 -16.71 -9.80
N ILE C 619 12.43 -15.65 -9.62
CA ILE C 619 12.48 -14.53 -10.55
C ILE C 619 13.94 -14.26 -10.90
N GLY C 620 14.22 -14.14 -12.20
CA GLY C 620 15.55 -13.79 -12.66
C GLY C 620 15.60 -12.31 -13.04
N LEU C 621 16.66 -11.63 -12.61
CA LEU C 621 16.82 -10.21 -12.83
C LEU C 621 18.22 -9.94 -13.38
N TYR C 622 18.28 -9.17 -14.46
CA TYR C 622 19.54 -8.78 -15.09
C TYR C 622 19.67 -7.26 -15.00
N TYR C 623 20.76 -6.81 -14.38
CA TYR C 623 21.01 -5.38 -14.18
C TYR C 623 22.12 -4.91 -15.11
N GLU C 624 22.29 -3.58 -15.14
CA GLU C 624 23.37 -2.97 -15.91
C GLU C 624 23.73 -1.65 -15.24
N LEU C 625 24.96 -1.55 -14.75
CA LEU C 625 25.43 -0.37 -14.06
C LEU C 625 26.53 0.30 -14.87
N ILE C 626 26.43 1.61 -15.03
CA ILE C 626 27.39 2.39 -15.79
C ILE C 626 28.18 3.24 -14.81
N ILE C 627 29.46 2.93 -14.66
CA ILE C 627 30.34 3.72 -13.79
C ILE C 627 30.78 4.95 -14.57
N PRO C 628 31.00 6.09 -13.90
CA PRO C 628 31.38 7.30 -14.62
C PRO C 628 32.89 7.48 -14.70
N ARG C 629 33.30 8.33 -15.65
CA ARG C 629 34.67 8.75 -15.81
C ARG C 629 34.84 10.26 -15.75
N HIS C 630 33.87 11.01 -16.30
CA HIS C 630 33.86 12.46 -16.21
C HIS C 630 32.41 12.93 -16.10
N ILE C 631 32.09 13.62 -15.02
CA ILE C 631 30.75 14.13 -14.78
C ILE C 631 30.78 15.65 -14.87
N TYR C 632 29.82 16.21 -15.60
CA TYR C 632 29.72 17.65 -15.80
C TYR C 632 28.35 18.12 -15.34
N LEU C 633 28.33 19.03 -14.38
CA LEU C 633 27.08 19.49 -13.77
C LEU C 633 26.63 20.83 -14.35
N ASN C 634 27.47 21.85 -14.28
CA ASN C 634 27.16 23.16 -14.83
C ASN C 634 27.57 23.17 -16.30
N ASN C 635 26.64 23.54 -17.18
CA ASN C 635 26.90 23.57 -18.61
C ASN C 635 25.89 24.48 -19.31
N TRP C 636 26.27 24.99 -20.48
CA TRP C 636 25.46 25.92 -21.26
C TRP C 636 25.38 25.39 -22.68
N GLN C 637 24.24 25.60 -23.33
CA GLN C 637 23.99 25.15 -24.69
C GLN C 637 24.12 26.33 -25.64
N ILE C 638 24.69 26.07 -26.82
CA ILE C 638 25.07 27.11 -27.78
C ILE C 638 23.99 27.23 -28.85
N VAL C 639 23.56 28.46 -29.11
CA VAL C 639 22.73 28.78 -30.26
C VAL C 639 23.50 29.77 -31.14
N ASN C 640 23.26 29.71 -32.45
CA ASN C 640 23.99 30.51 -33.41
C ASN C 640 23.03 31.51 -34.06
N ILE C 641 23.35 32.79 -33.95
CA ILE C 641 22.56 33.84 -34.58
C ILE C 641 23.47 34.78 -35.37
N HIS C 653 23.25 36.48 -45.50
CA HIS C 653 23.24 36.23 -44.06
C HIS C 653 24.39 35.31 -43.67
N VAL C 654 25.48 35.90 -43.17
CA VAL C 654 26.64 35.12 -42.79
C VAL C 654 26.29 34.23 -41.60
N THR C 655 26.76 32.97 -41.65
CA THR C 655 26.49 31.99 -40.59
C THR C 655 27.78 31.22 -40.32
N LEU C 656 28.54 31.68 -39.33
CA LEU C 656 29.77 31.00 -38.96
C LEU C 656 29.47 29.74 -38.17
N SER C 657 30.03 28.61 -38.60
CA SER C 657 29.73 27.29 -38.05
C SER C 657 30.77 26.91 -37.02
N HIS C 658 30.40 26.04 -36.08
CA HIS C 658 31.28 25.72 -34.96
C HIS C 658 31.31 24.24 -34.62
N PRO C 659 32.41 23.75 -34.06
CA PRO C 659 32.52 22.32 -33.72
C PRO C 659 31.95 21.97 -32.36
N TYR C 660 31.98 22.91 -31.43
CA TYR C 660 31.55 22.63 -30.06
C TYR C 660 30.06 22.89 -29.90
N GLU C 661 29.40 22.02 -29.15
CA GLU C 661 27.97 22.12 -28.93
C GLU C 661 27.58 22.31 -27.47
N ILE C 662 28.49 22.07 -26.53
CA ILE C 662 28.23 22.28 -25.11
C ILE C 662 29.43 23.02 -24.52
N ILE C 663 29.19 23.85 -23.51
CA ILE C 663 30.28 24.53 -22.82
C ILE C 663 30.13 24.36 -21.32
N ASN C 664 31.26 24.19 -20.64
CA ASN C 664 31.32 23.96 -19.20
C ASN C 664 32.08 25.09 -18.52
N ARG C 665 31.60 25.47 -17.33
CA ARG C 665 32.25 26.54 -16.56
C ARG C 665 32.14 26.18 -15.09
N GLU C 666 33.28 25.89 -14.46
CA GLU C 666 33.30 25.58 -13.04
C GLU C 666 34.71 25.81 -12.49
N CYS C 667 34.75 26.30 -11.24
CA CYS C 667 36.01 26.55 -10.55
C CYS C 667 36.92 27.48 -11.36
N SER C 668 36.31 28.52 -11.94
CA SER C 668 37.02 29.49 -12.78
C SER C 668 37.75 28.81 -13.94
N ASN C 669 37.19 27.71 -14.41
CA ASN C 669 37.75 26.94 -15.52
C ASN C 669 36.67 26.73 -16.57
N THR C 670 37.00 27.02 -17.82
CA THR C 670 36.06 26.93 -18.93
C THR C 670 36.52 25.86 -19.91
N LEU C 671 35.59 25.01 -20.32
CA LEU C 671 35.87 23.91 -21.24
C LEU C 671 34.82 23.90 -22.35
N TYR C 672 35.21 23.37 -23.50
CA TYR C 672 34.31 23.22 -24.65
C TYR C 672 34.19 21.74 -24.97
N LEU C 673 32.96 21.24 -24.98
CA LEU C 673 32.70 19.82 -25.14
C LEU C 673 31.82 19.56 -26.36
N HIS C 674 32.21 18.56 -27.13
CA HIS C 674 31.48 18.11 -28.30
C HIS C 674 31.00 16.69 -28.08
N LEU C 675 29.75 16.42 -28.43
CA LEU C 675 29.11 15.15 -28.14
C LEU C 675 28.67 14.48 -29.43
N GLU C 676 28.70 13.15 -29.42
CA GLU C 676 28.32 12.35 -30.57
C GLU C 676 27.97 10.94 -30.11
N GLU C 677 26.97 10.33 -30.75
CA GLU C 677 26.48 9.00 -30.42
C GLU C 677 26.05 8.93 -28.95
N CYS C 678 25.03 9.72 -28.64
CA CYS C 678 24.67 9.98 -27.26
C CYS C 678 23.25 9.47 -27.02
N ARG C 679 23.08 8.72 -25.93
CA ARG C 679 21.77 8.24 -25.55
C ARG C 679 21.21 9.03 -24.38
N ARG C 680 19.90 8.99 -24.26
CA ARG C 680 19.15 9.78 -23.29
C ARG C 680 18.51 8.89 -22.24
N LEU C 681 18.78 9.21 -20.97
CA LEU C 681 18.11 8.57 -19.84
C LEU C 681 17.58 9.70 -18.97
N ASP C 682 17.23 9.39 -17.72
CA ASP C 682 16.88 10.43 -16.77
C ASP C 682 17.95 11.51 -16.72
N TYR C 683 19.22 11.11 -16.76
CA TYR C 683 20.33 12.01 -17.03
C TYR C 683 20.77 11.85 -18.48
N VAL C 684 21.80 12.59 -18.88
CA VAL C 684 22.38 12.47 -20.22
C VAL C 684 23.72 11.76 -20.08
N ILE C 685 23.85 10.60 -20.71
CA ILE C 685 25.08 9.80 -20.69
C ILE C 685 25.54 9.63 -22.12
N CYS C 686 26.83 9.76 -22.34
CA CYS C 686 27.35 9.61 -23.69
C CYS C 686 28.80 9.17 -23.63
N ASP C 687 29.30 8.68 -24.76
CA ASP C 687 30.58 7.99 -24.78
C ASP C 687 31.71 8.78 -25.42
N VAL C 688 31.42 9.57 -26.44
CA VAL C 688 32.45 10.27 -27.20
C VAL C 688 32.41 11.74 -26.80
N VAL C 689 33.36 12.14 -25.97
CA VAL C 689 33.53 13.54 -25.55
C VAL C 689 35.01 13.89 -25.70
N LYS C 690 35.31 14.90 -26.50
CA LYS C 690 36.68 15.38 -26.70
C LYS C 690 36.73 16.87 -26.48
N ILE C 691 37.74 17.32 -25.73
CA ILE C 691 37.91 18.75 -25.45
C ILE C 691 38.58 19.41 -26.65
N VAL C 692 37.93 20.43 -27.21
CA VAL C 692 38.39 21.11 -28.41
C VAL C 692 38.54 22.59 -28.11
N GLN C 693 39.67 23.16 -28.53
CA GLN C 693 39.91 24.58 -28.34
C GLN C 693 38.96 25.40 -29.21
N PRO C 694 38.67 26.64 -28.81
CA PRO C 694 37.77 27.48 -29.61
C PRO C 694 38.35 27.77 -30.98
N CYS C 695 37.46 28.00 -31.94
CA CYS C 695 37.85 28.33 -33.32
C CYS C 695 38.66 29.62 -33.37
N ASP C 703 39.97 27.38 -36.24
CA ASP C 703 39.83 26.42 -37.33
C ASP C 703 38.38 25.93 -37.43
N CYS C 704 37.58 26.62 -38.22
CA CYS C 704 36.17 26.27 -38.40
C CYS C 704 35.68 26.90 -39.69
N PRO C 705 35.03 26.11 -40.54
CA PRO C 705 34.56 26.63 -41.84
C PRO C 705 33.46 27.67 -41.68
N VAL C 706 33.12 28.30 -42.80
CA VAL C 706 32.07 29.30 -42.88
C VAL C 706 31.24 29.02 -44.13
N TRP C 707 29.93 29.18 -44.02
CA TRP C 707 29.05 29.18 -45.19
C TRP C 707 27.82 30.02 -44.89
N ALA C 708 27.43 30.81 -45.89
CA ALA C 708 26.39 31.83 -45.73
C ALA C 708 25.29 31.60 -46.75
N GLU C 709 24.19 32.33 -46.58
CA GLU C 709 23.02 32.25 -47.45
C GLU C 709 22.44 33.64 -47.60
N PRO C 710 22.08 34.06 -48.81
CA PRO C 710 21.41 35.36 -48.97
C PRO C 710 19.89 35.24 -48.93
N VAL C 711 19.22 36.31 -48.53
CA VAL C 711 17.77 36.32 -48.36
C VAL C 711 17.20 37.56 -49.04
N LYS C 712 15.93 37.48 -49.43
CA LYS C 712 15.23 38.59 -50.06
C LYS C 712 14.84 39.59 -48.97
N GLU C 713 15.41 40.78 -49.04
CA GLU C 713 15.12 41.81 -48.05
C GLU C 713 13.68 42.29 -48.20
N PRO C 714 13.04 42.74 -47.11
CA PRO C 714 13.59 42.79 -45.75
C PRO C 714 13.17 41.60 -44.89
N HIS C 715 13.94 41.32 -43.84
CA HIS C 715 13.61 40.29 -42.87
C HIS C 715 13.79 40.87 -41.47
N VAL C 716 12.87 40.52 -40.58
CA VAL C 716 12.91 40.98 -39.19
C VAL C 716 13.09 39.77 -38.30
N GLN C 717 14.20 39.72 -37.57
CA GLN C 717 14.49 38.62 -36.66
C GLN C 717 14.49 39.16 -35.23
N ILE C 718 13.42 38.89 -34.50
CA ILE C 718 13.26 39.30 -33.11
C ILE C 718 13.04 38.04 -32.27
N SER C 719 13.88 37.86 -31.25
CA SER C 719 13.80 36.70 -30.37
C SER C 719 13.70 37.15 -28.93
N PRO C 720 12.54 36.98 -28.28
CA PRO C 720 12.45 37.29 -26.84
C PRO C 720 13.25 36.29 -26.02
N LEU C 721 13.77 36.76 -24.91
CA LEU C 721 14.44 35.91 -23.93
C LEU C 721 13.58 35.76 -22.68
N LYS C 722 14.14 35.10 -21.67
CA LYS C 722 13.43 34.78 -20.45
C LYS C 722 13.98 35.53 -19.24
N ASN C 723 14.65 36.67 -19.47
CA ASN C 723 15.12 37.47 -18.34
C ASN C 723 14.80 38.95 -18.51
N GLY C 724 14.16 39.35 -19.60
CA GLY C 724 13.78 40.74 -19.77
C GLY C 724 14.60 41.48 -20.81
N SER C 725 15.00 40.79 -21.87
CA SER C 725 15.77 41.39 -22.95
C SER C 725 15.23 40.89 -24.27
N TYR C 726 15.86 41.31 -25.36
CA TYR C 726 15.41 40.94 -26.69
C TYR C 726 16.62 40.79 -27.60
N LEU C 727 16.51 39.92 -28.61
CA LEU C 727 17.53 39.77 -29.63
C LEU C 727 16.99 40.33 -30.94
N VAL C 728 17.70 41.29 -31.51
CA VAL C 728 17.28 41.94 -32.74
C VAL C 728 18.37 41.75 -33.79
N LEU C 729 17.98 41.27 -34.96
CA LEU C 729 18.85 41.22 -36.13
C LEU C 729 18.38 42.26 -37.14
N ALA C 730 19.25 43.20 -37.47
CA ALA C 730 18.90 44.36 -38.28
C ALA C 730 19.27 44.09 -39.73
N SER C 731 18.26 43.84 -40.56
CA SER C 731 18.43 43.76 -42.00
C SER C 731 18.29 45.13 -42.66
N SER C 732 18.01 46.16 -41.89
CA SER C 732 17.87 47.52 -42.40
C SER C 732 18.31 48.48 -41.30
N THR C 733 18.03 49.77 -41.49
CA THR C 733 18.35 50.81 -40.51
C THR C 733 17.03 51.49 -40.15
N ASP C 734 16.35 50.93 -39.14
CA ASP C 734 15.06 51.43 -38.70
C ASP C 734 15.02 51.51 -37.19
N CYS C 735 14.13 52.37 -36.68
CA CYS C 735 13.86 52.47 -35.25
C CYS C 735 15.10 53.01 -34.55
N GLN C 736 15.68 52.21 -33.64
CA GLN C 736 16.99 52.52 -33.06
C GLN C 736 17.78 51.21 -32.96
N ILE C 737 18.53 50.91 -34.01
CA ILE C 737 19.36 49.70 -34.08
C ILE C 737 20.49 49.97 -35.08
N PRO C 738 21.74 49.69 -34.73
CA PRO C 738 22.83 49.82 -35.70
C PRO C 738 22.67 48.83 -36.83
N PRO C 739 23.11 49.19 -38.04
CA PRO C 739 22.85 48.32 -39.20
C PRO C 739 23.78 47.12 -39.25
N TYR C 740 23.23 46.01 -39.77
CA TYR C 740 24.01 44.84 -40.17
C TYR C 740 24.72 44.17 -39.00
N VAL C 741 24.28 44.45 -37.78
CA VAL C 741 24.84 43.79 -36.60
C VAL C 741 23.72 43.32 -35.67
N PRO C 742 23.59 42.01 -35.45
CA PRO C 742 22.65 41.53 -34.42
C PRO C 742 23.10 41.96 -33.04
N SER C 743 22.13 42.17 -32.16
CA SER C 743 22.44 42.66 -30.82
C SER C 743 21.35 42.25 -29.84
N VAL C 744 21.63 42.44 -28.56
CA VAL C 744 20.67 42.26 -27.49
C VAL C 744 20.31 43.63 -26.94
N VAL C 745 19.02 43.84 -26.70
CA VAL C 745 18.50 45.14 -26.32
C VAL C 745 17.59 45.01 -25.11
N THR C 746 17.72 45.96 -24.20
CA THR C 746 16.83 46.11 -23.05
C THR C 746 16.30 47.54 -23.05
N VAL C 747 15.00 47.69 -22.92
CA VAL C 747 14.35 48.98 -23.03
C VAL C 747 14.05 49.52 -21.63
N ASN C 748 13.75 50.81 -21.55
CA ASN C 748 13.42 51.48 -20.30
C ASN C 748 11.94 51.75 -20.16
N GLU C 749 11.29 52.27 -21.20
CA GLU C 749 9.87 52.55 -21.18
C GLU C 749 9.15 51.64 -22.17
N THR C 750 7.87 51.38 -21.88
CA THR C 750 7.08 50.52 -22.75
C THR C 750 6.86 51.17 -24.10
N THR C 751 7.52 50.64 -25.13
CA THR C 751 7.43 51.16 -26.49
C THR C 751 7.01 50.04 -27.42
N GLN C 752 6.87 50.38 -28.70
CA GLN C 752 6.46 49.42 -29.72
C GLN C 752 7.34 49.63 -30.95
N CYS C 753 8.34 48.77 -31.11
CA CYS C 753 9.29 48.86 -32.21
C CYS C 753 9.28 47.58 -33.03
N PHE C 754 9.47 47.74 -34.34
CA PHE C 754 9.63 46.64 -35.28
C PHE C 754 8.45 45.67 -35.21
N GLY C 755 7.25 46.23 -35.11
CA GLY C 755 6.05 45.41 -35.07
C GLY C 755 5.96 44.49 -33.87
N VAL C 756 6.44 44.93 -32.71
CA VAL C 756 6.39 44.13 -31.49
C VAL C 756 6.41 45.08 -30.30
N THR C 757 5.49 44.86 -29.36
CA THR C 757 5.45 45.67 -28.16
C THR C 757 6.58 45.30 -27.22
N PHE C 758 7.03 46.27 -26.42
CA PHE C 758 8.10 46.08 -25.48
C PHE C 758 7.64 46.46 -24.08
N LYS C 759 8.16 45.76 -23.08
CA LYS C 759 7.86 46.01 -21.68
C LYS C 759 9.14 46.02 -20.88
N LYS C 760 9.24 46.95 -19.93
CA LYS C 760 10.42 47.04 -19.10
C LYS C 760 10.44 45.92 -18.05
N PRO C 761 11.61 45.45 -17.67
CA PRO C 761 11.72 44.45 -16.60
C PRO C 761 11.59 45.12 -15.23
N LEU C 762 11.67 44.29 -14.19
CA LEU C 762 11.57 44.73 -12.81
C LEU C 762 12.89 44.45 -12.09
N VAL C 763 13.13 45.22 -11.03
CA VAL C 763 14.41 45.13 -10.32
C VAL C 763 14.66 43.73 -9.81
N ALA C 764 15.84 43.20 -10.09
CA ALA C 764 16.24 41.86 -9.68
C ALA C 764 17.52 41.96 -8.85
N GLU C 765 17.58 41.19 -7.78
CA GLU C 765 18.76 41.19 -6.92
C GLU C 765 19.95 40.58 -7.64
N GLU C 766 21.08 41.26 -7.59
CA GLU C 766 22.28 40.77 -8.23
C GLU C 766 22.82 39.53 -7.51
N LYS C 767 23.31 38.58 -8.29
CA LYS C 767 23.88 37.34 -7.78
C LYS C 767 25.10 36.96 -8.60
N THR C 768 25.96 36.14 -7.99
CA THR C 768 27.14 35.66 -8.69
C THR C 768 26.75 34.80 -9.88
N SER C 769 27.46 34.99 -10.99
CA SER C 769 27.16 34.31 -12.24
C SER C 769 28.29 33.37 -12.62
N LEU C 770 27.98 32.46 -13.54
CA LEU C 770 28.94 31.52 -14.09
C LEU C 770 28.93 31.69 -15.61
N GLU C 771 28.95 32.94 -16.06
CA GLU C 771 28.79 33.27 -17.46
C GLU C 771 30.04 32.91 -18.26
N PRO C 772 29.88 32.46 -19.50
CA PRO C 772 31.03 32.11 -20.34
C PRO C 772 31.56 33.27 -21.16
N GLN C 773 32.39 34.12 -20.57
CA GLN C 773 33.05 35.20 -21.30
C GLN C 773 33.74 34.63 -22.53
N LEU C 774 33.29 35.06 -23.71
CA LEU C 774 33.68 34.46 -24.99
C LEU C 774 34.83 35.25 -25.61
N PRO C 775 35.77 34.59 -26.31
CA PRO C 775 36.86 35.33 -26.95
C PRO C 775 36.42 36.13 -28.17
N HIS C 776 37.38 36.77 -28.85
CA HIS C 776 37.07 37.74 -29.89
C HIS C 776 37.94 37.49 -31.11
N LEU C 777 37.35 37.59 -32.30
CA LEU C 777 38.06 37.52 -33.56
C LEU C 777 37.15 38.02 -34.67
N GLN C 778 37.77 38.48 -35.75
CA GLN C 778 37.04 39.05 -36.88
C GLN C 778 36.98 38.05 -38.04
N LEU C 779 36.47 38.49 -39.18
CA LEU C 779 36.30 37.63 -40.35
C LEU C 779 36.83 38.33 -41.60
N ARG C 780 36.55 37.73 -42.75
CA ARG C 780 37.06 38.23 -44.03
C ARG C 780 36.01 39.12 -44.69
N LEU C 781 36.42 40.30 -45.13
CA LEU C 781 35.55 41.32 -45.71
C LEU C 781 35.21 41.19 -47.19
N PRO C 782 36.10 40.69 -48.07
CA PRO C 782 35.93 40.95 -49.51
C PRO C 782 34.58 40.46 -50.04
N HIS C 783 33.97 41.27 -50.89
CA HIS C 783 32.58 41.04 -51.30
C HIS C 783 32.50 40.17 -52.54
N LEU C 784 33.61 39.98 -53.25
CA LEU C 784 33.58 39.24 -54.50
C LEU C 784 33.05 37.83 -54.31
N VAL C 785 33.51 37.15 -53.25
CA VAL C 785 33.01 35.81 -52.96
C VAL C 785 31.51 35.82 -52.72
N GLY C 786 31.01 36.90 -52.09
CA GLY C 786 29.59 37.01 -51.86
C GLY C 786 28.77 36.98 -53.13
N ILE C 787 29.39 37.34 -54.27
CA ILE C 787 28.69 37.28 -55.55
C ILE C 787 28.22 35.87 -55.82
N ILE C 788 29.03 34.87 -55.46
CA ILE C 788 28.67 33.47 -55.64
C ILE C 788 27.37 33.17 -54.92
N ALA C 789 27.20 33.79 -53.75
CA ALA C 789 25.96 33.61 -52.98
C ALA C 789 24.74 34.05 -53.80
N LYS C 790 24.89 35.13 -54.56
CA LYS C 790 23.78 35.61 -55.38
C LYS C 790 23.49 34.66 -56.54
N ILE C 791 24.45 33.78 -56.85
CA ILE C 791 24.30 32.89 -57.99
C ILE C 791 23.28 31.79 -57.68
N LYS C 792 23.58 30.98 -56.67
CA LYS C 792 22.76 29.82 -56.33
C LYS C 792 21.85 30.07 -55.13
N GLY C 793 22.41 30.53 -54.02
CA GLY C 793 21.67 30.74 -52.79
C GLY C 793 21.80 29.60 -51.79
N ILE C 794 22.23 28.42 -52.24
CA ILE C 794 22.49 27.33 -51.29
C ILE C 794 23.77 27.63 -50.54
N LYS C 795 23.76 27.35 -49.23
CA LYS C 795 24.91 27.65 -48.39
C LYS C 795 26.12 26.85 -48.85
N ILE C 796 27.12 27.56 -49.38
CA ILE C 796 28.32 26.94 -49.92
C ILE C 796 29.51 27.37 -49.07
N GLU C 797 30.44 26.45 -48.88
CA GLU C 797 31.55 26.69 -47.98
C GLU C 797 32.56 27.66 -48.58
N VAL C 798 33.00 28.60 -47.76
CA VAL C 798 34.12 29.49 -48.06
C VAL C 798 35.16 29.25 -46.96
N THR C 799 36.37 28.87 -47.35
CA THR C 799 37.37 28.45 -46.38
C THR C 799 37.77 29.59 -45.45
N SER C 800 38.07 29.22 -44.21
CA SER C 800 38.52 30.18 -43.21
C SER C 800 39.66 29.60 -42.37
C1 NAG D . -5.55 8.00 22.64
C2 NAG D . -6.94 7.70 22.08
C3 NAG D . -7.89 8.85 22.39
C4 NAG D . -7.90 9.15 23.88
C5 NAG D . -6.47 9.40 24.37
C6 NAG D . -6.38 9.59 25.86
C7 NAG D . -7.19 6.27 20.10
C8 NAG D . -7.59 5.18 21.05
N2 NAG D . -6.88 7.45 20.65
O3 NAG D . -9.20 8.51 21.95
O4 NAG D . -8.70 10.29 24.15
O5 NAG D . -5.64 8.28 24.05
O6 NAG D . -5.78 8.47 26.49
O7 NAG D . -7.13 6.09 18.89
C1 NAG D . -9.85 9.87 24.92
C2 NAG D . -10.95 10.93 24.77
C3 NAG D . -12.21 10.50 25.52
C4 NAG D . -12.64 9.11 25.08
C5 NAG D . -11.48 8.13 25.24
C6 NAG D . -11.80 6.75 24.72
C7 NAG D . -10.09 12.52 26.46
C8 NAG D . -9.68 13.94 26.71
N2 NAG D . -10.50 12.24 25.22
O3 NAG D . -13.26 11.43 25.26
O4 NAG D . -13.73 8.66 25.89
O5 NAG D . -10.35 8.60 24.48
O6 NAG D . -10.73 5.84 24.97
O7 NAG D . -10.07 11.68 27.35
C1 NAG E . -11.13 23.85 39.78
C2 NAG E . -12.64 23.87 39.59
C3 NAG E . -13.20 25.23 40.00
C4 NAG E . -12.78 25.57 41.42
C5 NAG E . -11.26 25.49 41.54
C6 NAG E . -10.76 25.71 42.95
C7 NAG E . -13.28 22.33 37.79
C8 NAG E . -13.62 22.20 36.33
N2 NAG E . -13.00 23.56 38.21
O3 NAG E . -14.63 25.19 39.91
O4 NAG E . -13.20 26.89 41.75
O5 NAG E . -10.81 24.18 41.15
O6 NAG E . -9.68 24.85 43.25
O7 NAG E . -13.26 21.37 38.55
C1 NAG E . -14.29 26.79 42.69
C2 NAG E . -14.27 28.02 43.60
C3 NAG E . -15.44 27.98 44.57
C4 NAG E . -16.76 27.80 43.82
C5 NAG E . -16.68 26.58 42.90
C6 NAG E . -17.90 26.41 42.04
C7 NAG E . -12.28 29.23 44.37
C8 NAG E . -12.81 30.41 43.62
N2 NAG E . -13.01 28.11 44.32
O3 NAG E . -15.47 29.18 45.33
O4 NAG E . -17.83 27.62 44.74
O5 NAG E . -15.56 26.71 42.02
O6 NAG E . -17.57 25.84 40.78
O7 NAG E . -11.22 29.28 44.98
C1 NAG F . -4.02 16.41 44.17
C2 NAG F . -4.68 15.26 44.94
C3 NAG F . -6.14 15.10 44.52
C4 NAG F . -6.88 16.42 44.65
C5 NAG F . -6.16 17.48 43.83
C6 NAG F . -6.77 18.85 43.95
C7 NAG F . -3.55 13.23 45.75
C8 NAG F . -3.89 13.71 47.13
N2 NAG F . -3.96 14.02 44.75
O3 NAG F . -6.76 14.11 45.34
O4 NAG F . -8.22 16.27 44.18
O5 NAG F . -4.81 17.59 44.28
O6 NAG F . -6.92 19.23 45.31
O7 NAG F . -2.93 12.19 45.56
C1 NAG F . -9.14 16.56 45.27
C2 NAG F . -10.51 16.87 44.69
C3 NAG F . -11.51 17.16 45.82
C4 NAG F . -11.51 16.05 46.86
C5 NAG F . -10.07 15.72 47.30
C6 NAG F . -10.02 14.50 48.19
C7 NAG F . -10.11 19.23 44.06
C8 NAG F . -10.13 20.21 42.93
N2 NAG F . -10.46 17.97 43.74
O3 NAG F . -12.81 17.32 45.27
O4 NAG F . -12.22 16.50 48.01
O5 NAG F . -9.23 15.45 46.17
O6 NAG F . -10.97 13.52 47.80
O7 NAG F . -9.79 19.56 45.20
C1 BMA F . -13.40 15.69 48.25
C2 BMA F . -13.38 15.39 49.76
C3 BMA F . -14.70 14.71 50.20
C4 BMA F . -15.95 15.43 49.63
C5 BMA F . -15.79 15.63 48.12
C6 BMA F . -16.95 16.40 47.50
O2 BMA F . -13.23 16.59 50.48
O3 BMA F . -14.77 14.49 51.64
O4 BMA F . -17.11 14.64 49.86
O5 BMA F . -14.58 16.37 47.88
O6 BMA F . -17.33 17.43 48.41
C1 MAN F . -15.46 15.55 52.36
C2 MAN F . -14.45 16.17 53.36
C3 MAN F . -14.16 15.19 54.50
C4 MAN F . -15.45 14.71 55.14
C5 MAN F . -16.34 14.06 54.06
C6 MAN F . -17.68 13.60 54.60
O2 MAN F . -14.99 17.34 53.98
O3 MAN F . -13.32 15.79 55.49
O4 MAN F . -15.17 13.76 56.15
O5 MAN F . -16.60 15.03 53.02
O6 MAN F . -18.29 12.75 53.62
C1 MAN F . -18.43 18.17 47.83
C2 MAN F . -18.06 19.68 47.95
C3 MAN F . -19.23 20.59 47.49
C4 MAN F . -20.55 19.81 47.41
C5 MAN F . -20.65 18.88 48.61
C6 MAN F . -22.00 18.22 48.76
O2 MAN F . -16.96 20.03 47.12
O3 MAN F . -18.94 21.22 46.25
O4 MAN F . -21.64 20.71 47.41
O5 MAN F . -19.66 17.82 48.48
O6 MAN F . -22.20 17.36 47.64
C1 NAG G . -12.97 7.83 -45.67
C2 NAG G . -14.45 7.93 -46.02
C3 NAG G . -14.65 8.65 -47.37
C4 NAG G . -13.93 9.98 -47.37
C5 NAG G . -12.46 9.78 -46.97
C6 NAG G . -11.68 11.07 -46.83
C7 NAG G . -14.99 5.54 -46.69
C8 NAG G . -13.89 5.56 -47.72
N2 NAG G . -15.17 6.66 -45.96
O3 NAG G . -16.03 8.82 -47.61
O4 NAG G . -13.97 10.53 -48.69
O5 NAG G . -12.38 9.13 -45.69
O6 NAG G . -12.46 12.09 -46.24
O7 NAG G . -15.69 4.55 -46.52
C1 NAG G . -14.53 11.87 -48.83
C2 NAG G . -15.92 12.00 -48.17
C3 NAG G . -16.43 13.43 -48.30
C4 NAG G . -15.39 14.42 -47.77
C5 NAG G . -14.05 14.20 -48.46
C6 NAG G . -12.96 15.09 -47.92
C7 NAG G . -18.06 10.77 -48.24
C8 NAG G . -18.90 9.80 -49.01
N2 NAG G . -16.86 11.07 -48.77
O3 NAG G . -17.64 13.58 -47.56
O4 NAG G . -15.83 15.76 -48.02
O5 NAG G . -13.63 12.85 -48.26
O6 NAG G . -12.04 14.35 -47.13
O7 NAG G . -18.44 11.28 -47.18
C1 NAG H . -20.36 -10.65 8.92
C2 NAG H . -19.34 -11.78 9.06
C3 NAG H . -19.95 -13.09 8.54
C4 NAG H . -21.27 -13.37 9.24
C5 NAG H . -22.21 -12.18 9.09
C6 NAG H . -23.50 -12.35 9.86
C7 NAG H . -16.94 -11.30 8.97
C8 NAG H . -16.95 -11.44 10.46
N2 NAG H . -18.12 -11.46 8.35
O3 NAG H . -19.03 -14.14 8.77
O4 NAG H . -21.87 -14.54 8.68
O5 NAG H . -21.58 -11.00 9.60
O6 NAG H . -23.53 -11.50 11.00
O7 NAG H . -15.92 -11.03 8.35
C1 NAG H . -21.89 -15.57 9.68
C2 NAG H . -22.05 -16.93 8.98
C3 NAG H . -22.01 -18.06 10.00
C4 NAG H . -20.77 -17.96 10.88
C5 NAG H . -20.68 -16.57 11.50
C6 NAG H . -19.41 -16.36 12.30
C7 NAG H . -24.50 -16.85 8.67
C8 NAG H . -25.61 -16.95 7.66
N2 NAG H . -23.25 -16.98 8.17
O3 NAG H . -22.01 -19.31 9.31
O4 NAG H . -20.82 -18.93 11.90
O5 NAG H . -20.69 -15.57 10.47
O6 NAG H . -19.42 -15.10 12.96
O7 NAG H . -24.71 -16.67 9.86
C1 NAG I . -40.84 -23.17 8.46
C2 NAG I . -40.25 -24.56 8.60
C3 NAG I . -41.15 -25.59 7.92
C4 NAG I . -42.57 -25.47 8.45
C5 NAG I . -43.07 -24.04 8.32
C6 NAG I . -44.44 -23.82 8.94
C7 NAG I . -37.80 -24.43 8.77
C8 NAG I . -36.50 -24.53 8.03
N2 NAG I . -38.90 -24.62 8.04
O3 NAG I . -40.65 -26.89 8.15
O4 NAG I . -43.45 -26.35 7.73
O5 NAG I . -42.17 -23.15 8.99
O6 NAG I . -44.52 -22.56 9.59
O7 NAG I . -37.85 -24.20 9.97
C1 NAG I . -43.80 -27.45 8.59
C2 NAG I . -45.19 -27.94 8.21
C3 NAG I . -45.57 -29.15 9.06
C4 NAG I . -44.50 -30.23 8.96
C5 NAG I . -43.13 -29.65 9.31
C6 NAG I . -42.01 -30.63 9.11
C7 NAG I . -47.05 -26.55 7.40
C8 NAG I . -46.97 -27.36 6.13
N2 NAG I . -46.18 -26.88 8.35
O3 NAG I . -46.82 -29.66 8.60
O4 NAG I . -44.80 -31.29 9.86
O5 NAG I . -42.86 -28.52 8.46
O6 NAG I . -40.81 -29.98 8.73
O7 NAG I . -47.87 -25.65 7.55
C1 NAG J . -42.18 -14.64 15.58
C2 NAG J . -41.95 -14.99 17.06
C3 NAG J . -41.10 -16.25 17.18
C4 NAG J . -41.71 -17.39 16.38
C5 NAG J . -41.89 -16.96 14.94
C6 NAG J . -42.56 -17.99 14.08
C7 NAG J . -41.78 -13.38 18.90
C8 NAG J . -43.00 -14.02 19.46
N2 NAG J . -41.32 -13.87 17.76
O3 NAG J . -40.99 -16.61 18.56
O4 NAG J . -40.87 -18.54 16.45
O5 NAG J . -42.71 -15.78 14.89
O6 NAG J . -43.79 -18.42 14.66
O7 NAG J . -41.22 -12.44 19.47
C1 NAG J . -41.61 -19.63 17.07
C2 NAG J . -40.92 -20.95 16.73
C3 NAG J . -41.66 -22.11 17.37
C4 NAG J . -41.85 -21.88 18.87
C5 NAG J . -42.43 -20.50 19.14
C6 NAG J . -42.45 -20.15 20.62
C7 NAG J . -41.87 -21.26 14.45
C8 NAG J . -41.54 -21.45 13.00
N2 NAG J . -40.82 -21.14 15.28
O3 NAG J . -40.94 -23.32 17.16
O4 NAG J . -42.76 -22.85 19.36
O5 NAG J . -41.65 -19.48 18.49
O6 NAG J . -41.31 -20.68 21.29
O7 NAG J . -43.03 -21.20 14.85
C1 BMA J . -42.16 -23.71 20.35
C2 BMA J . -43.16 -23.79 21.52
C3 BMA J . -42.73 -24.86 22.55
C4 BMA J . -42.33 -26.20 21.87
C5 BMA J . -41.32 -25.93 20.74
C6 BMA J . -40.92 -27.18 19.99
O2 BMA J . -44.44 -24.14 21.02
O3 BMA J . -43.71 -25.04 23.61
O4 BMA J . -41.73 -27.06 22.82
O5 BMA J . -41.90 -25.00 19.82
O6 BMA J . -42.08 -27.99 19.84
C1 MAN J . -44.65 -26.12 23.39
C2 MAN J . -46.08 -25.50 23.34
C3 MAN J . -46.51 -25.06 24.74
C4 MAN J . -46.33 -26.20 25.74
C5 MAN J . -44.87 -26.68 25.73
C6 MAN J . -44.64 -27.85 26.66
O2 MAN J . -47.05 -26.46 22.93
O3 MAN J . -47.85 -24.59 24.75
O4 MAN J . -46.67 -25.75 27.05
O5 MAN J . -44.54 -27.11 24.40
O6 MAN J . -43.23 -28.02 26.81
C1 MAN J . -41.73 -29.18 19.10
C2 MAN J . -42.78 -29.35 17.96
C3 MAN J . -42.57 -30.67 17.19
C4 MAN J . -41.69 -31.65 17.96
C5 MAN J . -42.07 -31.59 19.44
C6 MAN J . -41.41 -32.68 20.27
O2 MAN J . -42.66 -28.32 16.98
O3 MAN J . -42.05 -30.45 15.88
O4 MAN J . -41.87 -32.97 17.48
O5 MAN J . -41.67 -30.31 19.98
O6 MAN J . -40.01 -32.43 20.28
C1 NAG K . 34.82 -8.94 -31.96
C2 NAG K . 35.48 -10.33 -31.99
C3 NAG K . 36.19 -10.57 -33.34
C4 NAG K . 35.22 -10.32 -34.50
C5 NAG K . 34.59 -8.94 -34.35
C6 NAG K . 33.54 -8.64 -35.39
C7 NAG K . 37.50 -9.97 -30.49
C8 NAG K . 37.98 -8.82 -31.34
N2 NAG K . 36.37 -10.61 -30.86
O3 NAG K . 36.69 -11.90 -33.37
O4 NAG K . 35.96 -10.38 -35.71
O5 NAG K . 33.94 -8.81 -33.07
O6 NAG K . 32.74 -9.78 -35.66
O7 NAG K . 38.12 -10.33 -29.50
C1 NAG K . 35.49 -11.32 -36.72
C2 NAG K . 35.32 -12.75 -36.17
C3 NAG K . 34.77 -13.67 -37.25
C4 NAG K . 33.50 -13.09 -37.87
C5 NAG K . 33.75 -11.67 -38.37
C6 NAG K . 32.51 -11.00 -38.90
C7 NAG K . 36.69 -14.35 -34.89
C8 NAG K . 38.08 -14.72 -34.47
N2 NAG K . 36.59 -13.25 -35.66
O3 NAG K . 34.47 -14.95 -36.69
O4 NAG K . 33.07 -13.90 -38.95
O5 NAG K . 34.23 -10.86 -37.29
O6 NAG K . 32.04 -10.00 -38.02
O7 NAG K . 35.70 -15.00 -34.55
C1 NAG L . 5.08 -16.77 17.33
C2 NAG L . 5.31 -15.47 18.10
C3 NAG L . 6.61 -15.54 18.88
C4 NAG L . 6.63 -16.77 19.77
C5 NAG L . 6.35 -18.03 18.94
C6 NAG L . 6.24 -19.28 19.77
C7 NAG L . 4.40 -13.36 17.24
C8 NAG L . 3.33 -13.51 18.28
N2 NAG L . 5.32 -14.32 17.20
O3 NAG L . 6.77 -14.37 19.67
O4 NAG L . 7.89 -16.90 20.42
O5 NAG L . 5.11 -17.87 18.23
O6 NAG L . 4.89 -19.73 19.83
O7 NAG L . 4.42 -12.41 16.47
C1 NAG L . 7.70 -16.71 21.84
C2 NAG L . 9.05 -16.32 22.46
C3 NAG L . 8.88 -16.05 23.96
C4 NAG L . 7.78 -15.04 24.20
C5 NAG L . 6.49 -15.48 23.51
C6 NAG L . 5.38 -14.46 23.62
C7 NAG L . 9.98 -18.61 22.66
C8 NAG L . 11.14 -19.50 22.30
N2 NAG L . 10.06 -17.34 22.22
O3 NAG L . 10.11 -15.57 24.49
O4 NAG L . 7.54 -14.90 25.59
O5 NAG L . 6.74 -15.69 22.11
O6 NAG L . 4.17 -14.96 23.06
O7 NAG L . 9.01 -19.02 23.30
C1 NAG M . 18.51 -31.87 30.29
C2 NAG M . 19.02 -30.88 31.33
C3 NAG M . 20.38 -31.32 31.86
C4 NAG M . 20.32 -32.76 32.36
C5 NAG M . 19.78 -33.66 31.27
C6 NAG M . 19.58 -35.09 31.73
C7 NAG M . 18.09 -28.66 30.91
C8 NAG M . 18.32 -27.31 30.28
N2 NAG M . 19.08 -29.54 30.79
O3 NAG M . 20.78 -30.45 32.91
O4 NAG M . 21.62 -33.19 32.73
O5 NAG M . 18.48 -33.19 30.84
O6 NAG M . 18.39 -35.66 31.19
O7 NAG M . 17.04 -28.93 31.49
C1 NAG M . 21.68 -33.28 34.17
C2 NAG M . 22.67 -34.38 34.56
C3 NAG M . 22.80 -34.45 36.08
C4 NAG M . 23.15 -33.09 36.65
C5 NAG M . 22.15 -32.04 36.17
C6 NAG M . 22.52 -30.63 36.61
C7 NAG M . 23.07 -36.47 33.33
C8 NAG M . 24.48 -35.98 33.14
N2 NAG M . 22.25 -35.66 34.02
O3 NAG M . 23.81 -35.40 36.42
O4 NAG M . 23.14 -33.14 38.07
O5 NAG M . 22.10 -32.02 34.74
O6 NAG M . 22.10 -29.67 35.64
O7 NAG M . 22.69 -37.54 32.90
C1 NAG N . 8.63 -36.79 28.43
C2 NAG N . 7.62 -36.63 29.58
C3 NAG N . 7.97 -35.44 30.46
C4 NAG N . 9.40 -35.55 30.95
C5 NAG N . 10.33 -35.67 29.75
C6 NAG N . 11.78 -35.87 30.13
C7 NAG N . 5.23 -37.23 29.46
C8 NAG N . 5.53 -38.24 30.51
N2 NAG N . 6.26 -36.49 29.05
O3 NAG N . 7.08 -35.41 31.57
O4 NAG N . 9.75 -34.41 31.73
O5 NAG N . 9.96 -36.81 28.97
O6 NAG N . 11.93 -36.95 31.04
O7 NAG N . 4.10 -37.08 28.99
C1 NAG N . 10.10 -34.81 33.07
C2 NAG N . 10.90 -33.71 33.73
C3 NAG N . 11.27 -34.10 35.17
C4 NAG N . 10.04 -34.54 35.95
C5 NAG N . 9.22 -35.57 35.16
C6 NAG N . 7.89 -35.88 35.81
C7 NAG N . 13.11 -34.21 32.74
C8 NAG N . 14.24 -33.66 31.92
N2 NAG N . 12.10 -33.36 32.97
O3 NAG N . 11.90 -33.01 35.81
O4 NAG N . 10.46 -35.15 37.16
O5 NAG N . 8.92 -35.08 33.85
O6 NAG N . 7.33 -34.73 36.43
O7 NAG N . 13.11 -35.36 33.15
C1 BMA N . 10.00 -34.43 38.32
C2 BMA N . 9.44 -35.49 39.28
C3 BMA N . 9.12 -34.87 40.66
C4 BMA N . 10.27 -33.97 41.18
C5 BMA N . 10.68 -32.97 40.10
C6 BMA N . 11.86 -32.10 40.52
O2 BMA N . 10.40 -36.51 39.47
O3 BMA N . 8.67 -35.86 41.64
O4 BMA N . 9.85 -33.25 42.33
O5 BMA N . 11.07 -33.71 38.92
O6 BMA N . 12.77 -32.91 41.25
C1 MAN N . 9.73 -36.37 42.48
C2 MAN N . 9.84 -37.90 42.24
C3 MAN N . 8.64 -38.62 42.85
C4 MAN N . 8.46 -38.21 44.31
C5 MAN N . 8.31 -36.70 44.41
C6 MAN N . 8.16 -36.20 45.84
O2 MAN N . 10.99 -38.44 42.90
O3 MAN N . 8.77 -40.03 42.73
O4 MAN N . 7.29 -38.84 44.83
O5 MAN N . 9.48 -36.07 43.84
O6 MAN N . 7.74 -34.85 45.81
C1 MAN N . 13.90 -32.11 41.64
C2 MAN N . 15.20 -32.88 41.25
C3 MAN N . 16.46 -32.17 41.75
C4 MAN N . 16.14 -31.12 42.81
C5 MAN N . 15.08 -31.69 43.76
C6 MAN N . 14.85 -30.82 44.98
O2 MAN N . 15.33 -32.98 39.83
O3 MAN N . 17.20 -31.59 40.67
O4 MAN N . 17.32 -30.80 43.56
O5 MAN N . 13.83 -31.79 43.04
O6 MAN N . 14.29 -29.58 44.55
C1 NAG O . 19.41 39.59 -19.25
C2 NAG O . 20.02 40.66 -18.34
C3 NAG O . 20.99 41.56 -19.12
C4 NAG O . 22.03 40.73 -19.85
C5 NAG O . 21.33 39.66 -20.70
C6 NAG O . 22.28 38.71 -21.39
C7 NAG O . 18.06 42.24 -18.05
C8 NAG O . 17.93 42.41 -19.54
N2 NAG O . 19.03 41.42 -17.59
O3 NAG O . 21.61 42.47 -18.21
O4 NAG O . 22.78 41.60 -20.70
O5 NAG O . 20.47 38.86 -19.89
O6 NAG O . 23.37 38.36 -20.54
O7 NAG O . 17.30 42.81 -17.27
C1 NAG O . 24.24 41.58 -20.52
C2 NAG O . 24.65 41.81 -19.05
C3 NAG O . 26.17 41.72 -18.91
C4 NAG O . 26.70 40.43 -19.52
C5 NAG O . 26.22 40.27 -20.95
C6 NAG O . 26.62 38.95 -21.58
C7 NAG O . 24.16 43.45 -17.28
C8 NAG O . 23.62 44.82 -16.99
N2 NAG O . 24.17 43.09 -18.58
O3 NAG O . 26.53 41.80 -17.54
O4 NAG O . 28.12 40.42 -19.50
O5 NAG O . 24.79 40.32 -20.99
O6 NAG O . 25.51 38.08 -21.71
O7 NAG O . 24.54 42.69 -16.40
C1 NAG P . 21.22 16.09 47.09
C2 NAG P . 22.22 14.99 46.80
C3 NAG P . 23.28 14.93 47.91
C4 NAG P . 23.91 16.31 48.10
C5 NAG P . 22.82 17.37 48.29
C6 NAG P . 23.39 18.77 48.36
C7 NAG P . 21.36 13.12 45.46
C8 NAG P . 20.67 11.79 45.49
N2 NAG P . 21.57 13.70 46.65
O3 NAG P . 24.28 13.98 47.56
O4 NAG P . 24.75 16.29 49.25
O5 NAG P . 21.90 17.35 47.19
O6 NAG P . 24.50 18.84 49.24
O7 NAG P . 21.71 13.65 44.41
C1 NAG Q . -7.02 38.86 26.38
C2 NAG Q . -7.40 39.91 25.35
C3 NAG Q . -8.39 40.91 25.94
C4 NAG Q . -9.59 40.19 26.55
C5 NAG Q . -9.12 39.12 27.53
C6 NAG Q . -10.25 38.27 28.07
C7 NAG Q . -5.37 41.32 25.56
C8 NAG Q . -4.23 41.94 24.81
N2 NAG Q . -6.23 40.60 24.82
O3 NAG Q . -8.83 41.81 24.93
O4 NAG Q . -10.44 41.11 27.22
O5 NAG Q . -8.21 38.22 26.88
O6 NAG Q . -9.80 36.97 28.42
O7 NAG Q . -5.52 41.47 26.77
C1 NAG R . -9.79 8.11 66.87
C2 NAG R . -8.55 8.48 66.05
C3 NAG R . -7.50 9.14 66.93
C4 NAG R . -8.11 10.33 67.69
C5 NAG R . -9.36 9.88 68.45
C6 NAG R . -10.08 11.02 69.11
C7 NAG R . -7.64 7.30 64.10
C8 NAG R . -7.08 6.01 63.58
N2 NAG R . -7.99 7.32 65.39
O3 NAG R . -6.42 9.59 66.14
O4 NAG R . -7.17 10.85 68.62
O5 NAG R . -10.29 9.28 67.53
O6 NAG R . -11.44 11.12 68.67
O7 NAG R . -7.75 8.30 63.38
C1 NAG S . 21.38 13.07 26.31
C2 NAG S . 22.09 12.73 25.01
C3 NAG S . 22.86 11.42 25.14
C4 NAG S . 23.79 11.47 26.34
C5 NAG S . 23.02 11.86 27.60
C6 NAG S . 23.90 12.06 28.81
C7 NAG S . 21.15 13.51 22.88
C8 NAG S . 22.19 14.59 22.92
N2 NAG S . 21.15 12.66 23.90
O3 NAG S . 23.62 11.19 23.95
O4 NAG S . 24.40 10.20 26.55
O5 NAG S . 22.34 13.11 27.38
O6 NAG S . 23.69 11.03 29.77
O7 NAG S . 20.34 13.42 21.95
C1 NAG T . -20.05 6.12 -53.75
C2 NAG T . -20.92 7.25 -54.29
C3 NAG T . -22.39 6.91 -54.14
C4 NAG T . -22.68 5.56 -54.79
C5 NAG T . -21.75 4.49 -54.23
C6 NAG T . -21.90 3.15 -54.91
C7 NAG T . -20.20 9.61 -54.26
C8 NAG T . -20.04 9.49 -55.74
N2 NAG T . -20.62 8.51 -53.62
O3 NAG T . -23.18 7.92 -54.76
O4 NAG T . -24.04 5.17 -54.54
O5 NAG T . -20.39 4.90 -54.41
O6 NAG T . -21.31 2.11 -54.15
O7 NAG T . -19.96 10.66 -53.66
C1 NAG U . -51.75 8.76 13.09
C2 NAG U . -51.21 10.11 13.57
C3 NAG U . -52.35 10.96 14.11
C4 NAG U . -53.45 11.09 13.07
C5 NAG U . -53.88 9.71 12.56
C6 NAG U . -54.89 9.77 11.44
C7 NAG U . -48.87 10.06 14.33
C8 NAG U . -47.95 9.84 15.48
N2 NAG U . -50.18 9.92 14.59
O3 NAG U . -51.85 12.25 14.45
O4 NAG U . -54.59 11.75 13.64
O5 NAG U . -52.74 8.99 12.07
O6 NAG U . -55.92 10.69 11.73
O7 NAG U . -48.46 10.35 13.21
C1 NAG V . -40.06 -22.48 -12.05
C2 NAG V . -39.74 -23.05 -13.43
C3 NAG V . -40.46 -24.38 -13.65
C4 NAG V . -40.17 -25.33 -12.50
C5 NAG V . -40.48 -24.67 -11.17
C6 NAG V . -40.10 -25.52 -9.98
C7 NAG V . -41.29 -21.62 -14.74
C8 NAG V . -41.40 -20.66 -15.88
N2 NAG V . -40.06 -22.11 -14.49
O3 NAG V . -40.05 -24.95 -14.88
O4 NAG V . -40.96 -26.51 -12.63
O5 NAG V . -39.74 -23.44 -11.05
O6 NAG V . -39.77 -24.72 -8.85
O7 NAG V . -42.27 -21.96 -14.07
C1 NAG W . -53.41 -20.23 37.03
C2 NAG W . -53.35 -19.09 36.02
C3 NAG W . -54.72 -18.43 35.87
C4 NAG W . -55.78 -19.47 35.55
C5 NAG W . -55.74 -20.60 36.59
C6 NAG W . -56.69 -21.73 36.26
C7 NAG W . -51.45 -17.60 35.54
C8 NAG W . -50.49 -16.60 36.11
N2 NAG W . -52.35 -18.10 36.40
O3 NAG W . -54.67 -17.46 34.84
O4 NAG W . -57.07 -18.88 35.55
O5 NAG W . -54.43 -21.17 36.64
O6 NAG W . -56.00 -22.97 36.15
O7 NAG W . -51.42 -17.94 34.36
C1 NAG X . -34.02 12.51 2.49
C2 NAG X . -33.04 13.45 1.80
C3 NAG X . -32.64 14.58 2.75
C4 NAG X . -33.88 15.29 3.29
C5 NAG X . -34.84 14.27 3.91
C6 NAG X . -36.14 14.88 4.36
C7 NAG X . -31.54 12.58 0.05
C8 NAG X . -32.49 13.20 -0.93
N2 NAG X . -31.86 12.73 1.34
O3 NAG X . -31.81 15.52 2.06
O4 NAG X . -33.51 16.24 4.27
O5 NAG X . -35.16 13.26 2.95
O6 NAG X . -36.25 14.90 5.77
O7 NAG X . -30.55 11.96 -0.30
C1 NAG Y . 44.14 -14.02 -34.39
C2 NAG Y . 44.19 -15.13 -35.44
C3 NAG Y . 44.71 -16.42 -34.82
C4 NAG Y . 46.05 -16.18 -34.14
C5 NAG Y . 45.93 -15.02 -33.14
C6 NAG Y . 47.25 -14.64 -32.52
C7 NAG Y . 42.64 -15.22 -37.35
C8 NAG Y . 43.80 -14.84 -38.20
N2 NAG Y . 42.87 -15.34 -36.03
O3 NAG Y . 44.85 -17.41 -35.84
O4 NAG Y . 46.47 -17.35 -33.45
O5 NAG Y . 45.44 -13.85 -33.81
O6 NAG Y . 47.07 -13.86 -31.35
O7 NAG Y . 41.51 -15.41 -37.82
C1 NAG Z . 0.32 -53.01 10.74
C2 NAG Z . -0.96 -53.00 9.92
C3 NAG Z . -1.53 -54.42 9.80
C4 NAG Z . -0.46 -55.36 9.27
C5 NAG Z . 0.83 -55.25 10.08
C6 NAG Z . 1.96 -56.06 9.51
C7 NAG Z . -2.22 -50.89 10.00
C8 NAG Z . -3.26 -50.10 10.72
N2 NAG Z . -1.95 -52.10 10.51
O3 NAG Z . -2.66 -54.41 8.94
O4 NAG Z . -0.93 -56.70 9.32
O5 NAG Z . 1.28 -53.88 10.12
O6 NAG Z . 1.53 -57.38 9.19
O7 NAG Z . -1.63 -50.46 9.01
C1 NAG AA . 33.78 -28.78 16.90
C2 NAG AA . 35.07 -28.12 16.43
C3 NAG AA . 36.19 -28.35 17.43
C4 NAG AA . 35.76 -27.90 18.82
C5 NAG AA . 34.44 -28.58 19.21
C6 NAG AA . 33.89 -28.08 20.52
C7 NAG AA . 35.76 -29.87 14.81
C8 NAG AA . 36.13 -30.14 13.38
N2 NAG AA . 35.47 -28.60 15.10
O3 NAG AA . 37.35 -27.61 17.03
O4 NAG AA . 36.76 -28.25 19.78
O5 NAG AA . 33.44 -28.30 18.21
O6 NAG AA . 32.47 -28.17 20.55
O7 NAG AA . 35.71 -30.77 15.65
C1 NAG BA . -1.52 -48.20 48.03
C2 NAG BA . -1.39 -48.39 46.52
C3 NAG BA . -1.24 -49.87 46.17
C4 NAG BA . -0.09 -50.49 46.96
C5 NAG BA . -0.28 -50.22 48.45
C6 NAG BA . 0.89 -50.70 49.28
C7 NAG BA . -2.42 -47.04 44.74
C8 NAG BA . -3.70 -46.54 44.15
N2 NAG BA . -2.54 -47.82 45.82
O3 NAG BA . -1.01 -50.01 44.78
O4 NAG BA . -0.04 -51.89 46.73
O5 NAG BA . -0.40 -48.81 48.68
O6 NAG BA . 1.46 -49.64 50.04
O7 NAG BA . -1.33 -46.74 44.27
C1 NAG CA . 1.17 -36.26 -1.88
C2 NAG CA . 0.89 -35.55 -3.20
C3 NAG CA . -0.59 -35.67 -3.56
C4 NAG CA . -1.04 -37.13 -3.53
C5 NAG CA . -0.67 -37.77 -2.20
C6 NAG CA . -0.97 -39.25 -2.16
C7 NAG CA . 2.28 -33.65 -3.89
C8 NAG CA . 2.98 -34.62 -4.81
N2 NAG CA . 1.29 -34.16 -3.15
O3 NAG CA . -0.82 -35.11 -4.84
O4 NAG CA . -2.45 -37.21 -3.72
O5 NAG CA . 0.74 -37.63 -1.96
O6 NAG CA . -2.04 -39.54 -1.27
O7 NAG CA . 2.60 -32.47 -3.82
C1 NAG DA . 21.37 50.26 -18.56
C2 NAG DA . 22.79 50.80 -18.38
C3 NAG DA . 22.87 51.63 -17.10
C4 NAG DA . 21.81 52.72 -17.11
C5 NAG DA . 20.43 52.12 -17.35
C6 NAG DA . 19.35 53.15 -17.49
C7 NAG DA . 24.78 49.62 -19.21
C8 NAG DA . 24.88 50.71 -20.24
N2 NAG DA . 23.76 49.71 -18.34
O3 NAG DA . 24.17 52.22 -17.00
O4 NAG DA . 21.81 53.40 -15.86
O5 NAG DA . 20.44 51.36 -18.57
O6 NAG DA . 18.05 52.58 -17.33
O7 NAG DA . 25.57 48.69 -19.16
#